data_1OLL
# 
_entry.id   1OLL 
# 
_audit_conform.dict_name       mmcif_pdbx.dic 
_audit_conform.dict_version    5.397 
_audit_conform.dict_location   http://mmcif.pdb.org/dictionaries/ascii/mmcif_pdbx.dic 
# 
loop_
_database_2.database_id 
_database_2.database_code 
_database_2.pdbx_database_accession 
_database_2.pdbx_DOI 
PDB   1OLL         pdb_00001oll 10.2210/pdb1oll/pdb 
PDBE  EBI-13270    ?            ?                   
WWPDB D_1290013270 ?            ?                   
# 
loop_
_pdbx_audit_revision_history.ordinal 
_pdbx_audit_revision_history.data_content_type 
_pdbx_audit_revision_history.major_revision 
_pdbx_audit_revision_history.minor_revision 
_pdbx_audit_revision_history.revision_date 
1 'Structure model' 1 0 2003-09-04 
2 'Structure model' 1 1 2011-05-08 
3 'Structure model' 1 2 2011-07-13 
4 'Structure model' 1 3 2019-03-06 
5 'Structure model' 1 4 2019-07-24 
6 'Structure model' 1 5 2023-12-13 
7 'Structure model' 1 6 2024-10-09 
# 
_pdbx_audit_revision_details.ordinal             1 
_pdbx_audit_revision_details.revision_ordinal    1 
_pdbx_audit_revision_details.data_content_type   'Structure model' 
_pdbx_audit_revision_details.provider            repository 
_pdbx_audit_revision_details.type                'Initial release' 
_pdbx_audit_revision_details.description         ? 
_pdbx_audit_revision_details.details             ? 
# 
loop_
_pdbx_audit_revision_group.ordinal 
_pdbx_audit_revision_group.revision_ordinal 
_pdbx_audit_revision_group.data_content_type 
_pdbx_audit_revision_group.group 
1  2 'Structure model' 'Version format compliance' 
2  3 'Structure model' 'Version format compliance' 
3  4 'Structure model' Advisory                    
4  4 'Structure model' 'Data collection'           
5  4 'Structure model' 'Experimental preparation'  
6  4 'Structure model' Other                       
7  5 'Structure model' 'Data collection'           
8  6 'Structure model' Advisory                    
9  6 'Structure model' 'Data collection'           
10 6 'Structure model' 'Database references'       
11 6 'Structure model' Other                       
12 6 'Structure model' 'Refinement description'    
13 7 'Structure model' 'Structure summary'         
# 
loop_
_pdbx_audit_revision_category.ordinal 
_pdbx_audit_revision_category.revision_ordinal 
_pdbx_audit_revision_category.data_content_type 
_pdbx_audit_revision_category.category 
1  4 'Structure model' exptl_crystal_grow              
2  4 'Structure model' pdbx_database_proc              
3  4 'Structure model' pdbx_database_status            
4  4 'Structure model' pdbx_unobs_or_zero_occ_atoms    
5  4 'Structure model' pdbx_unobs_or_zero_occ_residues 
6  5 'Structure model' diffrn_source                   
7  6 'Structure model' chem_comp_atom                  
8  6 'Structure model' chem_comp_bond                  
9  6 'Structure model' database_2                      
10 6 'Structure model' pdbx_database_status            
11 6 'Structure model' pdbx_initial_refinement_model   
12 6 'Structure model' pdbx_unobs_or_zero_occ_atoms    
13 6 'Structure model' pdbx_unobs_or_zero_occ_residues 
14 7 'Structure model' pdbx_entry_details              
15 7 'Structure model' pdbx_modification_feature       
# 
loop_
_pdbx_audit_revision_item.ordinal 
_pdbx_audit_revision_item.revision_ordinal 
_pdbx_audit_revision_item.data_content_type 
_pdbx_audit_revision_item.item 
1 4 'Structure model' '_exptl_crystal_grow.temp'                    
2 4 'Structure model' '_pdbx_database_status.recvd_author_approval' 
3 5 'Structure model' '_diffrn_source.pdbx_synchrotron_site'        
4 6 'Structure model' '_database_2.pdbx_DOI'                        
5 6 'Structure model' '_database_2.pdbx_database_accession'         
6 6 'Structure model' '_pdbx_database_status.status_code_sf'        
# 
_pdbx_database_status.status_code                     REL 
_pdbx_database_status.entry_id                        1OLL 
_pdbx_database_status.deposit_site                    PDBE 
_pdbx_database_status.process_site                    PDBE 
_pdbx_database_status.SG_entry                        . 
_pdbx_database_status.recvd_initial_deposition_date   2003-08-07 
_pdbx_database_status.pdb_format_compatible           Y 
_pdbx_database_status.status_code_sf                  REL 
_pdbx_database_status.status_code_mr                  ? 
_pdbx_database_status.status_code_cs                  ? 
_pdbx_database_status.methods_development_category    ? 
_pdbx_database_status.status_code_nmr_data            ? 
# 
loop_
_audit_author.name 
_audit_author.pdbx_ordinal 
'Ponassi, M.'     1  
'Cantoni, C.'     2  
'Biassoni, R.'    3  
'Conte, R.'       4  
'Spallarossa, A.' 5  
'Pesce, A.'       6  
'Moretta, A.'     7  
'Moretta, L.'     8  
'Bolognesi, M.'   9  
'Bordo, D.'       10 
# 
_citation.id                        primary 
_citation.title                     'Structure of the Human Nk Cell Triggering Receptor Nkp46 Ectodomain' 
_citation.journal_abbrev            Biochem.Biophys.Res.Commun. 
_citation.journal_volume            309 
_citation.page_first                317 
_citation.page_last                 ? 
_citation.year                      2003 
_citation.journal_id_ASTM           BBRCA9 
_citation.country                   US 
_citation.journal_id_ISSN           0006-291X 
_citation.journal_id_CSD            0146 
_citation.book_publisher            ? 
_citation.pdbx_database_id_PubMed   12951052 
_citation.pdbx_database_id_DOI      10.1016/J.BBRC.2003.08.007 
# 
loop_
_citation_author.citation_id 
_citation_author.name 
_citation_author.ordinal 
_citation_author.identifier_ORCID 
primary 'Ponassi, M.'     1  ? 
primary 'Cantoni, C.'     2  ? 
primary 'Biassoni, R.'    3  ? 
primary 'Conte, R.'       4  ? 
primary 'Spallarossa, A.' 5  ? 
primary 'Pesce, A.'       6  ? 
primary 'Moretta, A.'     7  ? 
primary 'Moretta, L.'     8  ? 
primary 'Bolognesi, M.'   9  ? 
primary 'Bordo, D.'       10 ? 
# 
loop_
_entity.id 
_entity.type 
_entity.src_method 
_entity.pdbx_description 
_entity.formula_weight 
_entity.pdbx_number_of_molecules 
_entity.pdbx_ec 
_entity.pdbx_mutation 
_entity.pdbx_fragment 
_entity.details 
1 polymer     man 'NK RECEPTOR'  21323.410 1   ? ? 'EXTRACELLULAR DOMAIN, RESIDUES 25-212' ? 
2 non-polymer syn 1,2-ETHANEDIOL 62.068    1   ? ? ?                                       ? 
3 water       nat water          18.015    136 ? ? ?                                       ? 
# 
_entity_name_com.entity_id   1 
_entity_name_com.name        'ISOFORM BNKP46 CELL RECEPTOR' 
# 
_entity_poly.entity_id                      1 
_entity_poly.type                           'polypeptide(L)' 
_entity_poly.nstd_linkage                   no 
_entity_poly.nstd_monomer                   no 
_entity_poly.pdbx_seq_one_letter_code       
;TLPKPFIWAEPHFMVPKEKQVTICCQGNYGAVEYQLHFEGSLFAVDRPKPPERINKVKFYIPDMNSRMAGQYSCIYRVGE
LWSEPSNLLDLVVTEMYDTPTLSVHPGPEVISGEKVTFYCRLDTATSMFLLLKEGRSSHVQRGYGKVQAEFPLGPVTTAH
RGTYRCFGSYNNHAWSFPSEPVKLLVTG
;
_entity_poly.pdbx_seq_one_letter_code_can   
;TLPKPFIWAEPHFMVPKEKQVTICCQGNYGAVEYQLHFEGSLFAVDRPKPPERINKVKFYIPDMNSRMAGQYSCIYRVGE
LWSEPSNLLDLVVTEMYDTPTLSVHPGPEVISGEKVTFYCRLDTATSMFLLLKEGRSSHVQRGYGKVQAEFPLGPVTTAH
RGTYRCFGSYNNHAWSFPSEPVKLLVTG
;
_entity_poly.pdbx_strand_id                 A 
_entity_poly.pdbx_target_identifier         ? 
# 
loop_
_pdbx_entity_nonpoly.entity_id 
_pdbx_entity_nonpoly.name 
_pdbx_entity_nonpoly.comp_id 
2 1,2-ETHANEDIOL EDO 
3 water          HOH 
# 
loop_
_entity_poly_seq.entity_id 
_entity_poly_seq.num 
_entity_poly_seq.mon_id 
_entity_poly_seq.hetero 
1 1   THR n 
1 2   LEU n 
1 3   PRO n 
1 4   LYS n 
1 5   PRO n 
1 6   PHE n 
1 7   ILE n 
1 8   TRP n 
1 9   ALA n 
1 10  GLU n 
1 11  PRO n 
1 12  HIS n 
1 13  PHE n 
1 14  MET n 
1 15  VAL n 
1 16  PRO n 
1 17  LYS n 
1 18  GLU n 
1 19  LYS n 
1 20  GLN n 
1 21  VAL n 
1 22  THR n 
1 23  ILE n 
1 24  CYS n 
1 25  CYS n 
1 26  GLN n 
1 27  GLY n 
1 28  ASN n 
1 29  TYR n 
1 30  GLY n 
1 31  ALA n 
1 32  VAL n 
1 33  GLU n 
1 34  TYR n 
1 35  GLN n 
1 36  LEU n 
1 37  HIS n 
1 38  PHE n 
1 39  GLU n 
1 40  GLY n 
1 41  SER n 
1 42  LEU n 
1 43  PHE n 
1 44  ALA n 
1 45  VAL n 
1 46  ASP n 
1 47  ARG n 
1 48  PRO n 
1 49  LYS n 
1 50  PRO n 
1 51  PRO n 
1 52  GLU n 
1 53  ARG n 
1 54  ILE n 
1 55  ASN n 
1 56  LYS n 
1 57  VAL n 
1 58  LYS n 
1 59  PHE n 
1 60  TYR n 
1 61  ILE n 
1 62  PRO n 
1 63  ASP n 
1 64  MET n 
1 65  ASN n 
1 66  SER n 
1 67  ARG n 
1 68  MET n 
1 69  ALA n 
1 70  GLY n 
1 71  GLN n 
1 72  TYR n 
1 73  SER n 
1 74  CYS n 
1 75  ILE n 
1 76  TYR n 
1 77  ARG n 
1 78  VAL n 
1 79  GLY n 
1 80  GLU n 
1 81  LEU n 
1 82  TRP n 
1 83  SER n 
1 84  GLU n 
1 85  PRO n 
1 86  SER n 
1 87  ASN n 
1 88  LEU n 
1 89  LEU n 
1 90  ASP n 
1 91  LEU n 
1 92  VAL n 
1 93  VAL n 
1 94  THR n 
1 95  GLU n 
1 96  MET n 
1 97  TYR n 
1 98  ASP n 
1 99  THR n 
1 100 PRO n 
1 101 THR n 
1 102 LEU n 
1 103 SER n 
1 104 VAL n 
1 105 HIS n 
1 106 PRO n 
1 107 GLY n 
1 108 PRO n 
1 109 GLU n 
1 110 VAL n 
1 111 ILE n 
1 112 SER n 
1 113 GLY n 
1 114 GLU n 
1 115 LYS n 
1 116 VAL n 
1 117 THR n 
1 118 PHE n 
1 119 TYR n 
1 120 CYS n 
1 121 ARG n 
1 122 LEU n 
1 123 ASP n 
1 124 THR n 
1 125 ALA n 
1 126 THR n 
1 127 SER n 
1 128 MET n 
1 129 PHE n 
1 130 LEU n 
1 131 LEU n 
1 132 LEU n 
1 133 LYS n 
1 134 GLU n 
1 135 GLY n 
1 136 ARG n 
1 137 SER n 
1 138 SER n 
1 139 HIS n 
1 140 VAL n 
1 141 GLN n 
1 142 ARG n 
1 143 GLY n 
1 144 TYR n 
1 145 GLY n 
1 146 LYS n 
1 147 VAL n 
1 148 GLN n 
1 149 ALA n 
1 150 GLU n 
1 151 PHE n 
1 152 PRO n 
1 153 LEU n 
1 154 GLY n 
1 155 PRO n 
1 156 VAL n 
1 157 THR n 
1 158 THR n 
1 159 ALA n 
1 160 HIS n 
1 161 ARG n 
1 162 GLY n 
1 163 THR n 
1 164 TYR n 
1 165 ARG n 
1 166 CYS n 
1 167 PHE n 
1 168 GLY n 
1 169 SER n 
1 170 TYR n 
1 171 ASN n 
1 172 ASN n 
1 173 HIS n 
1 174 ALA n 
1 175 TRP n 
1 176 SER n 
1 177 PHE n 
1 178 PRO n 
1 179 SER n 
1 180 GLU n 
1 181 PRO n 
1 182 VAL n 
1 183 LYS n 
1 184 LEU n 
1 185 LEU n 
1 186 VAL n 
1 187 THR n 
1 188 GLY n 
# 
_entity_src_gen.entity_id                          1 
_entity_src_gen.pdbx_src_id                        1 
_entity_src_gen.pdbx_alt_source_flag               sample 
_entity_src_gen.pdbx_seq_type                      ? 
_entity_src_gen.pdbx_beg_seq_num                   ? 
_entity_src_gen.pdbx_end_seq_num                   ? 
_entity_src_gen.gene_src_common_name               ? 
_entity_src_gen.gene_src_genus                     ? 
_entity_src_gen.pdbx_gene_src_gene                 ? 
_entity_src_gen.gene_src_species                   ? 
_entity_src_gen.gene_src_strain                    ? 
_entity_src_gen.gene_src_tissue                    ? 
_entity_src_gen.gene_src_tissue_fraction           ? 
_entity_src_gen.gene_src_details                   ? 
_entity_src_gen.pdbx_gene_src_fragment             ? 
_entity_src_gen.pdbx_gene_src_scientific_name      'HOMO SAPIENS' 
_entity_src_gen.pdbx_gene_src_ncbi_taxonomy_id     9606 
_entity_src_gen.pdbx_gene_src_variant              ? 
_entity_src_gen.pdbx_gene_src_cell_line            ? 
_entity_src_gen.pdbx_gene_src_atcc                 ? 
_entity_src_gen.pdbx_gene_src_organ                ? 
_entity_src_gen.pdbx_gene_src_organelle            ? 
_entity_src_gen.pdbx_gene_src_cell                 ? 
_entity_src_gen.pdbx_gene_src_cellular_location    ? 
_entity_src_gen.host_org_common_name               ? 
_entity_src_gen.pdbx_host_org_scientific_name      'ESCHERICHIA COLI' 
_entity_src_gen.pdbx_host_org_ncbi_taxonomy_id     562 
_entity_src_gen.host_org_genus                     ? 
_entity_src_gen.pdbx_host_org_gene                 ? 
_entity_src_gen.pdbx_host_org_organ                ? 
_entity_src_gen.host_org_species                   ? 
_entity_src_gen.pdbx_host_org_tissue               ? 
_entity_src_gen.pdbx_host_org_tissue_fraction      ? 
_entity_src_gen.pdbx_host_org_strain               ? 
_entity_src_gen.pdbx_host_org_variant              ? 
_entity_src_gen.pdbx_host_org_cell_line            ? 
_entity_src_gen.pdbx_host_org_atcc                 ? 
_entity_src_gen.pdbx_host_org_culture_collection   ? 
_entity_src_gen.pdbx_host_org_cell                 ? 
_entity_src_gen.pdbx_host_org_organelle            ? 
_entity_src_gen.pdbx_host_org_cellular_location    ? 
_entity_src_gen.pdbx_host_org_vector_type          ? 
_entity_src_gen.pdbx_host_org_vector               PQE30 
_entity_src_gen.host_org_details                   ? 
_entity_src_gen.expression_system_id               ? 
_entity_src_gen.plasmid_name                       VR1012-NKP46 
_entity_src_gen.plasmid_details                    ? 
_entity_src_gen.pdbx_description                   ? 
# 
loop_
_chem_comp.id 
_chem_comp.type 
_chem_comp.mon_nstd_flag 
_chem_comp.name 
_chem_comp.pdbx_synonyms 
_chem_comp.formula 
_chem_comp.formula_weight 
ALA 'L-peptide linking' y ALANINE         ?                 'C3 H7 N O2'     89.093  
ARG 'L-peptide linking' y ARGININE        ?                 'C6 H15 N4 O2 1' 175.209 
ASN 'L-peptide linking' y ASPARAGINE      ?                 'C4 H8 N2 O3'    132.118 
ASP 'L-peptide linking' y 'ASPARTIC ACID' ?                 'C4 H7 N O4'     133.103 
CYS 'L-peptide linking' y CYSTEINE        ?                 'C3 H7 N O2 S'   121.158 
EDO non-polymer         . 1,2-ETHANEDIOL  'ETHYLENE GLYCOL' 'C2 H6 O2'       62.068  
GLN 'L-peptide linking' y GLUTAMINE       ?                 'C5 H10 N2 O3'   146.144 
GLU 'L-peptide linking' y 'GLUTAMIC ACID' ?                 'C5 H9 N O4'     147.129 
GLY 'peptide linking'   y GLYCINE         ?                 'C2 H5 N O2'     75.067  
HIS 'L-peptide linking' y HISTIDINE       ?                 'C6 H10 N3 O2 1' 156.162 
HOH non-polymer         . WATER           ?                 'H2 O'           18.015  
ILE 'L-peptide linking' y ISOLEUCINE      ?                 'C6 H13 N O2'    131.173 
LEU 'L-peptide linking' y LEUCINE         ?                 'C6 H13 N O2'    131.173 
LYS 'L-peptide linking' y LYSINE          ?                 'C6 H15 N2 O2 1' 147.195 
MET 'L-peptide linking' y METHIONINE      ?                 'C5 H11 N O2 S'  149.211 
PHE 'L-peptide linking' y PHENYLALANINE   ?                 'C9 H11 N O2'    165.189 
PRO 'L-peptide linking' y PROLINE         ?                 'C5 H9 N O2'     115.130 
SER 'L-peptide linking' y SERINE          ?                 'C3 H7 N O3'     105.093 
THR 'L-peptide linking' y THREONINE       ?                 'C4 H9 N O3'     119.119 
TRP 'L-peptide linking' y TRYPTOPHAN      ?                 'C11 H12 N2 O2'  204.225 
TYR 'L-peptide linking' y TYROSINE        ?                 'C9 H11 N O3'    181.189 
VAL 'L-peptide linking' y VALINE          ?                 'C5 H11 N O2'    117.146 
# 
loop_
_pdbx_poly_seq_scheme.asym_id 
_pdbx_poly_seq_scheme.entity_id 
_pdbx_poly_seq_scheme.seq_id 
_pdbx_poly_seq_scheme.mon_id 
_pdbx_poly_seq_scheme.ndb_seq_num 
_pdbx_poly_seq_scheme.pdb_seq_num 
_pdbx_poly_seq_scheme.auth_seq_num 
_pdbx_poly_seq_scheme.pdb_mon_id 
_pdbx_poly_seq_scheme.auth_mon_id 
_pdbx_poly_seq_scheme.pdb_strand_id 
_pdbx_poly_seq_scheme.pdb_ins_code 
_pdbx_poly_seq_scheme.hetero 
A 1 1   THR 1   1   1   THR THR A . n 
A 1 2   LEU 2   2   2   LEU LEU A . n 
A 1 3   PRO 3   3   3   PRO PRO A . n 
A 1 4   LYS 4   4   4   LYS LYS A . n 
A 1 5   PRO 5   5   5   PRO PRO A . n 
A 1 6   PHE 6   6   6   PHE PHE A . n 
A 1 7   ILE 7   7   7   ILE ILE A . n 
A 1 8   TRP 8   8   8   TRP TRP A . n 
A 1 9   ALA 9   9   9   ALA ALA A . n 
A 1 10  GLU 10  10  10  GLU GLU A . n 
A 1 11  PRO 11  11  11  PRO PRO A . n 
A 1 12  HIS 12  12  12  HIS HIS A . n 
A 1 13  PHE 13  13  13  PHE PHE A . n 
A 1 14  MET 14  14  14  MET MET A . n 
A 1 15  VAL 15  15  15  VAL VAL A . n 
A 1 16  PRO 16  16  16  PRO PRO A . n 
A 1 17  LYS 17  17  17  LYS LYS A . n 
A 1 18  GLU 18  18  18  GLU GLU A . n 
A 1 19  LYS 19  19  19  LYS LYS A . n 
A 1 20  GLN 20  20  20  GLN GLN A . n 
A 1 21  VAL 21  21  21  VAL VAL A . n 
A 1 22  THR 22  22  22  THR THR A . n 
A 1 23  ILE 23  23  23  ILE ILE A . n 
A 1 24  CYS 24  24  24  CYS CYS A . n 
A 1 25  CYS 25  25  25  CYS CYS A . n 
A 1 26  GLN 26  26  26  GLN GLN A . n 
A 1 27  GLY 27  27  27  GLY GLY A . n 
A 1 28  ASN 28  28  28  ASN ASN A . n 
A 1 29  TYR 29  29  29  TYR TYR A . n 
A 1 30  GLY 30  30  30  GLY GLY A . n 
A 1 31  ALA 31  31  31  ALA ALA A . n 
A 1 32  VAL 32  32  32  VAL VAL A . n 
A 1 33  GLU 33  33  33  GLU GLU A . n 
A 1 34  TYR 34  34  34  TYR TYR A . n 
A 1 35  GLN 35  35  35  GLN GLN A . n 
A 1 36  LEU 36  36  36  LEU LEU A . n 
A 1 37  HIS 37  37  37  HIS HIS A . n 
A 1 38  PHE 38  38  38  PHE PHE A . n 
A 1 39  GLU 39  39  39  GLU GLU A . n 
A 1 40  GLY 40  40  40  GLY GLY A . n 
A 1 41  SER 41  41  41  SER SER A . n 
A 1 42  LEU 42  42  42  LEU LEU A . n 
A 1 43  PHE 43  43  43  PHE PHE A . n 
A 1 44  ALA 44  44  44  ALA ALA A . n 
A 1 45  VAL 45  45  45  VAL VAL A . n 
A 1 46  ASP 46  46  46  ASP ASP A . n 
A 1 47  ARG 47  47  47  ARG ARG A . n 
A 1 48  PRO 48  48  48  PRO PRO A . n 
A 1 49  LYS 49  49  49  LYS LYS A . n 
A 1 50  PRO 50  50  50  PRO PRO A . n 
A 1 51  PRO 51  51  51  PRO PRO A . n 
A 1 52  GLU 52  52  52  GLU GLU A . n 
A 1 53  ARG 53  53  53  ARG ARG A . n 
A 1 54  ILE 54  54  54  ILE ILE A . n 
A 1 55  ASN 55  55  55  ASN ASN A . n 
A 1 56  LYS 56  56  56  LYS LYS A . n 
A 1 57  VAL 57  57  57  VAL VAL A . n 
A 1 58  LYS 58  58  58  LYS LYS A . n 
A 1 59  PHE 59  59  59  PHE PHE A . n 
A 1 60  TYR 60  60  60  TYR TYR A . n 
A 1 61  ILE 61  61  61  ILE ILE A . n 
A 1 62  PRO 62  62  62  PRO PRO A . n 
A 1 63  ASP 63  63  63  ASP ASP A . n 
A 1 64  MET 64  64  64  MET MET A . n 
A 1 65  ASN 65  65  65  ASN ASN A . n 
A 1 66  SER 66  66  66  SER SER A . n 
A 1 67  ARG 67  67  67  ARG ARG A . n 
A 1 68  MET 68  68  68  MET MET A . n 
A 1 69  ALA 69  69  69  ALA ALA A . n 
A 1 70  GLY 70  70  70  GLY GLY A . n 
A 1 71  GLN 71  71  71  GLN GLN A . n 
A 1 72  TYR 72  72  72  TYR TYR A . n 
A 1 73  SER 73  73  73  SER SER A . n 
A 1 74  CYS 74  74  74  CYS CYS A . n 
A 1 75  ILE 75  75  75  ILE ILE A . n 
A 1 76  TYR 76  76  76  TYR TYR A . n 
A 1 77  ARG 77  77  77  ARG ARG A . n 
A 1 78  VAL 78  78  78  VAL VAL A . n 
A 1 79  GLY 79  79  79  GLY GLY A . n 
A 1 80  GLU 80  80  80  GLU GLU A . n 
A 1 81  LEU 81  81  81  LEU LEU A . n 
A 1 82  TRP 82  82  82  TRP TRP A . n 
A 1 83  SER 83  83  83  SER SER A . n 
A 1 84  GLU 84  84  84  GLU GLU A . n 
A 1 85  PRO 85  85  85  PRO PRO A . n 
A 1 86  SER 86  86  86  SER SER A . n 
A 1 87  ASN 87  87  87  ASN ASN A . n 
A 1 88  LEU 88  88  88  LEU LEU A . n 
A 1 89  LEU 89  89  89  LEU LEU A . n 
A 1 90  ASP 90  90  90  ASP ASP A . n 
A 1 91  LEU 91  91  91  LEU LEU A . n 
A 1 92  VAL 92  92  92  VAL VAL A . n 
A 1 93  VAL 93  93  93  VAL VAL A . n 
A 1 94  THR 94  94  94  THR THR A . n 
A 1 95  GLU 95  95  95  GLU GLU A . n 
A 1 96  MET 96  96  96  MET MET A . n 
A 1 97  TYR 97  97  97  TYR TYR A . n 
A 1 98  ASP 98  98  98  ASP ASP A . n 
A 1 99  THR 99  99  99  THR THR A . n 
A 1 100 PRO 100 100 100 PRO PRO A . n 
A 1 101 THR 101 101 101 THR THR A . n 
A 1 102 LEU 102 102 102 LEU LEU A . n 
A 1 103 SER 103 103 103 SER SER A . n 
A 1 104 VAL 104 104 104 VAL VAL A . n 
A 1 105 HIS 105 105 105 HIS HIS A . n 
A 1 106 PRO 106 106 106 PRO PRO A . n 
A 1 107 GLY 107 107 107 GLY GLY A . n 
A 1 108 PRO 108 108 108 PRO PRO A . n 
A 1 109 GLU 109 109 109 GLU GLU A . n 
A 1 110 VAL 110 110 110 VAL VAL A . n 
A 1 111 ILE 111 111 111 ILE ILE A . n 
A 1 112 SER 112 112 112 SER SER A . n 
A 1 113 GLY 113 113 113 GLY GLY A . n 
A 1 114 GLU 114 114 114 GLU GLU A . n 
A 1 115 LYS 115 115 115 LYS LYS A . n 
A 1 116 VAL 116 116 116 VAL VAL A . n 
A 1 117 THR 117 117 117 THR THR A . n 
A 1 118 PHE 118 118 118 PHE PHE A . n 
A 1 119 TYR 119 119 119 TYR TYR A . n 
A 1 120 CYS 120 120 120 CYS CYS A . n 
A 1 121 ARG 121 121 121 ARG ARG A . n 
A 1 122 LEU 122 122 122 LEU LEU A . n 
A 1 123 ASP 123 123 123 ASP ASP A . n 
A 1 124 THR 124 124 124 THR THR A . n 
A 1 125 ALA 125 125 125 ALA ALA A . n 
A 1 126 THR 126 126 126 THR THR A . n 
A 1 127 SER 127 127 127 SER SER A . n 
A 1 128 MET 128 128 128 MET MET A . n 
A 1 129 PHE 129 129 129 PHE PHE A . n 
A 1 130 LEU 130 130 130 LEU LEU A . n 
A 1 131 LEU 131 131 131 LEU LEU A . n 
A 1 132 LEU 132 132 132 LEU LEU A . n 
A 1 133 LYS 133 133 133 LYS LYS A . n 
A 1 134 GLU 134 134 134 GLU GLU A . n 
A 1 135 GLY 135 135 135 GLY GLY A . n 
A 1 136 ARG 136 136 136 ARG ARG A . n 
A 1 137 SER 137 137 137 SER SER A . n 
A 1 138 SER 138 138 138 SER SER A . n 
A 1 139 HIS 139 139 139 HIS HIS A . n 
A 1 140 VAL 140 140 140 VAL VAL A . n 
A 1 141 GLN 141 141 141 GLN GLN A . n 
A 1 142 ARG 142 142 142 ARG ARG A . n 
A 1 143 GLY 143 143 143 GLY GLY A . n 
A 1 144 TYR 144 144 144 TYR TYR A . n 
A 1 145 GLY 145 145 145 GLY GLY A . n 
A 1 146 LYS 146 146 146 LYS LYS A . n 
A 1 147 VAL 147 147 147 VAL VAL A . n 
A 1 148 GLN 148 148 148 GLN GLN A . n 
A 1 149 ALA 149 149 149 ALA ALA A . n 
A 1 150 GLU 150 150 150 GLU GLU A . n 
A 1 151 PHE 151 151 151 PHE PHE A . n 
A 1 152 PRO 152 152 152 PRO PRO A . n 
A 1 153 LEU 153 153 153 LEU LEU A . n 
A 1 154 GLY 154 154 154 GLY GLY A . n 
A 1 155 PRO 155 155 155 PRO PRO A . n 
A 1 156 VAL 156 156 156 VAL VAL A . n 
A 1 157 THR 157 157 157 THR THR A . n 
A 1 158 THR 158 158 158 THR THR A . n 
A 1 159 ALA 159 159 159 ALA ALA A . n 
A 1 160 HIS 160 160 160 HIS HIS A . n 
A 1 161 ARG 161 161 161 ARG ARG A . n 
A 1 162 GLY 162 162 162 GLY GLY A . n 
A 1 163 THR 163 163 163 THR THR A . n 
A 1 164 TYR 164 164 164 TYR TYR A . n 
A 1 165 ARG 165 165 165 ARG ARG A . n 
A 1 166 CYS 166 166 166 CYS CYS A . n 
A 1 167 PHE 167 167 167 PHE PHE A . n 
A 1 168 GLY 168 168 168 GLY GLY A . n 
A 1 169 SER 169 169 169 SER SER A . n 
A 1 170 TYR 170 170 170 TYR TYR A . n 
A 1 171 ASN 171 171 171 ASN ASN A . n 
A 1 172 ASN 172 172 172 ASN ASN A . n 
A 1 173 HIS 173 173 173 HIS HIS A . n 
A 1 174 ALA 174 174 174 ALA ALA A . n 
A 1 175 TRP 175 175 175 TRP TRP A . n 
A 1 176 SER 176 176 176 SER SER A . n 
A 1 177 PHE 177 177 177 PHE PHE A . n 
A 1 178 PRO 178 178 178 PRO PRO A . n 
A 1 179 SER 179 179 179 SER SER A . n 
A 1 180 GLU 180 180 180 GLU GLU A . n 
A 1 181 PRO 181 181 181 PRO PRO A . n 
A 1 182 VAL 182 182 182 VAL VAL A . n 
A 1 183 LYS 183 183 183 LYS LYS A . n 
A 1 184 LEU 184 184 184 LEU LEU A . n 
A 1 185 LEU 185 185 185 LEU LEU A . n 
A 1 186 VAL 186 186 186 VAL VAL A . n 
A 1 187 THR 187 187 187 THR THR A . n 
A 1 188 GLY 188 188 188 GLY GLY A . n 
# 
loop_
_pdbx_nonpoly_scheme.asym_id 
_pdbx_nonpoly_scheme.entity_id 
_pdbx_nonpoly_scheme.mon_id 
_pdbx_nonpoly_scheme.ndb_seq_num 
_pdbx_nonpoly_scheme.pdb_seq_num 
_pdbx_nonpoly_scheme.auth_seq_num 
_pdbx_nonpoly_scheme.pdb_mon_id 
_pdbx_nonpoly_scheme.auth_mon_id 
_pdbx_nonpoly_scheme.pdb_strand_id 
_pdbx_nonpoly_scheme.pdb_ins_code 
B 2 EDO 1   1189 1189 EDO EDO A . 
C 3 HOH 1   2001 2001 HOH HOH A . 
C 3 HOH 2   2002 2002 HOH HOH A . 
C 3 HOH 3   2003 2003 HOH HOH A . 
C 3 HOH 4   2004 2004 HOH HOH A . 
C 3 HOH 5   2005 2005 HOH HOH A . 
C 3 HOH 6   2006 2006 HOH HOH A . 
C 3 HOH 7   2007 2007 HOH HOH A . 
C 3 HOH 8   2008 2008 HOH HOH A . 
C 3 HOH 9   2009 2009 HOH HOH A . 
C 3 HOH 10  2010 2010 HOH HOH A . 
C 3 HOH 11  2011 2011 HOH HOH A . 
C 3 HOH 12  2012 2012 HOH HOH A . 
C 3 HOH 13  2013 2013 HOH HOH A . 
C 3 HOH 14  2014 2014 HOH HOH A . 
C 3 HOH 15  2015 2015 HOH HOH A . 
C 3 HOH 16  2016 2016 HOH HOH A . 
C 3 HOH 17  2017 2017 HOH HOH A . 
C 3 HOH 18  2018 2018 HOH HOH A . 
C 3 HOH 19  2019 2019 HOH HOH A . 
C 3 HOH 20  2020 2020 HOH HOH A . 
C 3 HOH 21  2021 2021 HOH HOH A . 
C 3 HOH 22  2022 2022 HOH HOH A . 
C 3 HOH 23  2023 2023 HOH HOH A . 
C 3 HOH 24  2024 2024 HOH HOH A . 
C 3 HOH 25  2025 2025 HOH HOH A . 
C 3 HOH 26  2026 2026 HOH HOH A . 
C 3 HOH 27  2027 2027 HOH HOH A . 
C 3 HOH 28  2028 2028 HOH HOH A . 
C 3 HOH 29  2029 2029 HOH HOH A . 
C 3 HOH 30  2030 2030 HOH HOH A . 
C 3 HOH 31  2031 2031 HOH HOH A . 
C 3 HOH 32  2032 2032 HOH HOH A . 
C 3 HOH 33  2033 2033 HOH HOH A . 
C 3 HOH 34  2034 2034 HOH HOH A . 
C 3 HOH 35  2035 2035 HOH HOH A . 
C 3 HOH 36  2036 2036 HOH HOH A . 
C 3 HOH 37  2037 2037 HOH HOH A . 
C 3 HOH 38  2038 2038 HOH HOH A . 
C 3 HOH 39  2039 2039 HOH HOH A . 
C 3 HOH 40  2040 2040 HOH HOH A . 
C 3 HOH 41  2041 2041 HOH HOH A . 
C 3 HOH 42  2042 2042 HOH HOH A . 
C 3 HOH 43  2043 2043 HOH HOH A . 
C 3 HOH 44  2044 2044 HOH HOH A . 
C 3 HOH 45  2045 2045 HOH HOH A . 
C 3 HOH 46  2046 2046 HOH HOH A . 
C 3 HOH 47  2047 2047 HOH HOH A . 
C 3 HOH 48  2048 2048 HOH HOH A . 
C 3 HOH 49  2049 2049 HOH HOH A . 
C 3 HOH 50  2050 2050 HOH HOH A . 
C 3 HOH 51  2051 2051 HOH HOH A . 
C 3 HOH 52  2052 2052 HOH HOH A . 
C 3 HOH 53  2053 2053 HOH HOH A . 
C 3 HOH 54  2054 2054 HOH HOH A . 
C 3 HOH 55  2055 2055 HOH HOH A . 
C 3 HOH 56  2056 2056 HOH HOH A . 
C 3 HOH 57  2057 2057 HOH HOH A . 
C 3 HOH 58  2058 2058 HOH HOH A . 
C 3 HOH 59  2059 2059 HOH HOH A . 
C 3 HOH 60  2060 2060 HOH HOH A . 
C 3 HOH 61  2061 2061 HOH HOH A . 
C 3 HOH 62  2062 2062 HOH HOH A . 
C 3 HOH 63  2063 2063 HOH HOH A . 
C 3 HOH 64  2064 2064 HOH HOH A . 
C 3 HOH 65  2065 2065 HOH HOH A . 
C 3 HOH 66  2066 2066 HOH HOH A . 
C 3 HOH 67  2067 2067 HOH HOH A . 
C 3 HOH 68  2068 2068 HOH HOH A . 
C 3 HOH 69  2069 2069 HOH HOH A . 
C 3 HOH 70  2070 2070 HOH HOH A . 
C 3 HOH 71  2071 2071 HOH HOH A . 
C 3 HOH 72  2072 2072 HOH HOH A . 
C 3 HOH 73  2073 2073 HOH HOH A . 
C 3 HOH 74  2074 2074 HOH HOH A . 
C 3 HOH 75  2075 2075 HOH HOH A . 
C 3 HOH 76  2076 2076 HOH HOH A . 
C 3 HOH 77  2077 2077 HOH HOH A . 
C 3 HOH 78  2078 2078 HOH HOH A . 
C 3 HOH 79  2079 2079 HOH HOH A . 
C 3 HOH 80  2080 2080 HOH HOH A . 
C 3 HOH 81  2081 2081 HOH HOH A . 
C 3 HOH 82  2082 2082 HOH HOH A . 
C 3 HOH 83  2083 2083 HOH HOH A . 
C 3 HOH 84  2084 2084 HOH HOH A . 
C 3 HOH 85  2085 2085 HOH HOH A . 
C 3 HOH 86  2086 2086 HOH HOH A . 
C 3 HOH 87  2087 2087 HOH HOH A . 
C 3 HOH 88  2088 2088 HOH HOH A . 
C 3 HOH 89  2089 2089 HOH HOH A . 
C 3 HOH 90  2090 2090 HOH HOH A . 
C 3 HOH 91  2091 2091 HOH HOH A . 
C 3 HOH 92  2092 2092 HOH HOH A . 
C 3 HOH 93  2093 2093 HOH HOH A . 
C 3 HOH 94  2094 2094 HOH HOH A . 
C 3 HOH 95  2095 2095 HOH HOH A . 
C 3 HOH 96  2096 2096 HOH HOH A . 
C 3 HOH 97  2097 2097 HOH HOH A . 
C 3 HOH 98  2098 2098 HOH HOH A . 
C 3 HOH 99  2099 2099 HOH HOH A . 
C 3 HOH 100 2100 2100 HOH HOH A . 
C 3 HOH 101 2101 2101 HOH HOH A . 
C 3 HOH 102 2102 2102 HOH HOH A . 
C 3 HOH 103 2103 2103 HOH HOH A . 
C 3 HOH 104 2104 2104 HOH HOH A . 
C 3 HOH 105 2105 2105 HOH HOH A . 
C 3 HOH 106 2106 2106 HOH HOH A . 
C 3 HOH 107 2107 2107 HOH HOH A . 
C 3 HOH 108 2108 2108 HOH HOH A . 
C 3 HOH 109 2109 2109 HOH HOH A . 
C 3 HOH 110 2110 2110 HOH HOH A . 
C 3 HOH 111 2111 2111 HOH HOH A . 
C 3 HOH 112 2112 2112 HOH HOH A . 
C 3 HOH 113 2113 2113 HOH HOH A . 
C 3 HOH 114 2114 2114 HOH HOH A . 
C 3 HOH 115 2115 2115 HOH HOH A . 
C 3 HOH 116 2116 2116 HOH HOH A . 
C 3 HOH 117 2117 2117 HOH HOH A . 
C 3 HOH 118 2118 2118 HOH HOH A . 
C 3 HOH 119 2119 2119 HOH HOH A . 
C 3 HOH 120 2120 2120 HOH HOH A . 
C 3 HOH 121 2121 2121 HOH HOH A . 
C 3 HOH 122 2122 2122 HOH HOH A . 
C 3 HOH 123 2123 2123 HOH HOH A . 
C 3 HOH 124 2124 2124 HOH HOH A . 
C 3 HOH 125 2125 2125 HOH HOH A . 
C 3 HOH 126 2126 2126 HOH HOH A . 
C 3 HOH 127 2127 2127 HOH HOH A . 
C 3 HOH 128 2128 2128 HOH HOH A . 
C 3 HOH 129 2129 2129 HOH HOH A . 
C 3 HOH 130 2130 2130 HOH HOH A . 
C 3 HOH 131 2131 2131 HOH HOH A . 
C 3 HOH 132 2132 2132 HOH HOH A . 
C 3 HOH 133 2133 2133 HOH HOH A . 
C 3 HOH 134 2134 2134 HOH HOH A . 
C 3 HOH 135 2135 2135 HOH HOH A . 
C 3 HOH 136 2136 2136 HOH HOH A . 
# 
loop_
_pdbx_unobs_or_zero_occ_atoms.id 
_pdbx_unobs_or_zero_occ_atoms.PDB_model_num 
_pdbx_unobs_or_zero_occ_atoms.polymer_flag 
_pdbx_unobs_or_zero_occ_atoms.occupancy_flag 
_pdbx_unobs_or_zero_occ_atoms.auth_asym_id 
_pdbx_unobs_or_zero_occ_atoms.auth_comp_id 
_pdbx_unobs_or_zero_occ_atoms.auth_seq_id 
_pdbx_unobs_or_zero_occ_atoms.PDB_ins_code 
_pdbx_unobs_or_zero_occ_atoms.auth_atom_id 
_pdbx_unobs_or_zero_occ_atoms.label_alt_id 
_pdbx_unobs_or_zero_occ_atoms.label_asym_id 
_pdbx_unobs_or_zero_occ_atoms.label_comp_id 
_pdbx_unobs_or_zero_occ_atoms.label_seq_id 
_pdbx_unobs_or_zero_occ_atoms.label_atom_id 
1  1 Y 0 A GLN 20  ? CD  ? A GLN 20  CD  
2  1 Y 0 A GLN 20  ? OE1 ? A GLN 20  OE1 
3  1 Y 0 A GLN 20  ? NE2 ? A GLN 20  NE2 
4  1 Y 0 A LYS 49  ? CD  ? A LYS 49  CD  
5  1 Y 0 A LYS 49  ? CE  ? A LYS 49  CE  
6  1 Y 0 A LYS 49  ? NZ  ? A LYS 49  NZ  
7  1 Y 0 A LYS 58  ? CD  ? A LYS 58  CD  
8  1 Y 0 A LYS 58  ? CE  ? A LYS 58  CE  
9  1 Y 0 A LYS 58  ? NZ  ? A LYS 58  NZ  
10 1 Y 0 A ARG 136 ? CB  ? A ARG 136 CB  
11 1 Y 0 A ARG 136 ? CG  ? A ARG 136 CG  
12 1 Y 0 A ARG 136 ? CD  ? A ARG 136 CD  
13 1 Y 0 A ARG 136 ? NE  ? A ARG 136 NE  
14 1 Y 0 A ARG 136 ? CZ  ? A ARG 136 CZ  
15 1 Y 0 A ARG 136 ? NH1 ? A ARG 136 NH1 
16 1 Y 0 A ARG 136 ? NH2 ? A ARG 136 NH2 
17 1 Y 0 A LYS 146 ? CG  ? A LYS 146 CG  
18 1 Y 0 A LYS 146 ? CD  ? A LYS 146 CD  
19 1 Y 0 A LYS 146 ? CE  ? A LYS 146 CE  
20 1 Y 0 A LYS 146 ? NZ  ? A LYS 146 NZ  
# 
loop_
_software.name 
_software.classification 
_software.version 
_software.citation_id 
_software.pdbx_ordinal 
REFMAC    refinement       . ? 1 
DENZO     'data reduction' . ? 2 
SCALEPACK 'data scaling'   . ? 3 
AMoRE     phasing          . ? 4 
# 
_cell.entry_id           1OLL 
_cell.length_a           85.477 
_cell.length_b           85.477 
_cell.length_c           59.909 
_cell.angle_alpha        90.00 
_cell.angle_beta         90.00 
_cell.angle_gamma        120.00 
_cell.Z_PDB              6 
_cell.pdbx_unique_axis   ? 
# 
_symmetry.entry_id                         1OLL 
_symmetry.space_group_name_H-M             'P 61' 
_symmetry.pdbx_full_space_group_name_H-M   ? 
_symmetry.cell_setting                     ? 
_symmetry.Int_Tables_number                169 
# 
_exptl.entry_id          1OLL 
_exptl.method            'X-RAY DIFFRACTION' 
_exptl.crystals_number   1 
# 
_exptl_crystal.id                    1 
_exptl_crystal.density_meas          ? 
_exptl_crystal.density_Matthews      2.78 
_exptl_crystal.density_percent_sol   58 
_exptl_crystal.description           ? 
# 
_exptl_crystal_grow.crystal_id      1 
_exptl_crystal_grow.method          ? 
_exptl_crystal_grow.temp            277 
_exptl_crystal_grow.temp_details    ? 
_exptl_crystal_grow.pH              7.80 
_exptl_crystal_grow.pdbx_pH_range   ? 
_exptl_crystal_grow.pdbx_details    '15% PEG 8000, 100 MM HEPES PH 7.8, 20% ETHANEDIOL, AT 277 K' 
# 
_diffrn.id                     1 
_diffrn.ambient_temp           100.0 
_diffrn.ambient_temp_details   ? 
_diffrn.crystal_id             1 
# 
_diffrn_detector.diffrn_id              1 
_diffrn_detector.detector               CCD 
_diffrn_detector.type                   MARRESEARCH 
_diffrn_detector.pdbx_collection_date   2002-06-15 
_diffrn_detector.details                ? 
# 
_diffrn_radiation.diffrn_id                        1 
_diffrn_radiation.wavelength_id                    1 
_diffrn_radiation.pdbx_monochromatic_or_laue_m_l   M 
_diffrn_radiation.monochromator                    ? 
_diffrn_radiation.pdbx_diffrn_protocol             'SINGLE WAVELENGTH' 
_diffrn_radiation.pdbx_scattering_type             x-ray 
# 
_diffrn_radiation_wavelength.id           1 
_diffrn_radiation_wavelength.wavelength   0.8431 
_diffrn_radiation_wavelength.wt           1.0 
# 
_diffrn_source.diffrn_id                   1 
_diffrn_source.source                      SYNCHROTRON 
_diffrn_source.type                        'EMBL/DESY, HAMBURG BEAMLINE BW7B' 
_diffrn_source.pdbx_synchrotron_site       'EMBL/DESY, HAMBURG' 
_diffrn_source.pdbx_synchrotron_beamline   BW7B 
_diffrn_source.pdbx_wavelength             0.8431 
_diffrn_source.pdbx_wavelength_list        ? 
# 
_reflns.pdbx_diffrn_id               1 
_reflns.pdbx_ordinal                 1 
_reflns.entry_id                     1OLL 
_reflns.observed_criterion_sigma_I   ? 
_reflns.observed_criterion_sigma_F   ? 
_reflns.d_resolution_low             40.000 
_reflns.d_resolution_high            1.930 
_reflns.number_obs                   18944 
_reflns.number_all                   ? 
_reflns.percent_possible_obs         100.0 
_reflns.pdbx_Rmerge_I_obs            0.07500 
_reflns.pdbx_Rsym_value              ? 
_reflns.pdbx_netI_over_sigmaI        22.9000 
_reflns.B_iso_Wilson_estimate        ? 
_reflns.pdbx_redundancy              5.000 
# 
_reflns_shell.pdbx_diffrn_id         1 
_reflns_shell.pdbx_ordinal           1 
_reflns_shell.d_res_high             1.93 
_reflns_shell.d_res_low              1.96 
_reflns_shell.percent_possible_all   100.0 
_reflns_shell.Rmerge_I_obs           0.76500 
_reflns_shell.pdbx_Rsym_value        ? 
_reflns_shell.meanI_over_sigI_obs    2.400 
_reflns_shell.pdbx_redundancy        5.00 
# 
_refine.pdbx_refine_id                           'X-RAY DIFFRACTION' 
_refine.entry_id                                 1OLL 
_refine.pdbx_diffrn_id                           1 
_refine.pdbx_TLS_residual_ADP_flag               ? 
_refine.ls_number_reflns_obs                     18944 
_refine.ls_number_reflns_all                     ? 
_refine.pdbx_ls_sigma_I                          ? 
_refine.pdbx_ls_sigma_F                          ? 
_refine.pdbx_data_cutoff_high_absF               ? 
_refine.pdbx_data_cutoff_low_absF                ? 
_refine.pdbx_data_cutoff_high_rms_absF           ? 
_refine.ls_d_res_low                             40 
_refine.ls_d_res_high                            1.93 
_refine.ls_percent_reflns_obs                    100 
_refine.ls_R_factor_obs                          0.198 
_refine.ls_R_factor_all                          ? 
_refine.ls_R_factor_R_work                       0.195 
_refine.ls_R_factor_R_free                       0.251 
_refine.ls_R_factor_R_free_error                 ? 
_refine.ls_R_factor_R_free_error_details         ? 
_refine.ls_percent_reflns_R_free                 5.0 
_refine.ls_number_reflns_R_free                  968 
_refine.ls_number_parameters                     ? 
_refine.ls_number_restraints                     ? 
_refine.occupancy_min                            ? 
_refine.occupancy_max                            ? 
_refine.correlation_coeff_Fo_to_Fc               ? 
_refine.correlation_coeff_Fo_to_Fc_free          ? 
_refine.B_iso_mean                               37.7 
_refine.aniso_B[1][1]                            1.05 
_refine.aniso_B[2][2]                            1.05 
_refine.aniso_B[3][3]                            -1.58 
_refine.aniso_B[1][2]                            0.53 
_refine.aniso_B[1][3]                            0.00 
_refine.aniso_B[2][3]                            0.00 
_refine.solvent_model_details                    ? 
_refine.solvent_model_param_ksol                 ? 
_refine.solvent_model_param_bsol                 ? 
_refine.pdbx_solvent_vdw_probe_radii             ? 
_refine.pdbx_solvent_ion_probe_radii             ? 
_refine.pdbx_solvent_shrinkage_radii             ? 
_refine.pdbx_ls_cross_valid_method               THROUGHOUT 
_refine.details                                  
'SOME ATOMS HAVE BEEN REFINED WITH AN OCCUPANCY OF 0.00 DUE TO POOR ELECTRON DENSITY.' 
_refine.pdbx_starting_model                      'PDB ENTRY 1G0X' 
_refine.pdbx_method_to_determine_struct          'MOLECULAR REPLACEMENT' 
_refine.pdbx_isotropic_thermal_model             ? 
_refine.pdbx_stereochemistry_target_values       ? 
_refine.pdbx_stereochem_target_val_spec_case     ? 
_refine.pdbx_R_Free_selection_details            RANDOM 
_refine.pdbx_overall_ESU_R                       0.145 
_refine.pdbx_overall_ESU_R_Free                  0.154 
_refine.overall_SU_ML                            0.108 
_refine.pdbx_overall_phase_error                 ? 
_refine.overall_SU_B                             3.796 
_refine.overall_SU_R_Cruickshank_DPI             ? 
_refine.pdbx_overall_SU_R_free_Cruickshank_DPI   ? 
_refine.pdbx_overall_SU_R_Blow_DPI               ? 
_refine.pdbx_overall_SU_R_free_Blow_DPI          ? 
# 
_refine_hist.pdbx_refine_id                   'X-RAY DIFFRACTION' 
_refine_hist.cycle_id                         LAST 
_refine_hist.pdbx_number_atoms_protein        1501 
_refine_hist.pdbx_number_atoms_nucleic_acid   0 
_refine_hist.pdbx_number_atoms_ligand         4 
_refine_hist.number_atoms_solvent             136 
_refine_hist.number_atoms_total               1641 
_refine_hist.d_res_high                       1.93 
_refine_hist.d_res_low                        40 
# 
_struct.entry_id                  1OLL 
_struct.title                     'Extracellular region of the human receptor NKp46' 
_struct.pdbx_model_details        ? 
_struct.pdbx_CASP_flag            ? 
_struct.pdbx_model_type_details   ? 
# 
_struct_keywords.entry_id        1OLL 
_struct_keywords.pdbx_keywords   'IMMUNE SYSTEM/RECEPTOR' 
_struct_keywords.text            
;IMMUNE SYSTEM/RECEPTOR, NK CELL TRIGGERING RECEPTOR, IMMUNE SYSTEM, IG DOMAIN, CYTOTOXICITY, C2-TYPE IG-LIKE DOMAINS, IMMUNE SYSTEM-RECEPTOR complex
;
# 
loop_
_struct_asym.id 
_struct_asym.pdbx_blank_PDB_chainid_flag 
_struct_asym.pdbx_modified 
_struct_asym.entity_id 
_struct_asym.details 
A N N 1 ? 
B N N 2 ? 
C N N 3 ? 
# 
_struct_ref.id                         1 
_struct_ref.db_name                    UNP 
_struct_ref.db_code                    O76016 
_struct_ref.entity_id                  1 
_struct_ref.pdbx_seq_one_letter_code   ? 
_struct_ref.pdbx_align_begin           ? 
_struct_ref.pdbx_db_accession          O76016 
_struct_ref.pdbx_db_isoform            ? 
# 
_struct_ref_seq.align_id                      1 
_struct_ref_seq.ref_id                        1 
_struct_ref_seq.pdbx_PDB_id_code              1OLL 
_struct_ref_seq.pdbx_strand_id                A 
_struct_ref_seq.seq_align_beg                 1 
_struct_ref_seq.pdbx_seq_align_beg_ins_code   ? 
_struct_ref_seq.seq_align_end                 188 
_struct_ref_seq.pdbx_seq_align_end_ins_code   ? 
_struct_ref_seq.pdbx_db_accession             O76016 
_struct_ref_seq.db_align_beg                  25 
_struct_ref_seq.pdbx_db_align_beg_ins_code    ? 
_struct_ref_seq.db_align_end                  212 
_struct_ref_seq.pdbx_db_align_end_ins_code    ? 
_struct_ref_seq.pdbx_auth_seq_align_beg       1 
_struct_ref_seq.pdbx_auth_seq_align_end       188 
# 
_pdbx_struct_assembly.id                   1 
_pdbx_struct_assembly.details              author_and_software_defined_assembly 
_pdbx_struct_assembly.method_details       PQS 
_pdbx_struct_assembly.oligomeric_details   monomeric 
_pdbx_struct_assembly.oligomeric_count     1 
# 
_pdbx_struct_assembly_gen.assembly_id       1 
_pdbx_struct_assembly_gen.oper_expression   1 
_pdbx_struct_assembly_gen.asym_id_list      A,B,C 
# 
_pdbx_struct_oper_list.id                   1 
_pdbx_struct_oper_list.type                 'identity operation' 
_pdbx_struct_oper_list.name                 1_555 
_pdbx_struct_oper_list.symmetry_operation   x,y,z 
_pdbx_struct_oper_list.matrix[1][1]         1.0000000000 
_pdbx_struct_oper_list.matrix[1][2]         0.0000000000 
_pdbx_struct_oper_list.matrix[1][3]         0.0000000000 
_pdbx_struct_oper_list.vector[1]            0.0000000000 
_pdbx_struct_oper_list.matrix[2][1]         0.0000000000 
_pdbx_struct_oper_list.matrix[2][2]         1.0000000000 
_pdbx_struct_oper_list.matrix[2][3]         0.0000000000 
_pdbx_struct_oper_list.vector[2]            0.0000000000 
_pdbx_struct_oper_list.matrix[3][1]         0.0000000000 
_pdbx_struct_oper_list.matrix[3][2]         0.0000000000 
_pdbx_struct_oper_list.matrix[3][3]         1.0000000000 
_pdbx_struct_oper_list.vector[3]            0.0000000000 
# 
_struct_biol.id   1 
# 
loop_
_struct_conf.conf_type_id 
_struct_conf.id 
_struct_conf.pdbx_PDB_helix_id 
_struct_conf.beg_label_comp_id 
_struct_conf.beg_label_asym_id 
_struct_conf.beg_label_seq_id 
_struct_conf.pdbx_beg_PDB_ins_code 
_struct_conf.end_label_comp_id 
_struct_conf.end_label_asym_id 
_struct_conf.end_label_seq_id 
_struct_conf.pdbx_end_PDB_ins_code 
_struct_conf.beg_auth_comp_id 
_struct_conf.beg_auth_asym_id 
_struct_conf.beg_auth_seq_id 
_struct_conf.end_auth_comp_id 
_struct_conf.end_auth_asym_id 
_struct_conf.end_auth_seq_id 
_struct_conf.pdbx_PDB_helix_class 
_struct_conf.details 
_struct_conf.pdbx_PDB_helix_length 
HELX_P HELX_P1 1 ASN A 65  ? ALA A 69  ? ASN A 65  ALA A 69  5 ? 5 
HELX_P HELX_P2 2 THR A 157 ? ARG A 161 ? THR A 157 ARG A 161 5 ? 5 
# 
_struct_conf_type.id          HELX_P 
_struct_conf_type.criteria    ? 
_struct_conf_type.reference   ? 
# 
loop_
_struct_conn.id 
_struct_conn.conn_type_id 
_struct_conn.pdbx_leaving_atom_flag 
_struct_conn.pdbx_PDB_id 
_struct_conn.ptnr1_label_asym_id 
_struct_conn.ptnr1_label_comp_id 
_struct_conn.ptnr1_label_seq_id 
_struct_conn.ptnr1_label_atom_id 
_struct_conn.pdbx_ptnr1_label_alt_id 
_struct_conn.pdbx_ptnr1_PDB_ins_code 
_struct_conn.pdbx_ptnr1_standard_comp_id 
_struct_conn.ptnr1_symmetry 
_struct_conn.ptnr2_label_asym_id 
_struct_conn.ptnr2_label_comp_id 
_struct_conn.ptnr2_label_seq_id 
_struct_conn.ptnr2_label_atom_id 
_struct_conn.pdbx_ptnr2_label_alt_id 
_struct_conn.pdbx_ptnr2_PDB_ins_code 
_struct_conn.ptnr1_auth_asym_id 
_struct_conn.ptnr1_auth_comp_id 
_struct_conn.ptnr1_auth_seq_id 
_struct_conn.ptnr2_auth_asym_id 
_struct_conn.ptnr2_auth_comp_id 
_struct_conn.ptnr2_auth_seq_id 
_struct_conn.ptnr2_symmetry 
_struct_conn.pdbx_ptnr3_label_atom_id 
_struct_conn.pdbx_ptnr3_label_seq_id 
_struct_conn.pdbx_ptnr3_label_comp_id 
_struct_conn.pdbx_ptnr3_label_asym_id 
_struct_conn.pdbx_ptnr3_label_alt_id 
_struct_conn.pdbx_ptnr3_PDB_ins_code 
_struct_conn.details 
_struct_conn.pdbx_dist_value 
_struct_conn.pdbx_value_order 
_struct_conn.pdbx_role 
disulf1 disulf ? ? A CYS 25  SG ? ? ? 1_555 A CYS 74  SG ? ? A CYS 25  A CYS 74  1_555 ? ? ? ? ? ? ? 2.015 ? ? 
disulf2 disulf ? ? A CYS 120 SG ? ? ? 1_555 A CYS 166 SG ? ? A CYS 120 A CYS 166 1_555 ? ? ? ? ? ? ? 2.027 ? ? 
# 
_struct_conn_type.id          disulf 
_struct_conn_type.criteria    ? 
_struct_conn_type.reference   ? 
# 
loop_
_pdbx_modification_feature.ordinal 
_pdbx_modification_feature.label_comp_id 
_pdbx_modification_feature.label_asym_id 
_pdbx_modification_feature.label_seq_id 
_pdbx_modification_feature.label_alt_id 
_pdbx_modification_feature.modified_residue_label_comp_id 
_pdbx_modification_feature.modified_residue_label_asym_id 
_pdbx_modification_feature.modified_residue_label_seq_id 
_pdbx_modification_feature.modified_residue_label_alt_id 
_pdbx_modification_feature.auth_comp_id 
_pdbx_modification_feature.auth_asym_id 
_pdbx_modification_feature.auth_seq_id 
_pdbx_modification_feature.PDB_ins_code 
_pdbx_modification_feature.symmetry 
_pdbx_modification_feature.modified_residue_auth_comp_id 
_pdbx_modification_feature.modified_residue_auth_asym_id 
_pdbx_modification_feature.modified_residue_auth_seq_id 
_pdbx_modification_feature.modified_residue_PDB_ins_code 
_pdbx_modification_feature.modified_residue_symmetry 
_pdbx_modification_feature.comp_id_linking_atom 
_pdbx_modification_feature.modified_residue_id_linking_atom 
_pdbx_modification_feature.modified_residue_id 
_pdbx_modification_feature.ref_pcm_id 
_pdbx_modification_feature.ref_comp_id 
_pdbx_modification_feature.type 
_pdbx_modification_feature.category 
1 CYS A 25  ? CYS A 74  ? CYS A 25  ? 1_555 CYS A 74  ? 1_555 SG SG . . . None 'Disulfide bridge' 
2 CYS A 120 ? CYS A 166 ? CYS A 120 ? 1_555 CYS A 166 ? 1_555 SG SG . . . None 'Disulfide bridge' 
# 
loop_
_struct_mon_prot_cis.pdbx_id 
_struct_mon_prot_cis.label_comp_id 
_struct_mon_prot_cis.label_seq_id 
_struct_mon_prot_cis.label_asym_id 
_struct_mon_prot_cis.label_alt_id 
_struct_mon_prot_cis.pdbx_PDB_ins_code 
_struct_mon_prot_cis.auth_comp_id 
_struct_mon_prot_cis.auth_seq_id 
_struct_mon_prot_cis.auth_asym_id 
_struct_mon_prot_cis.pdbx_label_comp_id_2 
_struct_mon_prot_cis.pdbx_label_seq_id_2 
_struct_mon_prot_cis.pdbx_label_asym_id_2 
_struct_mon_prot_cis.pdbx_PDB_ins_code_2 
_struct_mon_prot_cis.pdbx_auth_comp_id_2 
_struct_mon_prot_cis.pdbx_auth_seq_id_2 
_struct_mon_prot_cis.pdbx_auth_asym_id_2 
_struct_mon_prot_cis.pdbx_PDB_model_num 
_struct_mon_prot_cis.pdbx_omega_angle 
1 GLU 10  A . ? GLU 10  A PRO 11  A ? PRO 11  A 1 6.54  
2 LYS 49  A . ? LYS 49  A PRO 50  A ? PRO 50  A 1 -4.83 
3 HIS 105 A . ? HIS 105 A PRO 106 A ? PRO 106 A 1 2.26  
# 
loop_
_struct_sheet.id 
_struct_sheet.type 
_struct_sheet.number_strands 
_struct_sheet.details 
AA ? 3 ? 
AB ? 5 ? 
AC ? 4 ? 
AD ? 3 ? 
AE ? 5 ? 
AF ? 2 ? 
# 
loop_
_struct_sheet_order.sheet_id 
_struct_sheet_order.range_id_1 
_struct_sheet_order.range_id_2 
_struct_sheet_order.offset 
_struct_sheet_order.sense 
AA 1 2 ? anti-parallel 
AA 2 3 ? anti-parallel 
AB 1 2 ? parallel      
AB 2 3 ? anti-parallel 
AB 3 4 ? anti-parallel 
AB 4 5 ? anti-parallel 
AC 1 2 ? parallel      
AC 2 3 ? anti-parallel 
AC 3 4 ? anti-parallel 
AD 1 2 ? anti-parallel 
AD 2 3 ? anti-parallel 
AE 1 2 ? parallel      
AE 2 3 ? anti-parallel 
AE 3 4 ? anti-parallel 
AE 4 5 ? anti-parallel 
AF 1 2 ? anti-parallel 
# 
loop_
_struct_sheet_range.sheet_id 
_struct_sheet_range.id 
_struct_sheet_range.beg_label_comp_id 
_struct_sheet_range.beg_label_asym_id 
_struct_sheet_range.beg_label_seq_id 
_struct_sheet_range.pdbx_beg_PDB_ins_code 
_struct_sheet_range.end_label_comp_id 
_struct_sheet_range.end_label_asym_id 
_struct_sheet_range.end_label_seq_id 
_struct_sheet_range.pdbx_end_PDB_ins_code 
_struct_sheet_range.beg_auth_comp_id 
_struct_sheet_range.beg_auth_asym_id 
_struct_sheet_range.beg_auth_seq_id 
_struct_sheet_range.end_auth_comp_id 
_struct_sheet_range.end_auth_asym_id 
_struct_sheet_range.end_auth_seq_id 
AA 1 PHE A 6   ? GLU A 10  ? PHE A 6   GLU A 10  
AA 2 VAL A 21  ? GLN A 26  ? VAL A 21  GLN A 26  
AA 3 LYS A 56  ? ILE A 61  ? LYS A 56  ILE A 61  
AB 1 MET A 14  ? PRO A 16  ? MET A 14  PRO A 16  
AB 2 LEU A 89  ? THR A 94  ? LEU A 89  THR A 94  
AB 3 GLY A 70  ? VAL A 78  ? GLY A 70  VAL A 78  
AB 4 GLU A 33  ? PHE A 38  ? GLU A 33  PHE A 38  
AB 5 SER A 41  ? ASP A 46  ? SER A 41  ASP A 46  
AC 1 MET A 14  ? PRO A 16  ? MET A 14  PRO A 16  
AC 2 LEU A 89  ? THR A 94  ? LEU A 89  THR A 94  
AC 3 GLY A 70  ? VAL A 78  ? GLY A 70  VAL A 78  
AC 4 LEU A 81  ? TRP A 82  ? LEU A 81  TRP A 82  
AD 1 THR A 101 ? HIS A 105 ? THR A 101 HIS A 105 
AD 2 LYS A 115 ? ARG A 121 ? LYS A 115 ARG A 121 
AD 3 GLN A 148 ? PRO A 155 ? GLN A 148 PRO A 155 
AE 1 GLU A 109 ? ILE A 111 ? GLU A 109 ILE A 111 
AE 2 VAL A 182 ? THR A 187 ? VAL A 182 THR A 187 
AE 3 GLY A 162 ? PHE A 167 ? GLY A 162 PHE A 167 
AE 4 MET A 128 ? GLU A 134 ? MET A 128 GLU A 134 
AE 5 HIS A 139 ? TYR A 144 ? HIS A 139 TYR A 144 
AF 1 SER A 169 ? ASN A 171 ? SER A 169 ASN A 171 
AF 2 ALA A 174 ? TRP A 175 ? ALA A 174 TRP A 175 
# 
loop_
_pdbx_struct_sheet_hbond.sheet_id 
_pdbx_struct_sheet_hbond.range_id_1 
_pdbx_struct_sheet_hbond.range_id_2 
_pdbx_struct_sheet_hbond.range_1_label_atom_id 
_pdbx_struct_sheet_hbond.range_1_label_comp_id 
_pdbx_struct_sheet_hbond.range_1_label_asym_id 
_pdbx_struct_sheet_hbond.range_1_label_seq_id 
_pdbx_struct_sheet_hbond.range_1_PDB_ins_code 
_pdbx_struct_sheet_hbond.range_1_auth_atom_id 
_pdbx_struct_sheet_hbond.range_1_auth_comp_id 
_pdbx_struct_sheet_hbond.range_1_auth_asym_id 
_pdbx_struct_sheet_hbond.range_1_auth_seq_id 
_pdbx_struct_sheet_hbond.range_2_label_atom_id 
_pdbx_struct_sheet_hbond.range_2_label_comp_id 
_pdbx_struct_sheet_hbond.range_2_label_asym_id 
_pdbx_struct_sheet_hbond.range_2_label_seq_id 
_pdbx_struct_sheet_hbond.range_2_PDB_ins_code 
_pdbx_struct_sheet_hbond.range_2_auth_atom_id 
_pdbx_struct_sheet_hbond.range_2_auth_comp_id 
_pdbx_struct_sheet_hbond.range_2_auth_asym_id 
_pdbx_struct_sheet_hbond.range_2_auth_seq_id 
AA 1 2 N GLU A 10  ? N GLU A 10  O THR A 22  ? O THR A 22  
AA 2 3 N CYS A 25  ? N CYS A 25  O VAL A 57  ? O VAL A 57  
AB 1 2 N VAL A 15  ? N VAL A 15  O VAL A 92  ? O VAL A 92  
AB 2 3 N LEU A 91  ? N LEU A 91  O GLY A 70  ? O GLY A 70  
AB 3 4 N ARG A 77  ? N ARG A 77  O GLU A 33  ? O GLU A 33  
AB 4 5 N PHE A 38  ? N PHE A 38  O SER A 41  ? O SER A 41  
AC 1 2 N VAL A 15  ? N VAL A 15  O VAL A 92  ? O VAL A 92  
AC 2 3 N LEU A 91  ? N LEU A 91  O GLY A 70  ? O GLY A 70  
AC 3 4 N VAL A 78  ? N VAL A 78  O LEU A 81  ? O LEU A 81  
AD 1 2 N HIS A 105 ? N HIS A 105 O THR A 117 ? O THR A 117 
AD 2 3 N CYS A 120 ? N CYS A 120 O ALA A 149 ? O ALA A 149 
AE 1 2 N VAL A 110 ? N VAL A 110 O LEU A 185 ? O LEU A 185 
AE 2 3 N LEU A 184 ? N LEU A 184 O GLY A 162 ? O GLY A 162 
AE 3 4 N PHE A 167 ? N PHE A 167 O LEU A 130 ? O LEU A 130 
AE 4 5 N LYS A 133 ? N LYS A 133 O HIS A 139 ? O HIS A 139 
AF 1 2 N TYR A 170 ? N TYR A 170 O ALA A 174 ? O ALA A 174 
# 
_struct_site.id                   AC1 
_struct_site.pdbx_evidence_code   Software 
_struct_site.pdbx_auth_asym_id    ? 
_struct_site.pdbx_auth_comp_id    ? 
_struct_site.pdbx_auth_seq_id     ? 
_struct_site.pdbx_auth_ins_code   ? 
_struct_site.pdbx_num_residues    6 
_struct_site.details              'BINDING SITE FOR RESIDUE EDO A1189' 
# 
loop_
_struct_site_gen.id 
_struct_site_gen.site_id 
_struct_site_gen.pdbx_num_res 
_struct_site_gen.label_comp_id 
_struct_site_gen.label_asym_id 
_struct_site_gen.label_seq_id 
_struct_site_gen.pdbx_auth_ins_code 
_struct_site_gen.auth_comp_id 
_struct_site_gen.auth_asym_id 
_struct_site_gen.auth_seq_id 
_struct_site_gen.label_atom_id 
_struct_site_gen.label_alt_id 
_struct_site_gen.symmetry 
_struct_site_gen.details 
1 AC1 6 HIS A 37 ? HIS A 37   . ? 1_555 ? 
2 AC1 6 GLU A 39 ? GLU A 39   . ? 1_555 ? 
3 AC1 6 GLY A 40 ? GLY A 40   . ? 1_555 ? 
4 AC1 6 GLN A 71 ? GLN A 71   . ? 1_555 ? 
5 AC1 6 SER A 73 ? SER A 73   . ? 1_555 ? 
6 AC1 6 HOH C .  ? HOH A 2052 . ? 1_555 ? 
# 
_pdbx_entry_details.entry_id                   1OLL 
_pdbx_entry_details.compound_details           ? 
_pdbx_entry_details.source_details             ? 
_pdbx_entry_details.nonpolymer_details         ? 
_pdbx_entry_details.sequence_details           ? 
_pdbx_entry_details.has_ligand_of_interest     ? 
_pdbx_entry_details.has_protein_modification   Y 
# 
loop_
_pdbx_validate_rmsd_bond.id 
_pdbx_validate_rmsd_bond.PDB_model_num 
_pdbx_validate_rmsd_bond.auth_atom_id_1 
_pdbx_validate_rmsd_bond.auth_asym_id_1 
_pdbx_validate_rmsd_bond.auth_comp_id_1 
_pdbx_validate_rmsd_bond.auth_seq_id_1 
_pdbx_validate_rmsd_bond.PDB_ins_code_1 
_pdbx_validate_rmsd_bond.label_alt_id_1 
_pdbx_validate_rmsd_bond.auth_atom_id_2 
_pdbx_validate_rmsd_bond.auth_asym_id_2 
_pdbx_validate_rmsd_bond.auth_comp_id_2 
_pdbx_validate_rmsd_bond.auth_seq_id_2 
_pdbx_validate_rmsd_bond.PDB_ins_code_2 
_pdbx_validate_rmsd_bond.label_alt_id_2 
_pdbx_validate_rmsd_bond.bond_value 
_pdbx_validate_rmsd_bond.bond_target_value 
_pdbx_validate_rmsd_bond.bond_deviation 
_pdbx_validate_rmsd_bond.bond_standard_deviation 
_pdbx_validate_rmsd_bond.linker_flag 
1 1 CG A GLN 20 ? ? CD A GLN 20 ? ? 1.826 1.506 0.320 0.023 N 
2 1 CG A LYS 58 ? ? CD A LYS 58 ? ? 1.824 1.520 0.304 0.034 N 
# 
loop_
_pdbx_validate_rmsd_angle.id 
_pdbx_validate_rmsd_angle.PDB_model_num 
_pdbx_validate_rmsd_angle.auth_atom_id_1 
_pdbx_validate_rmsd_angle.auth_asym_id_1 
_pdbx_validate_rmsd_angle.auth_comp_id_1 
_pdbx_validate_rmsd_angle.auth_seq_id_1 
_pdbx_validate_rmsd_angle.PDB_ins_code_1 
_pdbx_validate_rmsd_angle.label_alt_id_1 
_pdbx_validate_rmsd_angle.auth_atom_id_2 
_pdbx_validate_rmsd_angle.auth_asym_id_2 
_pdbx_validate_rmsd_angle.auth_comp_id_2 
_pdbx_validate_rmsd_angle.auth_seq_id_2 
_pdbx_validate_rmsd_angle.PDB_ins_code_2 
_pdbx_validate_rmsd_angle.label_alt_id_2 
_pdbx_validate_rmsd_angle.auth_atom_id_3 
_pdbx_validate_rmsd_angle.auth_asym_id_3 
_pdbx_validate_rmsd_angle.auth_comp_id_3 
_pdbx_validate_rmsd_angle.auth_seq_id_3 
_pdbx_validate_rmsd_angle.PDB_ins_code_3 
_pdbx_validate_rmsd_angle.label_alt_id_3 
_pdbx_validate_rmsd_angle.angle_value 
_pdbx_validate_rmsd_angle.angle_target_value 
_pdbx_validate_rmsd_angle.angle_deviation 
_pdbx_validate_rmsd_angle.angle_standard_deviation 
_pdbx_validate_rmsd_angle.linker_flag 
1 1 CB A GLN 20 ? ? CG A GLN 20 ? ? CD A GLN 20 ? ? 95.12  111.60 -16.48 2.60 N 
2 1 CB A LYS 58 ? ? CG A LYS 58 ? ? CD A LYS 58 ? ? 90.78  111.60 -20.82 2.60 N 
3 1 CG A LYS 58 ? ? CD A LYS 58 ? ? CE A LYS 58 ? ? 135.52 111.90 23.62  3.00 N 
# 
loop_
_pdbx_validate_torsion.id 
_pdbx_validate_torsion.PDB_model_num 
_pdbx_validate_torsion.auth_comp_id 
_pdbx_validate_torsion.auth_asym_id 
_pdbx_validate_torsion.auth_seq_id 
_pdbx_validate_torsion.PDB_ins_code 
_pdbx_validate_torsion.label_alt_id 
_pdbx_validate_torsion.phi 
_pdbx_validate_torsion.psi 
1 1 HIS A 12  ? ? -173.11 -173.79 
2 1 GLU A 18  ? ? 75.79   -8.38   
3 1 THR A 94  ? ? -113.95 -162.88 
4 1 TYR A 97  ? ? 74.16   -123.15 
5 1 THR A 124 ? ? -117.32 58.17   
6 1 VAL A 147 ? ? 58.08   -7.76   
# 
_pdbx_database_remark.id     700 
_pdbx_database_remark.text   
;
SHEET
THE SHEET STRUCTURE OF THIS MOLECULE IS BIFURCATED. IN
ORDER TO REPRESENT THIS FEATURE IN THE SHEET RECORDS BELOW,
TWO SHEETS ARE DEFINED.
;
# 
_pdbx_unobs_or_zero_occ_residues.id               1 
_pdbx_unobs_or_zero_occ_residues.PDB_model_num    1 
_pdbx_unobs_or_zero_occ_residues.polymer_flag     Y 
_pdbx_unobs_or_zero_occ_residues.occupancy_flag   0 
_pdbx_unobs_or_zero_occ_residues.auth_asym_id     A 
_pdbx_unobs_or_zero_occ_residues.auth_comp_id     SER 
_pdbx_unobs_or_zero_occ_residues.auth_seq_id      137 
_pdbx_unobs_or_zero_occ_residues.PDB_ins_code     ? 
_pdbx_unobs_or_zero_occ_residues.label_asym_id    A 
_pdbx_unobs_or_zero_occ_residues.label_comp_id    SER 
_pdbx_unobs_or_zero_occ_residues.label_seq_id     137 
# 
loop_
_chem_comp_atom.comp_id 
_chem_comp_atom.atom_id 
_chem_comp_atom.type_symbol 
_chem_comp_atom.pdbx_aromatic_flag 
_chem_comp_atom.pdbx_stereo_config 
_chem_comp_atom.pdbx_ordinal 
ALA N    N N N 1   
ALA CA   C N S 2   
ALA C    C N N 3   
ALA O    O N N 4   
ALA CB   C N N 5   
ALA OXT  O N N 6   
ALA H    H N N 7   
ALA H2   H N N 8   
ALA HA   H N N 9   
ALA HB1  H N N 10  
ALA HB2  H N N 11  
ALA HB3  H N N 12  
ALA HXT  H N N 13  
ARG N    N N N 14  
ARG CA   C N S 15  
ARG C    C N N 16  
ARG O    O N N 17  
ARG CB   C N N 18  
ARG CG   C N N 19  
ARG CD   C N N 20  
ARG NE   N N N 21  
ARG CZ   C N N 22  
ARG NH1  N N N 23  
ARG NH2  N N N 24  
ARG OXT  O N N 25  
ARG H    H N N 26  
ARG H2   H N N 27  
ARG HA   H N N 28  
ARG HB2  H N N 29  
ARG HB3  H N N 30  
ARG HG2  H N N 31  
ARG HG3  H N N 32  
ARG HD2  H N N 33  
ARG HD3  H N N 34  
ARG HE   H N N 35  
ARG HH11 H N N 36  
ARG HH12 H N N 37  
ARG HH21 H N N 38  
ARG HH22 H N N 39  
ARG HXT  H N N 40  
ASN N    N N N 41  
ASN CA   C N S 42  
ASN C    C N N 43  
ASN O    O N N 44  
ASN CB   C N N 45  
ASN CG   C N N 46  
ASN OD1  O N N 47  
ASN ND2  N N N 48  
ASN OXT  O N N 49  
ASN H    H N N 50  
ASN H2   H N N 51  
ASN HA   H N N 52  
ASN HB2  H N N 53  
ASN HB3  H N N 54  
ASN HD21 H N N 55  
ASN HD22 H N N 56  
ASN HXT  H N N 57  
ASP N    N N N 58  
ASP CA   C N S 59  
ASP C    C N N 60  
ASP O    O N N 61  
ASP CB   C N N 62  
ASP CG   C N N 63  
ASP OD1  O N N 64  
ASP OD2  O N N 65  
ASP OXT  O N N 66  
ASP H    H N N 67  
ASP H2   H N N 68  
ASP HA   H N N 69  
ASP HB2  H N N 70  
ASP HB3  H N N 71  
ASP HD2  H N N 72  
ASP HXT  H N N 73  
CYS N    N N N 74  
CYS CA   C N R 75  
CYS C    C N N 76  
CYS O    O N N 77  
CYS CB   C N N 78  
CYS SG   S N N 79  
CYS OXT  O N N 80  
CYS H    H N N 81  
CYS H2   H N N 82  
CYS HA   H N N 83  
CYS HB2  H N N 84  
CYS HB3  H N N 85  
CYS HG   H N N 86  
CYS HXT  H N N 87  
EDO C1   C N N 88  
EDO O1   O N N 89  
EDO C2   C N N 90  
EDO O2   O N N 91  
EDO H11  H N N 92  
EDO H12  H N N 93  
EDO HO1  H N N 94  
EDO H21  H N N 95  
EDO H22  H N N 96  
EDO HO2  H N N 97  
GLN N    N N N 98  
GLN CA   C N S 99  
GLN C    C N N 100 
GLN O    O N N 101 
GLN CB   C N N 102 
GLN CG   C N N 103 
GLN CD   C N N 104 
GLN OE1  O N N 105 
GLN NE2  N N N 106 
GLN OXT  O N N 107 
GLN H    H N N 108 
GLN H2   H N N 109 
GLN HA   H N N 110 
GLN HB2  H N N 111 
GLN HB3  H N N 112 
GLN HG2  H N N 113 
GLN HG3  H N N 114 
GLN HE21 H N N 115 
GLN HE22 H N N 116 
GLN HXT  H N N 117 
GLU N    N N N 118 
GLU CA   C N S 119 
GLU C    C N N 120 
GLU O    O N N 121 
GLU CB   C N N 122 
GLU CG   C N N 123 
GLU CD   C N N 124 
GLU OE1  O N N 125 
GLU OE2  O N N 126 
GLU OXT  O N N 127 
GLU H    H N N 128 
GLU H2   H N N 129 
GLU HA   H N N 130 
GLU HB2  H N N 131 
GLU HB3  H N N 132 
GLU HG2  H N N 133 
GLU HG3  H N N 134 
GLU HE2  H N N 135 
GLU HXT  H N N 136 
GLY N    N N N 137 
GLY CA   C N N 138 
GLY C    C N N 139 
GLY O    O N N 140 
GLY OXT  O N N 141 
GLY H    H N N 142 
GLY H2   H N N 143 
GLY HA2  H N N 144 
GLY HA3  H N N 145 
GLY HXT  H N N 146 
HIS N    N N N 147 
HIS CA   C N S 148 
HIS C    C N N 149 
HIS O    O N N 150 
HIS CB   C N N 151 
HIS CG   C Y N 152 
HIS ND1  N Y N 153 
HIS CD2  C Y N 154 
HIS CE1  C Y N 155 
HIS NE2  N Y N 156 
HIS OXT  O N N 157 
HIS H    H N N 158 
HIS H2   H N N 159 
HIS HA   H N N 160 
HIS HB2  H N N 161 
HIS HB3  H N N 162 
HIS HD1  H N N 163 
HIS HD2  H N N 164 
HIS HE1  H N N 165 
HIS HE2  H N N 166 
HIS HXT  H N N 167 
HOH O    O N N 168 
HOH H1   H N N 169 
HOH H2   H N N 170 
ILE N    N N N 171 
ILE CA   C N S 172 
ILE C    C N N 173 
ILE O    O N N 174 
ILE CB   C N S 175 
ILE CG1  C N N 176 
ILE CG2  C N N 177 
ILE CD1  C N N 178 
ILE OXT  O N N 179 
ILE H    H N N 180 
ILE H2   H N N 181 
ILE HA   H N N 182 
ILE HB   H N N 183 
ILE HG12 H N N 184 
ILE HG13 H N N 185 
ILE HG21 H N N 186 
ILE HG22 H N N 187 
ILE HG23 H N N 188 
ILE HD11 H N N 189 
ILE HD12 H N N 190 
ILE HD13 H N N 191 
ILE HXT  H N N 192 
LEU N    N N N 193 
LEU CA   C N S 194 
LEU C    C N N 195 
LEU O    O N N 196 
LEU CB   C N N 197 
LEU CG   C N N 198 
LEU CD1  C N N 199 
LEU CD2  C N N 200 
LEU OXT  O N N 201 
LEU H    H N N 202 
LEU H2   H N N 203 
LEU HA   H N N 204 
LEU HB2  H N N 205 
LEU HB3  H N N 206 
LEU HG   H N N 207 
LEU HD11 H N N 208 
LEU HD12 H N N 209 
LEU HD13 H N N 210 
LEU HD21 H N N 211 
LEU HD22 H N N 212 
LEU HD23 H N N 213 
LEU HXT  H N N 214 
LYS N    N N N 215 
LYS CA   C N S 216 
LYS C    C N N 217 
LYS O    O N N 218 
LYS CB   C N N 219 
LYS CG   C N N 220 
LYS CD   C N N 221 
LYS CE   C N N 222 
LYS NZ   N N N 223 
LYS OXT  O N N 224 
LYS H    H N N 225 
LYS H2   H N N 226 
LYS HA   H N N 227 
LYS HB2  H N N 228 
LYS HB3  H N N 229 
LYS HG2  H N N 230 
LYS HG3  H N N 231 
LYS HD2  H N N 232 
LYS HD3  H N N 233 
LYS HE2  H N N 234 
LYS HE3  H N N 235 
LYS HZ1  H N N 236 
LYS HZ2  H N N 237 
LYS HZ3  H N N 238 
LYS HXT  H N N 239 
MET N    N N N 240 
MET CA   C N S 241 
MET C    C N N 242 
MET O    O N N 243 
MET CB   C N N 244 
MET CG   C N N 245 
MET SD   S N N 246 
MET CE   C N N 247 
MET OXT  O N N 248 
MET H    H N N 249 
MET H2   H N N 250 
MET HA   H N N 251 
MET HB2  H N N 252 
MET HB3  H N N 253 
MET HG2  H N N 254 
MET HG3  H N N 255 
MET HE1  H N N 256 
MET HE2  H N N 257 
MET HE3  H N N 258 
MET HXT  H N N 259 
PHE N    N N N 260 
PHE CA   C N S 261 
PHE C    C N N 262 
PHE O    O N N 263 
PHE CB   C N N 264 
PHE CG   C Y N 265 
PHE CD1  C Y N 266 
PHE CD2  C Y N 267 
PHE CE1  C Y N 268 
PHE CE2  C Y N 269 
PHE CZ   C Y N 270 
PHE OXT  O N N 271 
PHE H    H N N 272 
PHE H2   H N N 273 
PHE HA   H N N 274 
PHE HB2  H N N 275 
PHE HB3  H N N 276 
PHE HD1  H N N 277 
PHE HD2  H N N 278 
PHE HE1  H N N 279 
PHE HE2  H N N 280 
PHE HZ   H N N 281 
PHE HXT  H N N 282 
PRO N    N N N 283 
PRO CA   C N S 284 
PRO C    C N N 285 
PRO O    O N N 286 
PRO CB   C N N 287 
PRO CG   C N N 288 
PRO CD   C N N 289 
PRO OXT  O N N 290 
PRO H    H N N 291 
PRO HA   H N N 292 
PRO HB2  H N N 293 
PRO HB3  H N N 294 
PRO HG2  H N N 295 
PRO HG3  H N N 296 
PRO HD2  H N N 297 
PRO HD3  H N N 298 
PRO HXT  H N N 299 
SER N    N N N 300 
SER CA   C N S 301 
SER C    C N N 302 
SER O    O N N 303 
SER CB   C N N 304 
SER OG   O N N 305 
SER OXT  O N N 306 
SER H    H N N 307 
SER H2   H N N 308 
SER HA   H N N 309 
SER HB2  H N N 310 
SER HB3  H N N 311 
SER HG   H N N 312 
SER HXT  H N N 313 
THR N    N N N 314 
THR CA   C N S 315 
THR C    C N N 316 
THR O    O N N 317 
THR CB   C N R 318 
THR OG1  O N N 319 
THR CG2  C N N 320 
THR OXT  O N N 321 
THR H    H N N 322 
THR H2   H N N 323 
THR HA   H N N 324 
THR HB   H N N 325 
THR HG1  H N N 326 
THR HG21 H N N 327 
THR HG22 H N N 328 
THR HG23 H N N 329 
THR HXT  H N N 330 
TRP N    N N N 331 
TRP CA   C N S 332 
TRP C    C N N 333 
TRP O    O N N 334 
TRP CB   C N N 335 
TRP CG   C Y N 336 
TRP CD1  C Y N 337 
TRP CD2  C Y N 338 
TRP NE1  N Y N 339 
TRP CE2  C Y N 340 
TRP CE3  C Y N 341 
TRP CZ2  C Y N 342 
TRP CZ3  C Y N 343 
TRP CH2  C Y N 344 
TRP OXT  O N N 345 
TRP H    H N N 346 
TRP H2   H N N 347 
TRP HA   H N N 348 
TRP HB2  H N N 349 
TRP HB3  H N N 350 
TRP HD1  H N N 351 
TRP HE1  H N N 352 
TRP HE3  H N N 353 
TRP HZ2  H N N 354 
TRP HZ3  H N N 355 
TRP HH2  H N N 356 
TRP HXT  H N N 357 
TYR N    N N N 358 
TYR CA   C N S 359 
TYR C    C N N 360 
TYR O    O N N 361 
TYR CB   C N N 362 
TYR CG   C Y N 363 
TYR CD1  C Y N 364 
TYR CD2  C Y N 365 
TYR CE1  C Y N 366 
TYR CE2  C Y N 367 
TYR CZ   C Y N 368 
TYR OH   O N N 369 
TYR OXT  O N N 370 
TYR H    H N N 371 
TYR H2   H N N 372 
TYR HA   H N N 373 
TYR HB2  H N N 374 
TYR HB3  H N N 375 
TYR HD1  H N N 376 
TYR HD2  H N N 377 
TYR HE1  H N N 378 
TYR HE2  H N N 379 
TYR HH   H N N 380 
TYR HXT  H N N 381 
VAL N    N N N 382 
VAL CA   C N S 383 
VAL C    C N N 384 
VAL O    O N N 385 
VAL CB   C N N 386 
VAL CG1  C N N 387 
VAL CG2  C N N 388 
VAL OXT  O N N 389 
VAL H    H N N 390 
VAL H2   H N N 391 
VAL HA   H N N 392 
VAL HB   H N N 393 
VAL HG11 H N N 394 
VAL HG12 H N N 395 
VAL HG13 H N N 396 
VAL HG21 H N N 397 
VAL HG22 H N N 398 
VAL HG23 H N N 399 
VAL HXT  H N N 400 
# 
loop_
_chem_comp_bond.comp_id 
_chem_comp_bond.atom_id_1 
_chem_comp_bond.atom_id_2 
_chem_comp_bond.value_order 
_chem_comp_bond.pdbx_aromatic_flag 
_chem_comp_bond.pdbx_stereo_config 
_chem_comp_bond.pdbx_ordinal 
ALA N   CA   sing N N 1   
ALA N   H    sing N N 2   
ALA N   H2   sing N N 3   
ALA CA  C    sing N N 4   
ALA CA  CB   sing N N 5   
ALA CA  HA   sing N N 6   
ALA C   O    doub N N 7   
ALA C   OXT  sing N N 8   
ALA CB  HB1  sing N N 9   
ALA CB  HB2  sing N N 10  
ALA CB  HB3  sing N N 11  
ALA OXT HXT  sing N N 12  
ARG N   CA   sing N N 13  
ARG N   H    sing N N 14  
ARG N   H2   sing N N 15  
ARG CA  C    sing N N 16  
ARG CA  CB   sing N N 17  
ARG CA  HA   sing N N 18  
ARG C   O    doub N N 19  
ARG C   OXT  sing N N 20  
ARG CB  CG   sing N N 21  
ARG CB  HB2  sing N N 22  
ARG CB  HB3  sing N N 23  
ARG CG  CD   sing N N 24  
ARG CG  HG2  sing N N 25  
ARG CG  HG3  sing N N 26  
ARG CD  NE   sing N N 27  
ARG CD  HD2  sing N N 28  
ARG CD  HD3  sing N N 29  
ARG NE  CZ   sing N N 30  
ARG NE  HE   sing N N 31  
ARG CZ  NH1  sing N N 32  
ARG CZ  NH2  doub N N 33  
ARG NH1 HH11 sing N N 34  
ARG NH1 HH12 sing N N 35  
ARG NH2 HH21 sing N N 36  
ARG NH2 HH22 sing N N 37  
ARG OXT HXT  sing N N 38  
ASN N   CA   sing N N 39  
ASN N   H    sing N N 40  
ASN N   H2   sing N N 41  
ASN CA  C    sing N N 42  
ASN CA  CB   sing N N 43  
ASN CA  HA   sing N N 44  
ASN C   O    doub N N 45  
ASN C   OXT  sing N N 46  
ASN CB  CG   sing N N 47  
ASN CB  HB2  sing N N 48  
ASN CB  HB3  sing N N 49  
ASN CG  OD1  doub N N 50  
ASN CG  ND2  sing N N 51  
ASN ND2 HD21 sing N N 52  
ASN ND2 HD22 sing N N 53  
ASN OXT HXT  sing N N 54  
ASP N   CA   sing N N 55  
ASP N   H    sing N N 56  
ASP N   H2   sing N N 57  
ASP CA  C    sing N N 58  
ASP CA  CB   sing N N 59  
ASP CA  HA   sing N N 60  
ASP C   O    doub N N 61  
ASP C   OXT  sing N N 62  
ASP CB  CG   sing N N 63  
ASP CB  HB2  sing N N 64  
ASP CB  HB3  sing N N 65  
ASP CG  OD1  doub N N 66  
ASP CG  OD2  sing N N 67  
ASP OD2 HD2  sing N N 68  
ASP OXT HXT  sing N N 69  
CYS N   CA   sing N N 70  
CYS N   H    sing N N 71  
CYS N   H2   sing N N 72  
CYS CA  C    sing N N 73  
CYS CA  CB   sing N N 74  
CYS CA  HA   sing N N 75  
CYS C   O    doub N N 76  
CYS C   OXT  sing N N 77  
CYS CB  SG   sing N N 78  
CYS CB  HB2  sing N N 79  
CYS CB  HB3  sing N N 80  
CYS SG  HG   sing N N 81  
CYS OXT HXT  sing N N 82  
EDO C1  O1   sing N N 83  
EDO C1  C2   sing N N 84  
EDO C1  H11  sing N N 85  
EDO C1  H12  sing N N 86  
EDO O1  HO1  sing N N 87  
EDO C2  O2   sing N N 88  
EDO C2  H21  sing N N 89  
EDO C2  H22  sing N N 90  
EDO O2  HO2  sing N N 91  
GLN N   CA   sing N N 92  
GLN N   H    sing N N 93  
GLN N   H2   sing N N 94  
GLN CA  C    sing N N 95  
GLN CA  CB   sing N N 96  
GLN CA  HA   sing N N 97  
GLN C   O    doub N N 98  
GLN C   OXT  sing N N 99  
GLN CB  CG   sing N N 100 
GLN CB  HB2  sing N N 101 
GLN CB  HB3  sing N N 102 
GLN CG  CD   sing N N 103 
GLN CG  HG2  sing N N 104 
GLN CG  HG3  sing N N 105 
GLN CD  OE1  doub N N 106 
GLN CD  NE2  sing N N 107 
GLN NE2 HE21 sing N N 108 
GLN NE2 HE22 sing N N 109 
GLN OXT HXT  sing N N 110 
GLU N   CA   sing N N 111 
GLU N   H    sing N N 112 
GLU N   H2   sing N N 113 
GLU CA  C    sing N N 114 
GLU CA  CB   sing N N 115 
GLU CA  HA   sing N N 116 
GLU C   O    doub N N 117 
GLU C   OXT  sing N N 118 
GLU CB  CG   sing N N 119 
GLU CB  HB2  sing N N 120 
GLU CB  HB3  sing N N 121 
GLU CG  CD   sing N N 122 
GLU CG  HG2  sing N N 123 
GLU CG  HG3  sing N N 124 
GLU CD  OE1  doub N N 125 
GLU CD  OE2  sing N N 126 
GLU OE2 HE2  sing N N 127 
GLU OXT HXT  sing N N 128 
GLY N   CA   sing N N 129 
GLY N   H    sing N N 130 
GLY N   H2   sing N N 131 
GLY CA  C    sing N N 132 
GLY CA  HA2  sing N N 133 
GLY CA  HA3  sing N N 134 
GLY C   O    doub N N 135 
GLY C   OXT  sing N N 136 
GLY OXT HXT  sing N N 137 
HIS N   CA   sing N N 138 
HIS N   H    sing N N 139 
HIS N   H2   sing N N 140 
HIS CA  C    sing N N 141 
HIS CA  CB   sing N N 142 
HIS CA  HA   sing N N 143 
HIS C   O    doub N N 144 
HIS C   OXT  sing N N 145 
HIS CB  CG   sing N N 146 
HIS CB  HB2  sing N N 147 
HIS CB  HB3  sing N N 148 
HIS CG  ND1  sing Y N 149 
HIS CG  CD2  doub Y N 150 
HIS ND1 CE1  doub Y N 151 
HIS ND1 HD1  sing N N 152 
HIS CD2 NE2  sing Y N 153 
HIS CD2 HD2  sing N N 154 
HIS CE1 NE2  sing Y N 155 
HIS CE1 HE1  sing N N 156 
HIS NE2 HE2  sing N N 157 
HIS OXT HXT  sing N N 158 
HOH O   H1   sing N N 159 
HOH O   H2   sing N N 160 
ILE N   CA   sing N N 161 
ILE N   H    sing N N 162 
ILE N   H2   sing N N 163 
ILE CA  C    sing N N 164 
ILE CA  CB   sing N N 165 
ILE CA  HA   sing N N 166 
ILE C   O    doub N N 167 
ILE C   OXT  sing N N 168 
ILE CB  CG1  sing N N 169 
ILE CB  CG2  sing N N 170 
ILE CB  HB   sing N N 171 
ILE CG1 CD1  sing N N 172 
ILE CG1 HG12 sing N N 173 
ILE CG1 HG13 sing N N 174 
ILE CG2 HG21 sing N N 175 
ILE CG2 HG22 sing N N 176 
ILE CG2 HG23 sing N N 177 
ILE CD1 HD11 sing N N 178 
ILE CD1 HD12 sing N N 179 
ILE CD1 HD13 sing N N 180 
ILE OXT HXT  sing N N 181 
LEU N   CA   sing N N 182 
LEU N   H    sing N N 183 
LEU N   H2   sing N N 184 
LEU CA  C    sing N N 185 
LEU CA  CB   sing N N 186 
LEU CA  HA   sing N N 187 
LEU C   O    doub N N 188 
LEU C   OXT  sing N N 189 
LEU CB  CG   sing N N 190 
LEU CB  HB2  sing N N 191 
LEU CB  HB3  sing N N 192 
LEU CG  CD1  sing N N 193 
LEU CG  CD2  sing N N 194 
LEU CG  HG   sing N N 195 
LEU CD1 HD11 sing N N 196 
LEU CD1 HD12 sing N N 197 
LEU CD1 HD13 sing N N 198 
LEU CD2 HD21 sing N N 199 
LEU CD2 HD22 sing N N 200 
LEU CD2 HD23 sing N N 201 
LEU OXT HXT  sing N N 202 
LYS N   CA   sing N N 203 
LYS N   H    sing N N 204 
LYS N   H2   sing N N 205 
LYS CA  C    sing N N 206 
LYS CA  CB   sing N N 207 
LYS CA  HA   sing N N 208 
LYS C   O    doub N N 209 
LYS C   OXT  sing N N 210 
LYS CB  CG   sing N N 211 
LYS CB  HB2  sing N N 212 
LYS CB  HB3  sing N N 213 
LYS CG  CD   sing N N 214 
LYS CG  HG2  sing N N 215 
LYS CG  HG3  sing N N 216 
LYS CD  CE   sing N N 217 
LYS CD  HD2  sing N N 218 
LYS CD  HD3  sing N N 219 
LYS CE  NZ   sing N N 220 
LYS CE  HE2  sing N N 221 
LYS CE  HE3  sing N N 222 
LYS NZ  HZ1  sing N N 223 
LYS NZ  HZ2  sing N N 224 
LYS NZ  HZ3  sing N N 225 
LYS OXT HXT  sing N N 226 
MET N   CA   sing N N 227 
MET N   H    sing N N 228 
MET N   H2   sing N N 229 
MET CA  C    sing N N 230 
MET CA  CB   sing N N 231 
MET CA  HA   sing N N 232 
MET C   O    doub N N 233 
MET C   OXT  sing N N 234 
MET CB  CG   sing N N 235 
MET CB  HB2  sing N N 236 
MET CB  HB3  sing N N 237 
MET CG  SD   sing N N 238 
MET CG  HG2  sing N N 239 
MET CG  HG3  sing N N 240 
MET SD  CE   sing N N 241 
MET CE  HE1  sing N N 242 
MET CE  HE2  sing N N 243 
MET CE  HE3  sing N N 244 
MET OXT HXT  sing N N 245 
PHE N   CA   sing N N 246 
PHE N   H    sing N N 247 
PHE N   H2   sing N N 248 
PHE CA  C    sing N N 249 
PHE CA  CB   sing N N 250 
PHE CA  HA   sing N N 251 
PHE C   O    doub N N 252 
PHE C   OXT  sing N N 253 
PHE CB  CG   sing N N 254 
PHE CB  HB2  sing N N 255 
PHE CB  HB3  sing N N 256 
PHE CG  CD1  doub Y N 257 
PHE CG  CD2  sing Y N 258 
PHE CD1 CE1  sing Y N 259 
PHE CD1 HD1  sing N N 260 
PHE CD2 CE2  doub Y N 261 
PHE CD2 HD2  sing N N 262 
PHE CE1 CZ   doub Y N 263 
PHE CE1 HE1  sing N N 264 
PHE CE2 CZ   sing Y N 265 
PHE CE2 HE2  sing N N 266 
PHE CZ  HZ   sing N N 267 
PHE OXT HXT  sing N N 268 
PRO N   CA   sing N N 269 
PRO N   CD   sing N N 270 
PRO N   H    sing N N 271 
PRO CA  C    sing N N 272 
PRO CA  CB   sing N N 273 
PRO CA  HA   sing N N 274 
PRO C   O    doub N N 275 
PRO C   OXT  sing N N 276 
PRO CB  CG   sing N N 277 
PRO CB  HB2  sing N N 278 
PRO CB  HB3  sing N N 279 
PRO CG  CD   sing N N 280 
PRO CG  HG2  sing N N 281 
PRO CG  HG3  sing N N 282 
PRO CD  HD2  sing N N 283 
PRO CD  HD3  sing N N 284 
PRO OXT HXT  sing N N 285 
SER N   CA   sing N N 286 
SER N   H    sing N N 287 
SER N   H2   sing N N 288 
SER CA  C    sing N N 289 
SER CA  CB   sing N N 290 
SER CA  HA   sing N N 291 
SER C   O    doub N N 292 
SER C   OXT  sing N N 293 
SER CB  OG   sing N N 294 
SER CB  HB2  sing N N 295 
SER CB  HB3  sing N N 296 
SER OG  HG   sing N N 297 
SER OXT HXT  sing N N 298 
THR N   CA   sing N N 299 
THR N   H    sing N N 300 
THR N   H2   sing N N 301 
THR CA  C    sing N N 302 
THR CA  CB   sing N N 303 
THR CA  HA   sing N N 304 
THR C   O    doub N N 305 
THR C   OXT  sing N N 306 
THR CB  OG1  sing N N 307 
THR CB  CG2  sing N N 308 
THR CB  HB   sing N N 309 
THR OG1 HG1  sing N N 310 
THR CG2 HG21 sing N N 311 
THR CG2 HG22 sing N N 312 
THR CG2 HG23 sing N N 313 
THR OXT HXT  sing N N 314 
TRP N   CA   sing N N 315 
TRP N   H    sing N N 316 
TRP N   H2   sing N N 317 
TRP CA  C    sing N N 318 
TRP CA  CB   sing N N 319 
TRP CA  HA   sing N N 320 
TRP C   O    doub N N 321 
TRP C   OXT  sing N N 322 
TRP CB  CG   sing N N 323 
TRP CB  HB2  sing N N 324 
TRP CB  HB3  sing N N 325 
TRP CG  CD1  doub Y N 326 
TRP CG  CD2  sing Y N 327 
TRP CD1 NE1  sing Y N 328 
TRP CD1 HD1  sing N N 329 
TRP CD2 CE2  doub Y N 330 
TRP CD2 CE3  sing Y N 331 
TRP NE1 CE2  sing Y N 332 
TRP NE1 HE1  sing N N 333 
TRP CE2 CZ2  sing Y N 334 
TRP CE3 CZ3  doub Y N 335 
TRP CE3 HE3  sing N N 336 
TRP CZ2 CH2  doub Y N 337 
TRP CZ2 HZ2  sing N N 338 
TRP CZ3 CH2  sing Y N 339 
TRP CZ3 HZ3  sing N N 340 
TRP CH2 HH2  sing N N 341 
TRP OXT HXT  sing N N 342 
TYR N   CA   sing N N 343 
TYR N   H    sing N N 344 
TYR N   H2   sing N N 345 
TYR CA  C    sing N N 346 
TYR CA  CB   sing N N 347 
TYR CA  HA   sing N N 348 
TYR C   O    doub N N 349 
TYR C   OXT  sing N N 350 
TYR CB  CG   sing N N 351 
TYR CB  HB2  sing N N 352 
TYR CB  HB3  sing N N 353 
TYR CG  CD1  doub Y N 354 
TYR CG  CD2  sing Y N 355 
TYR CD1 CE1  sing Y N 356 
TYR CD1 HD1  sing N N 357 
TYR CD2 CE2  doub Y N 358 
TYR CD2 HD2  sing N N 359 
TYR CE1 CZ   doub Y N 360 
TYR CE1 HE1  sing N N 361 
TYR CE2 CZ   sing Y N 362 
TYR CE2 HE2  sing N N 363 
TYR CZ  OH   sing N N 364 
TYR OH  HH   sing N N 365 
TYR OXT HXT  sing N N 366 
VAL N   CA   sing N N 367 
VAL N   H    sing N N 368 
VAL N   H2   sing N N 369 
VAL CA  C    sing N N 370 
VAL CA  CB   sing N N 371 
VAL CA  HA   sing N N 372 
VAL C   O    doub N N 373 
VAL C   OXT  sing N N 374 
VAL CB  CG1  sing N N 375 
VAL CB  CG2  sing N N 376 
VAL CB  HB   sing N N 377 
VAL CG1 HG11 sing N N 378 
VAL CG1 HG12 sing N N 379 
VAL CG1 HG13 sing N N 380 
VAL CG2 HG21 sing N N 381 
VAL CG2 HG22 sing N N 382 
VAL CG2 HG23 sing N N 383 
VAL OXT HXT  sing N N 384 
# 
_pdbx_initial_refinement_model.id               1 
_pdbx_initial_refinement_model.entity_id_list   ? 
_pdbx_initial_refinement_model.type             'experimental model' 
_pdbx_initial_refinement_model.source_name      PDB 
_pdbx_initial_refinement_model.accession_code   1G0X 
_pdbx_initial_refinement_model.details          'PDB ENTRY 1G0X' 
# 
_atom_sites.entry_id                    1OLL 
_atom_sites.fract_transf_matrix[1][1]   -0.00255162 
_atom_sites.fract_transf_matrix[1][2]   0.00659269 
_atom_sites.fract_transf_matrix[1][3]   -0.01151125 
_atom_sites.fract_transf_matrix[2][1]   -0.01274084 
_atom_sites.fract_transf_matrix[2][2]   0.00285146 
_atom_sites.fract_transf_matrix[2][3]   -0.00346888 
_atom_sites.fract_transf_matrix[3][1]   0.00105138 
_atom_sites.fract_transf_matrix[3][2]   0.01455535 
_atom_sites.fract_transf_matrix[3][3]   0.00810305 
_atom_sites.fract_transf_vector[1]      0.324418 
_atom_sites.fract_transf_vector[2]      0.947203 
_atom_sites.fract_transf_vector[3]      0.029570 
# 
loop_
_atom_type.symbol 
C 
N 
O 
S 
# 
loop_
_atom_site.group_PDB 
_atom_site.id 
_atom_site.type_symbol 
_atom_site.label_atom_id 
_atom_site.label_alt_id 
_atom_site.label_comp_id 
_atom_site.label_asym_id 
_atom_site.label_entity_id 
_atom_site.label_seq_id 
_atom_site.pdbx_PDB_ins_code 
_atom_site.Cartn_x 
_atom_site.Cartn_y 
_atom_site.Cartn_z 
_atom_site.occupancy 
_atom_site.B_iso_or_equiv 
_atom_site.pdbx_formal_charge 
_atom_site.auth_seq_id 
_atom_site.auth_comp_id 
_atom_site.auth_asym_id 
_atom_site.auth_atom_id 
_atom_site.pdbx_PDB_model_num 
ATOM   1    N N   . THR A 1 1   ? 16.807  17.212  18.720  1.00   76.34 ? 1    THR A N   1 
ATOM   2    C CA  . THR A 1 1   ? 15.851  16.998  19.849  1.00   76.40 ? 1    THR A CA  1 
ATOM   3    C C   . THR A 1 1   ? 15.244  15.585  19.824  1.00   72.48 ? 1    THR A C   1 
ATOM   4    O O   . THR A 1 1   ? 15.891  14.609  20.231  1.00   74.89 ? 1    THR A O   1 
ATOM   5    C CB  . THR A 1 1   ? 14.732  18.077  19.835  1.00   76.74 ? 1    THR A CB  1 
ATOM   6    O OG1 . THR A 1 1   ? 14.320  18.334  18.485  1.00   80.82 ? 1    THR A OG1 1 
ATOM   7    C CG2 . THR A 1 1   ? 15.280  19.427  20.296  1.00   81.93 ? 1    THR A CG2 1 
ATOM   8    N N   . LEU A 1 2   ? 14.000  15.485  19.356  1.00   65.47 ? 2    LEU A N   1 
ATOM   9    C CA  . LEU A 1 2   ? 13.328  14.191  19.196  1.00   52.89 ? 2    LEU A CA  1 
ATOM   10   C C   . LEU A 1 2   ? 13.352  13.769  17.730  1.00   43.98 ? 2    LEU A C   1 
ATOM   11   O O   . LEU A 1 2   ? 12.829  14.474  16.870  1.00   42.66 ? 2    LEU A O   1 
ATOM   12   C CB  . LEU A 1 2   ? 11.876  14.287  19.674  1.00   52.17 ? 2    LEU A CB  1 
ATOM   13   C CG  . LEU A 1 2   ? 11.639  14.903  21.048  1.00   51.32 ? 2    LEU A CG  1 
ATOM   14   C CD1 . LEU A 1 2   ? 10.183  15.305  21.204  1.00   56.41 ? 2    LEU A CD1 1 
ATOM   15   C CD2 . LEU A 1 2   ? 12.044  13.935  22.139  1.00   56.73 ? 2    LEU A CD2 1 
ATOM   16   N N   . PRO A 1 3   ? 13.967  12.626  17.446  1.00   40.03 ? 3    PRO A N   1 
ATOM   17   C CA  . PRO A 1 3   ? 14.061  12.122  16.071  1.00   36.74 ? 3    PRO A CA  1 
ATOM   18   C C   . PRO A 1 3   ? 12.678  12.001  15.439  1.00   36.86 ? 3    PRO A C   1 
ATOM   19   O O   . PRO A 1 3   ? 11.709  11.639  16.131  1.00   31.01 ? 3    PRO A O   1 
ATOM   20   C CB  . PRO A 1 3   ? 14.696  10.736  16.237  1.00   35.75 ? 3    PRO A CB  1 
ATOM   21   C CG  . PRO A 1 3   ? 14.609  10.429  17.710  1.00   45.88 ? 3    PRO A CG  1 
ATOM   22   C CD  . PRO A 1 3   ? 14.609  11.731  18.421  1.00   41.82 ? 3    PRO A CD  1 
ATOM   23   N N   . LYS A 1 4   ? 12.580  12.334  14.158  1.00   35.44 ? 4    LYS A N   1 
ATOM   24   C CA  . LYS A 1 4   ? 11.324  12.211  13.423  1.00   37.86 ? 4    LYS A CA  1 
ATOM   25   C C   . LYS A 1 4   ? 10.821  10.766  13.525  1.00   36.70 ? 4    LYS A C   1 
ATOM   26   O O   . LYS A 1 4   ? 11.579  9.817   13.276  1.00   33.33 ? 4    LYS A O   1 
ATOM   27   C CB  . LYS A 1 4   ? 11.544  12.579  11.956  1.00   38.77 ? 4    LYS A CB  1 
ATOM   28   C CG  . LYS A 1 4   ? 10.266  12.686  11.107  1.00   37.43 ? 4    LYS A CG  1 
ATOM   29   C CD  . LYS A 1 4   ? 10.604  13.162  9.696   1.00   41.26 ? 4    LYS A CD  1 
ATOM   30   C CE  . LYS A 1 4   ? 9.341   13.304  8.842   1.00   38.86 ? 4    LYS A CE  1 
ATOM   31   N NZ  . LYS A 1 4   ? 9.652   13.482  7.390   1.00   43.22 ? 4    LYS A NZ  1 
ATOM   32   N N   . PRO A 1 5   ? 9.552   10.596  13.888  1.00   33.35 ? 5    PRO A N   1 
ATOM   33   C CA  . PRO A 1 5   ? 8.949   9.260   13.917  1.00   28.54 ? 5    PRO A CA  1 
ATOM   34   C C   . PRO A 1 5   ? 8.755   8.708   12.511  1.00   28.77 ? 5    PRO A C   1 
ATOM   35   O O   . PRO A 1 5   ? 8.768   9.459   11.534  1.00   27.99 ? 5    PRO A O   1 
ATOM   36   C CB  . PRO A 1 5   ? 7.592   9.473   14.631  1.00   26.33 ? 5    PRO A CB  1 
ATOM   37   C CG  . PRO A 1 5   ? 7.332   10.945  14.626  1.00   26.90 ? 5    PRO A CG  1 
ATOM   38   C CD  . PRO A 1 5   ? 8.615   11.658  14.315  1.00   36.35 ? 5    PRO A CD  1 
ATOM   39   N N   . PHE A 1 6   ? 8.613   7.390   12.421  1.00   28.72 ? 6    PHE A N   1 
ATOM   40   C CA  . PHE A 1 6   ? 8.460   6.699   11.156  1.00   25.73 ? 6    PHE A CA  1 
ATOM   41   C C   . PHE A 1 6   ? 7.302   5.738   11.301  1.00   29.57 ? 6    PHE A C   1 
ATOM   42   O O   . PHE A 1 6   ? 7.227   5.009   12.285  1.00   27.80 ? 6    PHE A O   1 
ATOM   43   C CB  . PHE A 1 6   ? 9.725   5.894   10.803  1.00   27.20 ? 6    PHE A CB  1 
ATOM   44   C CG  . PHE A 1 6   ? 9.630   5.195   9.473   1.00   38.22 ? 6    PHE A CG  1 
ATOM   45   C CD1 . PHE A 1 6   ? 9.583   5.931   8.292   1.00   38.01 ? 6    PHE A CD1 1 
ATOM   46   C CD2 . PHE A 1 6   ? 9.536   3.822   9.399   1.00   40.99 ? 6    PHE A CD2 1 
ATOM   47   C CE1 . PHE A 1 6   ? 9.459   5.296   7.063   1.00   45.01 ? 6    PHE A CE1 1 
ATOM   48   C CE2 . PHE A 1 6   ? 9.420   3.184   8.170   1.00   46.26 ? 6    PHE A CE2 1 
ATOM   49   C CZ  . PHE A 1 6   ? 9.375   3.921   7.007   1.00   42.43 ? 6    PHE A CZ  1 
ATOM   50   N N   . ILE A 1 7   ? 6.389   5.744   10.334  1.00   27.11 ? 7    ILE A N   1 
ATOM   51   C CA  . ILE A 1 7   ? 5.292   4.793   10.346  1.00   28.59 ? 7    ILE A CA  1 
ATOM   52   C C   . ILE A 1 7   ? 5.247   3.955   9.108   1.00   31.28 ? 7    ILE A C   1 
ATOM   53   O O   . ILE A 1 7   ? 5.683   4.376   8.025   1.00   32.62 ? 7    ILE A O   1 
ATOM   54   C CB  . ILE A 1 7   ? 3.934   5.494   10.539  1.00   31.77 ? 7    ILE A CB  1 
ATOM   55   C CG1 . ILE A 1 7   ? 3.688   6.518   9.421   1.00   25.17 ? 7    ILE A CG1 1 
ATOM   56   C CG2 . ILE A 1 7   ? 3.846   6.130   11.923  1.00   31.21 ? 7    ILE A CG2 1 
ATOM   57   C CD1 . ILE A 1 7   ? 2.270   7.072   9.440   1.00   35.89 ? 7    ILE A CD1 1 
ATOM   58   N N   . TRP A 1 8   ? 4.699   2.763   9.257   1.00   29.44 ? 8    TRP A N   1 
ATOM   59   C CA  . TRP A 1 8   ? 4.531   1.865   8.140   1.00   29.85 ? 8    TRP A CA  1 
ATOM   60   C C   . TRP A 1 8   ? 3.396   0.904   8.432   1.00   29.63 ? 8    TRP A C   1 
ATOM   61   O O   . TRP A 1 8   ? 2.979   0.761   9.576   1.00   29.76 ? 8    TRP A O   1 
ATOM   62   C CB  . TRP A 1 8   ? 5.840   1.111   7.838   1.00   28.30 ? 8    TRP A CB  1 
ATOM   63   C CG  . TRP A 1 8   ? 6.262   0.095   8.871   1.00   30.83 ? 8    TRP A CG  1 
ATOM   64   C CD1 . TRP A 1 8   ? 6.061   -1.254  8.827   1.00   35.34 ? 8    TRP A CD1 1 
ATOM   65   C CD2 . TRP A 1 8   ? 7.026   0.343   10.053  1.00   28.57 ? 8    TRP A CD2 1 
ATOM   66   N NE1 . TRP A 1 8   ? 6.621   -1.855  9.928   1.00   31.70 ? 8    TRP A NE1 1 
ATOM   67   C CE2 . TRP A 1 8   ? 7.223   -0.897  10.697  1.00   35.77 ? 8    TRP A CE2 1 
ATOM   68   C CE3 . TRP A 1 8   ? 7.548   1.496   10.650  1.00   30.21 ? 8    TRP A CE3 1 
ATOM   69   C CZ2 . TRP A 1 8   ? 7.922   -1.016  11.899  1.00   33.45 ? 8    TRP A CZ2 1 
ATOM   70   C CZ3 . TRP A 1 8   ? 8.239   1.379   11.848  1.00   37.04 ? 8    TRP A CZ3 1 
ATOM   71   C CH2 . TRP A 1 8   ? 8.418   0.139   12.458  1.00   31.33 ? 8    TRP A CH2 1 
ATOM   72   N N   . ALA A 1 9   ? 2.887   0.261   7.393   1.00   28.36 ? 9    ALA A N   1 
ATOM   73   C CA  . ALA A 1 9   ? 1.744   -0.639  7.537   1.00   30.85 ? 9    ALA A CA  1 
ATOM   74   C C   . ALA A 1 9   ? 2.204   -2.103  7.494   1.00   29.63 ? 9    ALA A C   1 
ATOM   75   O O   . ALA A 1 9   ? 3.158   -2.442  6.781   1.00   29.49 ? 9    ALA A O   1 
ATOM   76   C CB  . ALA A 1 9   ? 0.697   -0.360  6.422   1.00   29.27 ? 9    ALA A CB  1 
ATOM   77   N N   . GLU A 1 10  ? 1.533   -2.966  8.257   1.00   27.40 ? 10   GLU A N   1 
ATOM   78   C CA  . GLU A 1 10  ? 1.762   -4.419  8.147   1.00   30.26 ? 10   GLU A CA  1 
ATOM   79   C C   . GLU A 1 10  ? 0.430   -5.138  8.022   1.00   31.34 ? 10   GLU A C   1 
ATOM   80   O O   . GLU A 1 10  ? -0.478  -4.880  8.803   1.00   34.67 ? 10   GLU A O   1 
ATOM   81   C CB  . GLU A 1 10  ? 2.532   -4.936  9.376   1.00   32.77 ? 10   GLU A CB  1 
ATOM   82   C CG  . GLU A 1 10  ? 3.913   -4.318  9.523   1.00   29.00 ? 10   GLU A CG  1 
ATOM   83   C CD  . GLU A 1 10  ? 4.714   -4.856  10.711  1.00   42.14 ? 10   GLU A CD  1 
ATOM   84   O OE1 . GLU A 1 10  ? 4.123   -5.442  11.621  1.00   43.11 ? 10   GLU A OE1 1 
ATOM   85   O OE2 . GLU A 1 10  ? 5.949   -4.670  10.725  1.00   44.45 ? 10   GLU A OE2 1 
ATOM   86   N N   . PRO A 1 11  ? 0.309   -6.051  7.052   1.00   32.22 ? 11   PRO A N   1 
ATOM   87   C CA  . PRO A 1 11  ? 1.431   -6.492  6.196   1.00   36.39 ? 11   PRO A CA  1 
ATOM   88   C C   . PRO A 1 11  ? 1.790   -5.495  5.093   1.00   36.06 ? 11   PRO A C   1 
ATOM   89   O O   . PRO A 1 11  ? 2.903   -5.534  4.568   1.00   36.47 ? 11   PRO A O   1 
ATOM   90   C CB  . PRO A 1 11  ? 0.888   -7.781  5.556   1.00   38.49 ? 11   PRO A CB  1 
ATOM   91   C CG  . PRO A 1 11  ? -0.592  -7.551  5.483   1.00   37.63 ? 11   PRO A CG  1 
ATOM   92   C CD  . PRO A 1 11  ? -0.941  -6.775  6.752   1.00   34.18 ? 11   PRO A CD  1 
ATOM   93   N N   . HIS A 1 12  ? 0.855   -4.622  4.742   1.00   36.53 ? 12   HIS A N   1 
ATOM   94   C CA  . HIS A 1 12  ? 1.158   -3.493  3.855   1.00   36.85 ? 12   HIS A CA  1 
ATOM   95   C C   . HIS A 1 12  ? -0.050  -2.559  3.755   1.00   33.51 ? 12   HIS A C   1 
ATOM   96   O O   . HIS A 1 12  ? -1.058  -2.744  4.461   1.00   32.29 ? 12   HIS A O   1 
ATOM   97   C CB  . HIS A 1 12  ? 1.526   -3.997  2.472   1.00   42.76 ? 12   HIS A CB  1 
ATOM   98   C CG  . HIS A 1 12  ? 0.531   -4.946  1.914   1.00   34.47 ? 12   HIS A CG  1 
ATOM   99   N ND1 . HIS A 1 12  ? 0.733   -6.311  1.899   1.00   56.40 ? 12   HIS A ND1 1 
ATOM   100  C CD2 . HIS A 1 12  ? -0.705  -4.744  1.406   1.00   44.05 ? 12   HIS A CD2 1 
ATOM   101  C CE1 . HIS A 1 12  ? -0.326  -6.904  1.380   1.00   40.32 ? 12   HIS A CE1 1 
ATOM   102  N NE2 . HIS A 1 12  ? -1.213  -5.976  1.071   1.00   53.74 ? 12   HIS A NE2 1 
ATOM   103  N N   . PHE A 1 13  ? 0.054   -1.563  2.878   1.00   27.48 ? 13   PHE A N   1 
ATOM   104  C CA  . PHE A 1 13  ? -0.850  -0.423  2.905   1.00   25.37 ? 13   PHE A CA  1 
ATOM   105  C C   . PHE A 1 13  ? -2.125  -0.724  2.142   1.00   27.37 ? 13   PHE A C   1 
ATOM   106  O O   . PHE A 1 13  ? -3.082  0.030   2.212   1.00   28.52 ? 13   PHE A O   1 
ATOM   107  C CB  . PHE A 1 13  ? -0.171  0.823   2.320   1.00   28.89 ? 13   PHE A CB  1 
ATOM   108  C CG  . PHE A 1 13  ? -0.120  0.847   0.802   1.00   27.15 ? 13   PHE A CG  1 
ATOM   109  C CD1 . PHE A 1 13  ? -1.122  1.473   0.071   1.00   26.07 ? 13   PHE A CD1 1 
ATOM   110  C CD2 . PHE A 1 13  ? 0.950   0.280   0.119   1.00   34.47 ? 13   PHE A CD2 1 
ATOM   111  C CE1 . PHE A 1 13  ? -1.075  1.518   -1.315  1.00   29.16 ? 13   PHE A CE1 1 
ATOM   112  C CE2 . PHE A 1 13  ? 1.011   0.314   -1.264  1.00   34.65 ? 13   PHE A CE2 1 
ATOM   113  C CZ  . PHE A 1 13  ? 0.002   0.942   -1.985  1.00   29.24 ? 13   PHE A CZ  1 
ATOM   114  N N   . MET A 1 14  ? -2.131  -1.836  1.411   1.00   23.60 ? 14   MET A N   1 
ATOM   115  C CA  . MET A 1 14  ? -3.315  -2.246  0.656   1.00   26.60 ? 14   MET A CA  1 
ATOM   116  C C   . MET A 1 14  ? -4.202  -3.182  1.502   1.00   26.54 ? 14   MET A C   1 
ATOM   117  O O   . MET A 1 14  ? -3.853  -4.335  1.723   1.00   28.79 ? 14   MET A O   1 
ATOM   118  C CB  . MET A 1 14  ? -2.882  -2.957  -0.628  1.00   25.79 ? 14   MET A CB  1 
ATOM   119  C CG  . MET A 1 14  ? -2.407  -2.013  -1.728  1.00   30.30 ? 14   MET A CG  1 
ATOM   120  S SD  . MET A 1 14  ? -1.404  -2.924  -2.936  1.00   33.52 ? 14   MET A SD  1 
ATOM   121  C CE  . MET A 1 14  ? -0.020  -3.481  -1.848  1.00   46.15 ? 14   MET A CE  1 
ATOM   122  N N   . VAL A 1 15  ? -5.350  -2.681  1.954   1.00   29.06 ? 15   VAL A N   1 
ATOM   123  C CA  . VAL A 1 15  ? -6.175  -3.410  2.933   1.00   30.51 ? 15   VAL A CA  1 
ATOM   124  C C   . VAL A 1 15  ? -7.553  -3.780  2.377   1.00   28.65 ? 15   VAL A C   1 
ATOM   125  O O   . VAL A 1 15  ? -8.405  -2.899  2.152   1.00   30.22 ? 15   VAL A O   1 
ATOM   126  C CB  . VAL A 1 15  ? -6.362  -2.576  4.220   1.00   33.80 ? 15   VAL A CB  1 
ATOM   127  C CG1 . VAL A 1 15  ? -7.045  -3.424  5.340   1.00   29.74 ? 15   VAL A CG1 1 
ATOM   128  C CG2 . VAL A 1 15  ? -5.006  -1.985  4.690   1.00   23.10 ? 15   VAL A CG2 1 
ATOM   129  N N   . PRO A 1 16  ? -7.792  -5.076  2.180   1.00   31.72 ? 16   PRO A N   1 
ATOM   130  C CA  . PRO A 1 16  ? -9.115  -5.546  1.735   1.00   32.62 ? 16   PRO A CA  1 
ATOM   131  C C   . PRO A 1 16  ? -10.210 -5.089  2.695   1.00   35.99 ? 16   PRO A C   1 
ATOM   132  O O   . PRO A 1 16  ? -10.008 -5.079  3.914   1.00   32.47 ? 16   PRO A O   1 
ATOM   133  C CB  . PRO A 1 16  ? -8.969  -7.083  1.739   1.00   30.53 ? 16   PRO A CB  1 
ATOM   134  C CG  . PRO A 1 16  ? -7.476  -7.319  1.547   1.00   36.26 ? 16   PRO A CG  1 
ATOM   135  C CD  . PRO A 1 16  ? -6.818  -6.186  2.345   1.00   29.31 ? 16   PRO A CD  1 
ATOM   136  N N   . LYS A 1 17  ? -11.349 -4.683  2.152   1.00   33.56 ? 17   LYS A N   1 
ATOM   137  C CA  . LYS A 1 17  ? -12.446 -4.252  2.994   1.00   37.69 ? 17   LYS A CA  1 
ATOM   138  C C   . LYS A 1 17  ? -12.748 -5.363  3.993   1.00   37.69 ? 17   LYS A C   1 
ATOM   139  O O   . LYS A 1 17  ? -12.628 -6.544  3.667   1.00   32.48 ? 17   LYS A O   1 
ATOM   140  C CB  . LYS A 1 17  ? -13.686 -3.920  2.156   1.00   35.69 ? 17   LYS A CB  1 
ATOM   141  C CG  . LYS A 1 17  ? -14.325 -5.123  1.437   1.00   43.32 ? 17   LYS A CG  1 
ATOM   142  C CD  . LYS A 1 17  ? -15.779 -4.811  1.020   1.00   53.61 ? 17   LYS A CD  1 
ATOM   143  C CE  . LYS A 1 17  ? -16.241 -5.683  -0.165  1.00   47.35 ? 17   LYS A CE  1 
ATOM   144  N NZ  . LYS A 1 17  ? -15.442 -6.934  -0.289  1.00   47.91 ? 17   LYS A NZ  1 
ATOM   145  N N   . GLU A 1 18  ? -13.081 -4.979  5.223   1.00   37.71 ? 18   GLU A N   1 
ATOM   146  C CA  . GLU A 1 18  ? -13.419 -5.944  6.269   1.00   39.08 ? 18   GLU A CA  1 
ATOM   147  C C   . GLU A 1 18  ? -12.216 -6.675  6.872   1.00   40.66 ? 18   GLU A C   1 
ATOM   148  O O   . GLU A 1 18  ? -12.348 -7.395  7.865   1.00   41.41 ? 18   GLU A O   1 
ATOM   149  C CB  . GLU A 1 18  ? -14.474 -6.944  5.759   1.00   40.30 ? 18   GLU A CB  1 
ATOM   150  C CG  . GLU A 1 18  ? -15.804 -6.285  5.415   1.00   51.26 ? 18   GLU A CG  1 
ATOM   151  C CD  . GLU A 1 18  ? -16.841 -7.266  4.874   1.00   61.03 ? 18   GLU A CD  1 
ATOM   152  O OE1 . GLU A 1 18  ? -16.607 -8.495  4.931   1.00   59.37 ? 18   GLU A OE1 1 
ATOM   153  O OE2 . GLU A 1 18  ? -17.892 -6.801  4.392   1.00   63.11 ? 18   GLU A OE2 1 
ATOM   154  N N   . LYS A 1 19  ? -11.037 -6.500  6.289   1.00   34.70 ? 19   LYS A N   1 
ATOM   155  C CA  . LYS A 1 19  ? -9.854  -7.149  6.858   1.00   31.90 ? 19   LYS A CA  1 
ATOM   156  C C   . LYS A 1 19  ? -9.133  -6.231  7.845   1.00   33.66 ? 19   LYS A C   1 
ATOM   157  O O   . LYS A 1 19  ? -9.590  -5.129  8.132   1.00   36.02 ? 19   LYS A O   1 
ATOM   158  C CB  . LYS A 1 19  ? -8.904  -7.624  5.756   1.00   36.08 ? 19   LYS A CB  1 
ATOM   159  C CG  . LYS A 1 19  ? -9.518  -8.687  4.817   1.00   43.65 ? 19   LYS A CG  1 
ATOM   160  C CD  . LYS A 1 19  ? -9.849  -9.976  5.573   1.00   54.46 ? 19   LYS A CD  1 
ATOM   161  C CE  . LYS A 1 19  ? -10.055 -11.149 4.612   1.00   60.08 ? 19   LYS A CE  1 
ATOM   162  N NZ  . LYS A 1 19  ? -11.382 -11.082 3.938   1.00   64.45 ? 19   LYS A NZ  1 
ATOM   163  N N   . GLN A 1 20  ? -8.005  -6.691  8.348   1.00   34.76 ? 20   GLN A N   1 
ATOM   164  C CA  . GLN A 1 20  ? -7.301  -5.976  9.391   1.00   39.14 ? 20   GLN A CA  1 
ATOM   165  C C   . GLN A 1 20  ? -5.938  -5.531  8.878   1.00   33.10 ? 20   GLN A C   1 
ATOM   166  O O   . GLN A 1 20  ? -5.342  -6.178  8.027   1.00   31.37 ? 20   GLN A O   1 
ATOM   167  C CB  . GLN A 1 20  ? -7.136  -6.869  10.622  1.00   40.65 ? 20   GLN A CB  1 
ATOM   168  C CG  . GLN A 1 20  ? -6.171  -8.023  10.413  1.00   55.55 ? 20   GLN A CG  1 
ATOM   169  C CD  . GLN A 1 20  ? -7.402  -9.126  9.638   0.0000 72.22 ? 20   GLN A CD  1 
ATOM   170  O OE1 . GLN A 1 20  ? -8.504  -9.430  10.108  0.0000 74.29 ? 20   GLN A OE1 1 
ATOM   171  N NE2 . GLN A 1 20  ? -6.946  -9.617  8.485   0.0000 59.98 ? 20   GLN A NE2 1 
ATOM   172  N N   . VAL A 1 21  ? -5.469  -4.399  9.369   1.00   32.19 ? 21   VAL A N   1 
ATOM   173  C CA  . VAL A 1 21  ? -4.105  -3.981  9.108   1.00   32.45 ? 21   VAL A CA  1 
ATOM   174  C C   . VAL A 1 21  ? -3.590  -3.375  10.400  1.00   33.41 ? 21   VAL A C   1 
ATOM   175  O O   . VAL A 1 21  ? -4.384  -2.916  11.225  1.00   32.05 ? 21   VAL A O   1 
ATOM   176  C CB  . VAL A 1 21  ? -4.047  -2.932  7.960   1.00   33.71 ? 21   VAL A CB  1 
ATOM   177  C CG1 . VAL A 1 21  ? -4.802  -1.641  8.360   1.00   31.10 ? 21   VAL A CG1 1 
ATOM   178  C CG2 . VAL A 1 21  ? -2.574  -2.612  7.573   1.00   30.45 ? 21   VAL A CG2 1 
ATOM   179  N N   . THR A 1 22  ? -2.274  -3.397  10.599  1.00   31.41 ? 22   THR A N   1 
ATOM   180  C CA  . THR A 1 22  ? -1.693  -2.615  11.675  1.00   31.63 ? 22   THR A CA  1 
ATOM   181  C C   . THR A 1 22  ? -0.724  -1.557  11.185  1.00   31.90 ? 22   THR A C   1 
ATOM   182  O O   . THR A 1 22  ? -0.033  -1.734  10.171  1.00   30.12 ? 22   THR A O   1 
ATOM   183  C CB  . THR A 1 22  ? -1.049  -3.516  12.745  1.00   36.49 ? 22   THR A CB  1 
ATOM   184  O OG1 . THR A 1 22  ? -0.171  -4.424  12.131  1.00   39.21 ? 22   THR A OG1 1 
ATOM   185  C CG2 . THR A 1 22  ? -2.079  -4.430  13.357  1.00   40.97 ? 22   THR A CG2 1 
ATOM   186  N N   . ILE A 1 23  ? -0.698  -0.439  11.887  1.00   27.90 ? 23   ILE A N   1 
ATOM   187  C CA  . ILE A 1 23  ? 0.259   0.605   11.605  1.00   29.30 ? 23   ILE A CA  1 
ATOM   188  C C   . ILE A 1 23  ? 1.240   0.652   12.754  1.00   30.63 ? 23   ILE A C   1 
ATOM   189  O O   . ILE A 1 23  ? 0.836   0.739   13.909  1.00   27.32 ? 23   ILE A O   1 
ATOM   190  C CB  . ILE A 1 23  ? -0.461  1.955   11.445  1.00   29.03 ? 23   ILE A CB  1 
ATOM   191  C CG1 . ILE A 1 23  ? -1.286  1.968   10.149  1.00   31.12 ? 23   ILE A CG1 1 
ATOM   192  C CG2 . ILE A 1 23  ? 0.537   3.111   11.489  1.00   26.98 ? 23   ILE A CG2 1 
ATOM   193  C CD1 . ILE A 1 23  ? -1.875  3.363   9.791   1.00   33.29 ? 23   ILE A CD1 1 
ATOM   194  N N   . CYS A 1 24  ? 2.527   0.524   12.437  1.00   27.34 ? 24   CYS A N   1 
ATOM   195  C CA  . CYS A 1 24  ? 3.578   0.698   13.428  1.00   24.47 ? 24   CYS A CA  1 
ATOM   196  C C   . CYS A 1 24  ? 4.045   2.123   13.396  1.00   26.30 ? 24   CYS A C   1 
ATOM   197  O O   . CYS A 1 24  ? 4.147   2.732   12.321  1.00   26.69 ? 24   CYS A O   1 
ATOM   198  C CB  . CYS A 1 24  ? 4.778   -0.208  13.132  1.00   26.81 ? 24   CYS A CB  1 
ATOM   199  S SG  A CYS A 1 24  ? 4.346   -1.879  12.641  0.50   37.59 ? 24   CYS A SG  1 
ATOM   200  S SG  B CYS A 1 24  ? 5.917   -0.405  14.539  0.50   28.22 ? 24   CYS A SG  1 
ATOM   201  N N   . CYS A 1 25  ? 4.314   2.669   14.571  1.00   26.57 ? 25   CYS A N   1 
ATOM   202  C CA  . CYS A 1 25  ? 5.009   3.926   14.673  1.00   27.15 ? 25   CYS A CA  1 
ATOM   203  C C   . CYS A 1 25  ? 6.258   3.784   15.534  1.00   30.50 ? 25   CYS A C   1 
ATOM   204  O O   . CYS A 1 25  ? 6.191   3.368   16.696  1.00   31.92 ? 25   CYS A O   1 
ATOM   205  C CB  . CYS A 1 25  ? 4.097   4.993   15.245  1.00   27.97 ? 25   CYS A CB  1 
ATOM   206  S SG  . CYS A 1 25  ? 4.913   6.557   15.608  1.00   28.54 ? 25   CYS A SG  1 
ATOM   207  N N   . GLN A 1 26  ? 7.392   4.125   14.943  1.00   25.18 ? 26   GLN A N   1 
ATOM   208  C CA  . GLN A 1 26  ? 8.655   4.204   15.655  1.00   25.40 ? 26   GLN A CA  1 
ATOM   209  C C   . GLN A 1 26  ? 8.894   5.644   16.108  1.00   27.60 ? 26   GLN A C   1 
ATOM   210  O O   . GLN A 1 26  ? 8.890   6.573   15.292  1.00   27.27 ? 26   GLN A O   1 
ATOM   211  C CB  . GLN A 1 26  ? 9.788   3.733   14.732  1.00   28.73 ? 26   GLN A CB  1 
ATOM   212  C CG  . GLN A 1 26  ? 11.195  3.900   15.324  1.00   30.57 ? 26   GLN A CG  1 
ATOM   213  C CD  . GLN A 1 26  ? 12.236  3.111   14.550  1.00   43.56 ? 26   GLN A CD  1 
ATOM   214  O OE1 . GLN A 1 26  ? 11.916  2.109   13.922  1.00   42.69 ? 26   GLN A OE1 1 
ATOM   215  N NE2 . GLN A 1 26  ? 13.468  3.567   14.586  1.00   36.82 ? 26   GLN A NE2 1 
ATOM   216  N N   . GLY A 1 27  ? 9.076   5.823   17.414  1.00   29.72 ? 27   GLY A N   1 
ATOM   217  C CA  . GLY A 1 27  ? 9.372   7.116   17.983  1.00   30.31 ? 27   GLY A CA  1 
ATOM   218  C C   . GLY A 1 27  ? 10.788  7.158   18.553  1.00   34.46 ? 27   GLY A C   1 
ATOM   219  O O   . GLY A 1 27  ? 11.757  7.299   17.808  1.00   36.21 ? 27   GLY A O   1 
ATOM   220  N N   . ASN A 1 28  ? 10.896  7.045   19.877  1.00   31.45 ? 28   ASN A N   1 
ATOM   221  C CA  . ASN A 1 28  ? 12.183  6.944   20.541  1.00   31.89 ? 28   ASN A CA  1 
ATOM   222  C C   . ASN A 1 28  ? 12.072  6.224   21.879  1.00   29.10 ? 28   ASN A C   1 
ATOM   223  O O   . ASN A 1 28  ? 11.038  6.284   22.545  1.00   29.85 ? 28   ASN A O   1 
ATOM   224  C CB  . ASN A 1 28  ? 12.787  8.337   20.752  1.00   35.27 ? 28   ASN A CB  1 
ATOM   225  C CG  . ASN A 1 28  ? 14.282  8.289   21.030  1.00   39.75 ? 28   ASN A CG  1 
ATOM   226  O OD1 . ASN A 1 28  ? 14.970  7.314   20.679  1.00   46.40 ? 28   ASN A OD1 1 
ATOM   227  N ND2 . ASN A 1 28  ? 14.790  9.324   21.679  1.00   39.91 ? 28   ASN A ND2 1 
ATOM   228  N N   . TYR A 1 29  ? 13.137  5.535   22.268  1.00   30.68 ? 29   TYR A N   1 
ATOM   229  C CA  . TYR A 1 29  ? 13.139  4.827   23.542  1.00   30.38 ? 29   TYR A CA  1 
ATOM   230  C C   . TYR A 1 29  ? 12.780  5.801   24.651  1.00   31.76 ? 29   TYR A C   1 
ATOM   231  O O   . TYR A 1 29  ? 13.298  6.917   24.701  1.00   33.32 ? 29   TYR A O   1 
ATOM   232  C CB  . TYR A 1 29  ? 14.528  4.200   23.805  1.00   31.44 ? 29   TYR A CB  1 
ATOM   233  C CG  . TYR A 1 29  ? 14.857  3.091   22.852  1.00   32.57 ? 29   TYR A CG  1 
ATOM   234  C CD1 . TYR A 1 29  ? 14.236  1.850   22.964  1.00   28.44 ? 29   TYR A CD1 1 
ATOM   235  C CD2 . TYR A 1 29  ? 15.756  3.289   21.806  1.00   42.84 ? 29   TYR A CD2 1 
ATOM   236  C CE1 . TYR A 1 29  ? 14.502  0.831   22.071  1.00   32.49 ? 29   TYR A CE1 1 
ATOM   237  C CE2 . TYR A 1 29  ? 16.042  2.270   20.911  1.00   39.85 ? 29   TYR A CE2 1 
ATOM   238  C CZ  . TYR A 1 29  ? 15.409  1.039   21.052  1.00   41.12 ? 29   TYR A CZ  1 
ATOM   239  O OH  . TYR A 1 29  ? 15.686  0.021   20.180  1.00   40.55 ? 29   TYR A OH  1 
ATOM   240  N N   . GLY A 1 30  ? 11.864  5.399   25.521  1.00   33.52 ? 30   GLY A N   1 
ATOM   241  C CA  . GLY A 1 30  ? 11.472  6.242   26.638  1.00   32.99 ? 30   GLY A CA  1 
ATOM   242  C C   . GLY A 1 30  ? 10.310  7.169   26.342  1.00   33.20 ? 30   GLY A C   1 
ATOM   243  O O   . GLY A 1 30  ? 9.753   7.778   27.250  1.00   31.25 ? 30   GLY A O   1 
ATOM   244  N N   . ALA A 1 31  ? 9.925   7.278   25.077  1.00   34.44 ? 31   ALA A N   1 
ATOM   245  C CA  . ALA A 1 31  ? 8.717   8.039   24.738  1.00   31.01 ? 31   ALA A CA  1 
ATOM   246  C C   . ALA A 1 31  ? 7.503   7.522   25.497  1.00   31.73 ? 31   ALA A C   1 
ATOM   247  O O   . ALA A 1 31  ? 7.269   6.309   25.563  1.00   31.71 ? 31   ALA A O   1 
ATOM   248  C CB  . ALA A 1 31  ? 8.465   8.009   23.224  1.00   32.93 ? 31   ALA A CB  1 
ATOM   249  N N   . VAL A 1 32  ? 6.706   8.441   26.046  1.00   31.42 ? 32   VAL A N   1 
ATOM   250  C CA  . VAL A 1 32  ? 5.664   8.068   27.004  1.00   32.30 ? 32   VAL A CA  1 
ATOM   251  C C   . VAL A 1 32  ? 4.265   8.109   26.410  1.00   30.16 ? 32   VAL A C   1 
ATOM   252  O O   . VAL A 1 32  ? 3.324   7.574   26.992  1.00   30.19 ? 32   VAL A O   1 
ATOM   253  C CB  . VAL A 1 32  ? 5.712   8.951   28.307  1.00   38.17 ? 32   VAL A CB  1 
ATOM   254  C CG1 . VAL A 1 32  ? 7.020   8.726   29.065  1.00   34.52 ? 32   VAL A CG1 1 
ATOM   255  C CG2 . VAL A 1 32  ? 5.527   10.443  27.973  1.00   36.13 ? 32   VAL A CG2 1 
ATOM   256  N N   . GLU A 1 33  ? 4.132   8.737   25.245  1.00   28.54 ? 33   GLU A N   1 
ATOM   257  C CA  . GLU A 1 33  ? 2.837   8.807   24.553  1.00   25.67 ? 33   GLU A CA  1 
ATOM   258  C C   . GLU A 1 33  ? 3.046   8.856   23.053  1.00   26.69 ? 33   GLU A C   1 
ATOM   259  O O   . GLU A 1 33  ? 3.911   9.577   22.572  1.00   31.09 ? 33   GLU A O   1 
ATOM   260  C CB  . GLU A 1 33  ? 2.036   10.045  24.989  1.00   26.55 ? 33   GLU A CB  1 
ATOM   261  C CG  . GLU A 1 33  ? 0.578   10.007  24.522  1.00   26.16 ? 33   GLU A CG  1 
ATOM   262  C CD  . GLU A 1 33  ? -0.211  11.252  24.896  1.00   34.12 ? 33   GLU A CD  1 
ATOM   263  O OE1 . GLU A 1 33  ? 0.250   12.039  25.757  1.00   34.01 ? 33   GLU A OE1 1 
ATOM   264  O OE2 . GLU A 1 33  ? -1.299  11.438  24.329  1.00   35.77 ? 33   GLU A OE2 1 
ATOM   265  N N   . TYR A 1 34  ? 2.265   8.060   22.327  1.00   25.67 ? 34   TYR A N   1 
ATOM   266  C CA  . TYR A 1 34  ? 2.257   8.076   20.863  1.00   26.30 ? 34   TYR A CA  1 
ATOM   267  C C   . TYR A 1 34  ? 0.814   8.345   20.447  1.00   28.61 ? 34   TYR A C   1 
ATOM   268  O O   . TYR A 1 34  ? -0.095  7.752   20.994  1.00   30.23 ? 34   TYR A O   1 
ATOM   269  C CB  . TYR A 1 34  ? 2.657   6.703   20.324  1.00   22.95 ? 34   TYR A CB  1 
ATOM   270  C CG  . TYR A 1 34  ? 4.117   6.368   20.508  1.00   30.83 ? 34   TYR A CG  1 
ATOM   271  C CD1 . TYR A 1 34  ? 4.639   6.128   21.762  1.00   26.00 ? 34   TYR A CD1 1 
ATOM   272  C CD2 . TYR A 1 34  ? 4.966   6.283   19.418  1.00   28.14 ? 34   TYR A CD2 1 
ATOM   273  C CE1 . TYR A 1 34  ? 6.007   5.817   21.937  1.00   29.20 ? 34   TYR A CE1 1 
ATOM   274  C CE2 . TYR A 1 34  ? 6.308   5.965   19.576  1.00   31.89 ? 34   TYR A CE2 1 
ATOM   275  C CZ  . TYR A 1 34  ? 6.817   5.729   20.839  1.00   32.53 ? 34   TYR A CZ  1 
ATOM   276  O OH  . TYR A 1 34  ? 8.149   5.402   20.991  1.00   31.62 ? 34   TYR A OH  1 
ATOM   277  N N   . GLN A 1 35  ? 0.615   9.219   19.467  1.00   28.64 ? 35   GLN A N   1 
ATOM   278  C CA  . GLN A 1 35  ? -0.711  9.379   18.863  1.00   30.02 ? 35   GLN A CA  1 
ATOM   279  C C   . GLN A 1 35  ? -0.700  9.014   17.400  1.00   30.97 ? 35   GLN A C   1 
ATOM   280  O O   . GLN A 1 35  ? 0.200   9.406   16.659  1.00   27.52 ? 35   GLN A O   1 
ATOM   281  C CB  . GLN A 1 35  ? -1.209  10.819  19.034  1.00   24.13 ? 35   GLN A CB  1 
ATOM   282  C CG  . GLN A 1 35  ? -1.330  11.249  20.524  1.00   27.23 ? 35   GLN A CG  1 
ATOM   283  C CD  . GLN A 1 35  ? -1.971  12.607  20.688  1.00   27.98 ? 35   GLN A CD  1 
ATOM   284  O OE1 . GLN A 1 35  ? -2.200  13.312  19.698  1.00   29.69 ? 35   GLN A OE1 1 
ATOM   285  N NE2 . GLN A 1 35  ? -2.291  12.973  21.930  1.00   30.40 ? 35   GLN A NE2 1 
ATOM   286  N N   . LEU A 1 36  ? -1.711  8.275   16.965  1.00   25.11 ? 36   LEU A N   1 
ATOM   287  C CA  . LEU A 1 36  ? -1.898  8.090   15.540  1.00   27.75 ? 36   LEU A CA  1 
ATOM   288  C C   . LEU A 1 36  ? -2.996  9.012   15.089  1.00   28.63 ? 36   LEU A C   1 
ATOM   289  O O   . LEU A 1 36  ? -4.113  8.988   15.641  1.00   24.93 ? 36   LEU A O   1 
ATOM   290  C CB  . LEU A 1 36  ? -2.261  6.647   15.206  1.00   25.22 ? 36   LEU A CB  1 
ATOM   291  C CG  . LEU A 1 36  ? -2.435  6.374   13.709  1.00   26.88 ? 36   LEU A CG  1 
ATOM   292  C CD1 . LEU A 1 36  ? -1.066  6.379   13.003  1.00   26.20 ? 36   LEU A CD1 1 
ATOM   293  C CD2 . LEU A 1 36  ? -3.153  5.026   13.486  1.00   30.49 ? 36   LEU A CD2 1 
ATOM   294  N N   . HIS A 1 37  ? -2.689  9.834   14.091  1.00   28.34 ? 37   HIS A N   1 
ATOM   295  C CA  . HIS A 1 37  ? -3.681  10.748  13.526  1.00   25.50 ? 37   HIS A CA  1 
ATOM   296  C C   . HIS A 1 37  ? -4.135  10.245  12.173  1.00   28.49 ? 37   HIS A C   1 
ATOM   297  O O   . HIS A 1 37  ? -3.342  9.725   11.407  1.00   28.53 ? 37   HIS A O   1 
ATOM   298  C CB  . HIS A 1 37  ? -3.094  12.157  13.364  1.00   25.88 ? 37   HIS A CB  1 
ATOM   299  C CG  . HIS A 1 37  ? -2.782  12.841  14.658  1.00   28.98 ? 37   HIS A CG  1 
ATOM   300  N ND1 . HIS A 1 37  ? -2.346  14.150  14.717  1.00   29.65 ? 37   HIS A ND1 1 
ATOM   301  C CD2 . HIS A 1 37  ? -2.809  12.393  15.939  1.00   28.52 ? 37   HIS A CD2 1 
ATOM   302  C CE1 . HIS A 1 37  ? -2.121  14.479  15.979  1.00   35.71 ? 37   HIS A CE1 1 
ATOM   303  N NE2 . HIS A 1 37  ? -2.393  13.433  16.739  1.00   28.97 ? 37   HIS A NE2 1 
ATOM   304  N N   . PHE A 1 38  ? -5.417  10.454  11.872  1.00   25.41 ? 38   PHE A N   1 
ATOM   305  C CA  . PHE A 1 38  ? -5.980  10.149  10.566  1.00   28.97 ? 38   PHE A CA  1 
ATOM   306  C C   . PHE A 1 38  ? -6.685  11.396  10.012  1.00   27.67 ? 38   PHE A C   1 
ATOM   307  O O   . PHE A 1 38  ? -7.683  11.861  10.561  1.00   26.23 ? 38   PHE A O   1 
ATOM   308  C CB  . PHE A 1 38  ? -6.991  8.986   10.687  1.00   26.13 ? 38   PHE A CB  1 
ATOM   309  C CG  . PHE A 1 38  ? -7.733  8.687   9.416   1.00   30.70 ? 38   PHE A CG  1 
ATOM   310  C CD1 . PHE A 1 38  ? -7.054  8.257   8.281   1.00   25.36 ? 38   PHE A CD1 1 
ATOM   311  C CD2 . PHE A 1 38  ? -9.108  8.829   9.356   1.00   35.14 ? 38   PHE A CD2 1 
ATOM   312  C CE1 . PHE A 1 38  ? -7.739  7.974   7.108   1.00   30.75 ? 38   PHE A CE1 1 
ATOM   313  C CE2 . PHE A 1 38  ? -9.799  8.549   8.184   1.00   41.94 ? 38   PHE A CE2 1 
ATOM   314  C CZ  . PHE A 1 38  ? -9.112  8.118   7.065   1.00   37.11 ? 38   PHE A CZ  1 
ATOM   315  N N   . GLU A 1 39  ? -6.126  11.954  8.952   1.00   23.58 ? 39   GLU A N   1 
ATOM   316  C CA  . GLU A 1 39  ? -6.719  13.118  8.287   1.00   31.08 ? 39   GLU A CA  1 
ATOM   317  C C   . GLU A 1 39  ? -7.287  14.172  9.236   1.00   29.13 ? 39   GLU A C   1 
ATOM   318  O O   . GLU A 1 39  ? -8.456  14.544  9.142   1.00   32.98 ? 39   GLU A O   1 
ATOM   319  C CB  . GLU A 1 39  ? -7.758  12.672  7.263   1.00   30.62 ? 39   GLU A CB  1 
ATOM   320  C CG  . GLU A 1 39  ? -7.105  12.338  5.927   1.00   38.68 ? 39   GLU A CG  1 
ATOM   321  C CD  . GLU A 1 39  ? -8.034  11.649  4.982   1.00   48.46 ? 39   GLU A CD  1 
ATOM   322  O OE1 . GLU A 1 39  ? -9.257  11.918  5.042   1.00   44.06 ? 39   GLU A OE1 1 
ATOM   323  O OE2 . GLU A 1 39  ? -7.543  10.833  4.180   1.00   35.58 ? 39   GLU A OE2 1 
ATOM   324  N N   . GLY A 1 40  ? -6.443  14.662  10.137  1.00   28.28 ? 40   GLY A N   1 
ATOM   325  C CA  . GLY A 1 40  ? -6.812  15.778  10.984  1.00   25.82 ? 40   GLY A CA  1 
ATOM   326  C C   . GLY A 1 40  ? -7.549  15.362  12.261  1.00   25.36 ? 40   GLY A C   1 
ATOM   327  O O   . GLY A 1 40  ? -8.029  16.219  13.007  1.00   28.69 ? 40   GLY A O   1 
ATOM   328  N N   . SER A 1 41  ? -7.622  14.058  12.521  1.00   26.38 ? 41   SER A N   1 
ATOM   329  C CA  . SER A 1 41  ? -8.346  13.550  13.698  1.00   27.69 ? 41   SER A CA  1 
ATOM   330  C C   . SER A 1 41  ? -7.456  12.608  14.496  1.00   29.78 ? 41   SER A C   1 
ATOM   331  O O   . SER A 1 41  ? -6.538  12.005  13.949  1.00   30.35 ? 41   SER A O   1 
ATOM   332  C CB  . SER A 1 41  ? -9.615  12.809  13.275  1.00   26.27 ? 41   SER A CB  1 
ATOM   333  O OG  . SER A 1 41  ? -9.294  11.542  12.703  1.00   33.21 ? 41   SER A OG  1 
ATOM   334  N N   . LEU A 1 42  ? -7.732  12.482  15.788  1.00   29.23 ? 42   LEU A N   1 
ATOM   335  C CA  . LEU A 1 42  ? -7.027  11.522  16.620  1.00   27.10 ? 42   LEU A CA  1 
ATOM   336  C C   . LEU A 1 42  ? -7.627  10.140  16.394  1.00   32.05 ? 42   LEU A C   1 
ATOM   337  O O   . LEU A 1 42  ? -8.811  9.921   16.662  1.00   29.71 ? 42   LEU A O   1 
ATOM   338  C CB  . LEU A 1 42  ? -7.141  11.910  18.104  1.00   27.27 ? 42   LEU A CB  1 
ATOM   339  C CG  . LEU A 1 42  ? -6.501  10.935  19.116  1.00   27.30 ? 42   LEU A CG  1 
ATOM   340  C CD1 . LEU A 1 42  ? -4.984  10.764  18.794  1.00   27.31 ? 42   LEU A CD1 1 
ATOM   341  C CD2 . LEU A 1 42  ? -6.702  11.461  20.569  1.00   31.02 ? 42   LEU A CD2 1 
ATOM   342  N N   . PHE A 1 43  ? -6.819  9.219   15.872  1.00   26.24 ? 43   PHE A N   1 
ATOM   343  C CA  . PHE A 1 43  ? -7.272  7.863   15.651  1.00   24.65 ? 43   PHE A CA  1 
ATOM   344  C C   . PHE A 1 43  ? -7.079  6.977   16.882  1.00   29.89 ? 43   PHE A C   1 
ATOM   345  O O   . PHE A 1 43  ? -7.970  6.211   17.253  1.00   31.00 ? 43   PHE A O   1 
ATOM   346  C CB  . PHE A 1 43  ? -6.601  7.251   14.420  1.00   28.72 ? 43   PHE A CB  1 
ATOM   347  C CG  . PHE A 1 43  ? -7.158  5.908   14.040  1.00   36.14 ? 43   PHE A CG  1 
ATOM   348  C CD1 . PHE A 1 43  ? -8.106  5.791   13.029  1.00   52.11 ? 43   PHE A CD1 1 
ATOM   349  C CD2 . PHE A 1 43  ? -6.745  4.759   14.706  1.00   41.56 ? 43   PHE A CD2 1 
ATOM   350  C CE1 . PHE A 1 43  ? -8.629  4.539   12.679  1.00   47.24 ? 43   PHE A CE1 1 
ATOM   351  C CE2 . PHE A 1 43  ? -7.264  3.511   14.365  1.00   44.57 ? 43   PHE A CE2 1 
ATOM   352  C CZ  . PHE A 1 43  ? -8.206  3.406   13.352  1.00   46.37 ? 43   PHE A CZ  1 
ATOM   353  N N   . ALA A 1 44  ? -5.927  7.099   17.528  1.00   27.26 ? 44   ALA A N   1 
ATOM   354  C CA  . ALA A 1 44  ? -5.573  6.196   18.613  1.00   30.25 ? 44   ALA A CA  1 
ATOM   355  C C   . ALA A 1 44  ? -4.354  6.691   19.377  1.00   31.06 ? 44   ALA A C   1 
ATOM   356  O O   . ALA A 1 44  ? -3.587  7.523   18.882  1.00   27.29 ? 44   ALA A O   1 
ATOM   357  C CB  . ALA A 1 44  ? -5.344  4.751   18.074  1.00   28.49 ? 44   ALA A CB  1 
ATOM   358  N N   . VAL A 1 45  ? -4.193  6.179   20.588  1.00   28.29 ? 45   VAL A N   1 
ATOM   359  C CA  . VAL A 1 45  ? -3.156  6.631   21.502  1.00   29.29 ? 45   VAL A CA  1 
ATOM   360  C C   . VAL A 1 45  ? -2.522  5.411   22.142  1.00   30.40 ? 45   VAL A C   1 
ATOM   361  O O   . VAL A 1 45  ? -3.213  4.469   22.511  1.00   30.02 ? 45   VAL A O   1 
ATOM   362  C CB  . VAL A 1 45  ? -3.757  7.520   22.616  1.00   36.70 ? 45   VAL A CB  1 
ATOM   363  C CG1 . VAL A 1 45  ? -2.705  7.920   23.633  1.00   33.46 ? 45   VAL A CG1 1 
ATOM   364  C CG2 . VAL A 1 45  ? -4.449  8.759   22.004  1.00   36.56 ? 45   VAL A CG2 1 
ATOM   365  N N   . ASP A 1 46  ? -1.205  5.431   22.282  1.00   27.13 ? 46   ASP A N   1 
ATOM   366  C CA  . ASP A 1 46  ? -0.514  4.369   23.021  1.00   30.95 ? 46   ASP A CA  1 
ATOM   367  C C   . ASP A 1 46  ? 0.384   5.003   24.064  1.00   31.73 ? 46   ASP A C   1 
ATOM   368  O O   . ASP A 1 46  ? 1.024   6.014   23.798  1.00   32.27 ? 46   ASP A O   1 
ATOM   369  C CB  . ASP A 1 46  ? 0.327   3.515   22.060  1.00   28.22 ? 46   ASP A CB  1 
ATOM   370  C CG  . ASP A 1 46  ? 0.919   2.282   22.737  1.00   38.47 ? 46   ASP A CG  1 
ATOM   371  O OD1 . ASP A 1 46  ? 0.388   1.175   22.552  1.00   38.04 ? 46   ASP A OD1 1 
ATOM   372  O OD2 . ASP A 1 46  ? 1.903   2.336   23.473  1.00   34.17 ? 46   ASP A OD2 1 
ATOM   373  N N   . ARG A 1 47  ? 0.423   4.424   25.258  1.00   27.95 ? 47   ARG A N   1 
ATOM   374  C CA  . ARG A 1 47  ? 1.299   4.940   26.315  1.00   30.91 ? 47   ARG A CA  1 
ATOM   375  C C   . ARG A 1 47  ? 2.197   3.821   26.846  1.00   30.72 ? 47   ARG A C   1 
ATOM   376  O O   . ARG A 1 47  ? 1.787   3.096   27.733  1.00   32.34 ? 47   ARG A O   1 
ATOM   377  C CB  . ARG A 1 47  ? 0.461   5.483   27.481  1.00   32.32 ? 47   ARG A CB  1 
ATOM   378  C CG  . ARG A 1 47  ? -0.413  6.706   27.154  1.00   39.17 ? 47   ARG A CG  1 
ATOM   379  C CD  . ARG A 1 47  ? -1.480  6.997   28.224  1.00   46.33 ? 47   ARG A CD  1 
ATOM   380  N NE  . ARG A 1 47  ? -2.655  7.658   27.665  1.00   48.16 ? 47   ARG A NE  1 
ATOM   381  C CZ  . ARG A 1 47  ? -2.777  8.969   27.555  1.00   55.74 ? 47   ARG A CZ  1 
ATOM   382  N NH1 . ARG A 1 47  ? -1.797  9.762   27.975  1.00   58.96 ? 47   ARG A NH1 1 
ATOM   383  N NH2 . ARG A 1 47  ? -3.876  9.496   27.026  1.00   59.20 ? 47   ARG A NH2 1 
ATOM   384  N N   . PRO A 1 48  ? 3.398   3.664   26.286  1.00   31.88 ? 48   PRO A N   1 
ATOM   385  C CA  . PRO A 1 48  ? 4.300   2.576   26.706  1.00   29.70 ? 48   PRO A CA  1 
ATOM   386  C C   . PRO A 1 48  ? 4.594   2.613   28.212  1.00   34.75 ? 48   PRO A C   1 
ATOM   387  O O   . PRO A 1 48  ? 4.955   3.658   28.748  1.00   30.74 ? 48   PRO A O   1 
ATOM   388  C CB  . PRO A 1 48  ? 5.568   2.846   25.898  1.00   31.66 ? 48   PRO A CB  1 
ATOM   389  C CG  . PRO A 1 48  ? 5.068   3.554   24.651  1.00   30.99 ? 48   PRO A CG  1 
ATOM   390  C CD  . PRO A 1 48  ? 3.977   4.473   25.188  1.00   26.83 ? 48   PRO A CD  1 
ATOM   391  N N   . LYS A 1 49  ? 4.435   1.474   28.880  1.00   33.93 ? 49   LYS A N   1 
ATOM   392  C CA  . LYS A 1 49  ? 4.678   1.396   30.323  1.00   34.95 ? 49   LYS A CA  1 
ATOM   393  C C   . LYS A 1 49  ? 5.143   -0.010  30.672  1.00   31.37 ? 49   LYS A C   1 
ATOM   394  O O   . LYS A 1 49  ? 4.362   -0.957  30.567  1.00   32.50 ? 49   LYS A O   1 
ATOM   395  C CB  . LYS A 1 49  ? 3.424   1.806   31.100  1.00   34.88 ? 49   LYS A CB  1 
ATOM   396  C CG  . LYS A 1 49  ? 3.608   1.824   32.609  1.00   35.43 ? 49   LYS A CG  1 
ATOM   397  C CD  . LYS A 1 49  ? 4.552   2.934   33.038  0.0000 20.00 ? 49   LYS A CD  1 
ATOM   398  C CE  . LYS A 1 49  ? 4.736   2.952   34.546  0.0000 20.00 ? 49   LYS A CE  1 
ATOM   399  N NZ  . LYS A 1 49  ? 5.660   4.036   34.981  0.0000 20.00 ? 49   LYS A NZ  1 
ATOM   400  N N   . PRO A 1 50  ? 6.402   -0.159  31.074  1.00   32.54 ? 50   PRO A N   1 
ATOM   401  C CA  . PRO A 1 50  ? 7.391   0.935   31.101  1.00   32.39 ? 50   PRO A CA  1 
ATOM   402  C C   . PRO A 1 50  ? 7.963   1.261   29.721  1.00   36.98 ? 50   PRO A C   1 
ATOM   403  O O   . PRO A 1 50  ? 8.116   0.367   28.885  1.00   35.51 ? 50   PRO A O   1 
ATOM   404  C CB  . PRO A 1 50  ? 8.522   0.343   31.949  1.00   34.41 ? 50   PRO A CB  1 
ATOM   405  C CG  . PRO A 1 50  ? 8.449   -1.112  31.657  1.00   28.36 ? 50   PRO A CG  1 
ATOM   406  C CD  . PRO A 1 50  ? 6.981   -1.439  31.531  1.00   32.12 ? 50   PRO A CD  1 
ATOM   407  N N   . PRO A 1 51  ? 8.310   2.532   29.515  1.00   38.16 ? 51   PRO A N   1 
ATOM   408  C CA  . PRO A 1 51  ? 8.707   3.051   28.197  1.00   38.76 ? 51   PRO A CA  1 
ATOM   409  C C   . PRO A 1 51  ? 10.190  2.935   27.856  1.00   36.40 ? 51   PRO A C   1 
ATOM   410  O O   . PRO A 1 51  ? 10.546  3.165   26.704  1.00   33.72 ? 51   PRO A O   1 
ATOM   411  C CB  . PRO A 1 51  ? 8.321   4.539   28.288  1.00   41.87 ? 51   PRO A CB  1 
ATOM   412  C CG  . PRO A 1 51  ? 8.509   4.883   29.744  1.00   38.57 ? 51   PRO A CG  1 
ATOM   413  C CD  . PRO A 1 51  ? 8.252   3.594   30.537  1.00   40.78 ? 51   PRO A CD  1 
ATOM   414  N N   . GLU A 1 52  ? 11.046  2.615   28.833  1.00   37.94 ? 52   GLU A N   1 
ATOM   415  C CA  . GLU A 1 52  ? 12.507  2.775   28.663  1.00   36.29 ? 52   GLU A CA  1 
ATOM   416  C C   . GLU A 1 52  ? 13.079  1.996   27.478  1.00   34.74 ? 52   GLU A C   1 
ATOM   417  O O   . GLU A 1 52  ? 13.990  2.465   26.776  1.00   34.51 ? 52   GLU A O   1 
ATOM   418  C CB  . GLU A 1 52  ? 13.249  2.364   29.957  1.00   39.53 ? 52   GLU A CB  1 
ATOM   419  C CG  . GLU A 1 52  ? 13.199  3.407   31.066  1.00   51.77 ? 52   GLU A CG  1 
ATOM   420  C CD  . GLU A 1 52  ? 11.876  3.411   31.813  1.00   58.53 ? 52   GLU A CD  1 
ATOM   421  O OE1 . GLU A 1 52  ? 11.063  2.491   31.591  1.00   48.49 ? 52   GLU A OE1 1 
ATOM   422  O OE2 . GLU A 1 52  ? 11.643  4.340   32.619  1.00   59.14 ? 52   GLU A OE2 1 
ATOM   423  N N   . ARG A 1 53  ? 12.585  0.789   27.271  1.00   34.22 ? 53   ARG A N   1 
ATOM   424  C CA  . ARG A 1 53  ? 13.199  -0.100  26.303  1.00   32.87 ? 53   ARG A CA  1 
ATOM   425  C C   . ARG A 1 53  ? 12.281  -0.282  25.088  1.00   32.38 ? 53   ARG A C   1 
ATOM   426  O O   . ARG A 1 53  ? 12.454  -1.214  24.289  1.00   29.53 ? 53   ARG A O   1 
ATOM   427  C CB  . ARG A 1 53  ? 13.510  -1.461  26.956  1.00   36.96 ? 53   ARG A CB  1 
ATOM   428  C CG  . ARG A 1 53  ? 14.586  -1.398  28.071  1.00   38.79 ? 53   ARG A CG  1 
ATOM   429  C CD  . ARG A 1 53  ? 15.735  -2.450  27.916  1.00   59.50 ? 53   ARG A CD  1 
ATOM   430  N NE  . ARG A 1 53  ? 16.804  -2.311  28.928  1.00   43.66 ? 53   ARG A NE  1 
ATOM   431  C CZ  . ARG A 1 53  ? 16.600  -2.335  30.245  1.00   48.44 ? 53   ARG A CZ  1 
ATOM   432  N NH1 . ARG A 1 53  ? 15.372  -2.488  30.730  1.00   51.25 ? 53   ARG A NH1 1 
ATOM   433  N NH2 . ARG A 1 53  ? 17.624  -2.208  31.080  1.00   54.00 ? 53   ARG A NH2 1 
ATOM   434  N N   . ILE A 1 54  ? 11.306  0.620   24.972  1.00   32.22 ? 54   ILE A N   1 
ATOM   435  C CA  . ILE A 1 54  ? 10.319  0.606   23.887  1.00   31.81 ? 54   ILE A CA  1 
ATOM   436  C C   . ILE A 1 54  ? 10.540  1.827   22.990  1.00   33.29 ? 54   ILE A C   1 
ATOM   437  O O   . ILE A 1 54  ? 10.602  2.961   23.479  1.00   31.19 ? 54   ILE A O   1 
ATOM   438  C CB  . ILE A 1 54  ? 8.898   0.686   24.491  1.00   31.67 ? 54   ILE A CB  1 
ATOM   439  C CG1 . ILE A 1 54  ? 8.584   -0.570  25.320  1.00   33.72 ? 54   ILE A CG1 1 
ATOM   440  C CG2 . ILE A 1 54  ? 7.852   0.917   23.403  1.00   27.34 ? 54   ILE A CG2 1 
ATOM   441  C CD1 . ILE A 1 54  ? 8.367   -1.859  24.485  1.00   29.84 ? 54   ILE A CD1 1 
ATOM   442  N N   . ASN A 1 55  ? 10.625  1.607   21.682  1.00   30.65 ? 55   ASN A N   1 
ATOM   443  C CA  . ASN A 1 55  ? 10.674  2.719   20.739  1.00   33.88 ? 55   ASN A CA  1 
ATOM   444  C C   . ASN A 1 55  ? 9.675   2.599   19.586  1.00   31.02 ? 55   ASN A C   1 
ATOM   445  O O   . ASN A 1 55  ? 9.751   3.355   18.621  1.00   32.07 ? 55   ASN A O   1 
ATOM   446  C CB  . ASN A 1 55  ? 12.109  2.920   20.188  1.00   30.87 ? 55   ASN A CB  1 
ATOM   447  C CG  . ASN A 1 55  ? 12.485  1.890   19.153  1.00   36.65 ? 55   ASN A CG  1 
ATOM   448  O OD1 . ASN A 1 55  ? 11.930  0.791   19.128  1.00   32.74 ? 55   ASN A OD1 1 
ATOM   449  N ND2 . ASN A 1 55  ? 13.444  2.233   18.285  1.00   30.30 ? 55   ASN A ND2 1 
ATOM   450  N N   . LYS A 1 56  ? 8.742   1.647   19.692  1.00   30.36 ? 56   LYS A N   1 
ATOM   451  C CA  . LYS A 1 56  ? 7.791   1.363   18.606  1.00   32.40 ? 56   LYS A CA  1 
ATOM   452  C C   . LYS A 1 56  ? 6.446   0.991   19.222  1.00   32.21 ? 56   LYS A C   1 
ATOM   453  O O   . LYS A 1 56  ? 6.400   0.255   20.188  1.00   28.80 ? 56   LYS A O   1 
ATOM   454  C CB  . LYS A 1 56  ? 8.275   0.168   17.772  1.00   33.44 ? 56   LYS A CB  1 
ATOM   455  C CG  . LYS A 1 56  ? 9.534   0.400   16.964  1.00   44.78 ? 56   LYS A CG  1 
ATOM   456  C CD  . LYS A 1 56  ? 9.828   -0.830  16.087  1.00   33.85 ? 56   LYS A CD  1 
ATOM   457  C CE  . LYS A 1 56  ? 11.311  -1.115  15.992  1.00   41.38 ? 56   LYS A CE  1 
ATOM   458  N NZ  . LYS A 1 56  ? 12.029  -0.773  17.225  1.00   36.90 ? 56   LYS A NZ  1 
ATOM   459  N N   . VAL A 1 57  ? 5.352   1.487   18.655  1.00   25.51 ? 57   VAL A N   1 
ATOM   460  C CA  . VAL A 1 57  ? 4.032   1.059   19.109  1.00   26.74 ? 57   VAL A CA  1 
ATOM   461  C C   . VAL A 1 57  ? 3.202   0.563   17.928  1.00   30.85 ? 57   VAL A C   1 
ATOM   462  O O   . VAL A 1 57  ? 3.465   0.911   16.768  1.00   28.51 ? 57   VAL A O   1 
ATOM   463  C CB  . VAL A 1 57  ? 3.275   2.184   19.825  1.00   25.70 ? 57   VAL A CB  1 
ATOM   464  C CG1 . VAL A 1 57  ? 4.015   2.608   21.074  1.00   28.01 ? 57   VAL A CG1 1 
ATOM   465  C CG2 . VAL A 1 57  ? 3.092   3.371   18.885  1.00   32.66 ? 57   VAL A CG2 1 
ATOM   466  N N   . LYS A 1 58  ? 2.197   -0.241  18.230  1.00   26.40 ? 58   LYS A N   1 
ATOM   467  C CA  . LYS A 1 58  ? 1.393   -0.862  17.205  1.00   30.83 ? 58   LYS A CA  1 
ATOM   468  C C   . LYS A 1 58  ? -0.024  -0.345  17.326  1.00   30.64 ? 58   LYS A C   1 
ATOM   469  O O   . LYS A 1 58  ? -0.600  -0.336  18.414  1.00   29.73 ? 58   LYS A O   1 
ATOM   470  C CB  . LYS A 1 58  ? 1.429   -2.387  17.364  1.00   32.59 ? 58   LYS A CB  1 
ATOM   471  C CG  . LYS A 1 58  ? 0.312   -2.953  18.210  1.00   47.86 ? 58   LYS A CG  1 
ATOM   472  C CD  . LYS A 1 58  ? 1.247   -4.501  18.454  0.0000 66.28 ? 58   LYS A CD  1 
ATOM   473  C CE  . LYS A 1 58  ? 2.716   -4.886  18.487  0.0000 62.59 ? 58   LYS A CE  1 
ATOM   474  N NZ  . LYS A 1 58  ? 2.906   -6.361  18.455  0.0000 61.57 ? 58   LYS A NZ  1 
ATOM   475  N N   . PHE A 1 59  ? -0.569  0.098   16.202  1.00   28.04 ? 59   PHE A N   1 
ATOM   476  C CA  . PHE A 1 59  ? -1.938  0.580   16.152  1.00   31.95 ? 59   PHE A CA  1 
ATOM   477  C C   . PHE A 1 59  ? -2.738  -0.405  15.312  1.00   33.56 ? 59   PHE A C   1 
ATOM   478  O O   . PHE A 1 59  ? -2.395  -0.668  14.155  1.00   33.19 ? 59   PHE A O   1 
ATOM   479  C CB  . PHE A 1 59  ? -1.997  1.992   15.581  1.00   29.37 ? 59   PHE A CB  1 
ATOM   480  C CG  . PHE A 1 59  ? -1.365  3.039   16.458  1.00   30.49 ? 59   PHE A CG  1 
ATOM   481  C CD1 . PHE A 1 59  ? -0.179  3.648   16.074  1.00   26.74 ? 59   PHE A CD1 1 
ATOM   482  C CD2 . PHE A 1 59  ? -1.933  3.439   17.667  1.00   33.54 ? 59   PHE A CD2 1 
ATOM   483  C CE1 . PHE A 1 59  ? 0.433   4.604   16.849  1.00   31.12 ? 59   PHE A CE1 1 
ATOM   484  C CE2 . PHE A 1 59  ? -1.328  4.398   18.445  1.00   24.49 ? 59   PHE A CE2 1 
ATOM   485  C CZ  . PHE A 1 59  ? -0.138  4.986   18.053  1.00   28.99 ? 59   PHE A CZ  1 
ATOM   486  N N   . TYR A 1 60  ? -3.806  -0.965  15.900  1.00   38.79 ? 60   TYR A N   1 
ATOM   487  C CA  . TYR A 1 60  ? -4.561  -2.015  15.219  1.00   45.35 ? 60   TYR A CA  1 
ATOM   488  C C   . TYR A 1 60  ? -5.786  -1.530  14.504  1.00   44.98 ? 60   TYR A C   1 
ATOM   489  O O   . TYR A 1 60  ? -6.454  -0.608  14.967  1.00   47.78 ? 60   TYR A O   1 
ATOM   490  C CB  . TYR A 1 60  ? -5.013  -3.088  16.235  1.00   48.51 ? 60   TYR A CB  1 
ATOM   491  C CG  . TYR A 1 60  ? -5.378  -4.412  15.628  0.50   49.11 ? 60   TYR A CG  1 
ATOM   492  C CD1 . TYR A 1 60  ? -6.560  -5.073  15.955  0.50   48.19 ? 60   TYR A CD1 1 
ATOM   493  C CD2 . TYR A 1 60  ? -4.522  -5.018  14.713  0.50   41.10 ? 60   TYR A CD2 1 
ATOM   494  C CE1 . TYR A 1 60  ? -6.878  -6.303  15.392  0.50   48.67 ? 60   TYR A CE1 1 
ATOM   495  C CE2 . TYR A 1 60  ? -4.835  -6.257  14.141  0.50   43.79 ? 60   TYR A CE2 1 
ATOM   496  C CZ  . TYR A 1 60  ? -6.016  -6.886  14.488  0.50   46.45 ? 60   TYR A CZ  1 
ATOM   497  O OH  . TYR A 1 60  ? -6.339  -8.106  13.937  0.50   44.88 ? 60   TYR A OH  1 
ATOM   498  N N   . ILE A 1 61  ? -6.069  -2.153  13.363  1.00   46.79 ? 61   ILE A N   1 
ATOM   499  C CA  . ILE A 1 61  ? -7.317  -1.886  12.638  1.00   56.83 ? 61   ILE A CA  1 
ATOM   500  C C   . ILE A 1 61  ? -8.009  -3.227  12.404  1.00   62.49 ? 61   ILE A C   1 
ATOM   501  O O   . ILE A 1 61  ? -7.507  -4.078  11.657  1.00   63.68 ? 61   ILE A O   1 
ATOM   502  C CB  . ILE A 1 61  ? -7.129  -1.241  11.259  1.00   58.28 ? 61   ILE A CB  1 
ATOM   503  C CG1 . ILE A 1 61  ? -7.321  0.279   11.377  1.00   55.12 ? 61   ILE A CG1 1 
ATOM   504  C CG2 . ILE A 1 61  ? -8.106  -1.813  10.242  1.00   48.90 ? 61   ILE A CG2 1 
ATOM   505  C CD1 . ILE A 1 61  ? -6.098  1.087   11.007  1.00   48.16 ? 61   ILE A CD1 1 
ATOM   506  N N   . PRO A 1 62  ? -9.140  -3.424  13.040  1.00   66.28 ? 62   PRO A N   1 
ATOM   507  C CA  . PRO A 1 62  ? -9.844  -4.712  12.966  1.00   63.86 ? 62   PRO A CA  1 
ATOM   508  C C   . PRO A 1 62  ? -10.656 -4.914  11.667  1.00   61.91 ? 62   PRO A C   1 
ATOM   509  O O   . PRO A 1 62  ? -10.772 -6.059  11.192  1.00   63.93 ? 62   PRO A O   1 
ATOM   510  C CB  . PRO A 1 62  ? -10.788 -4.668  14.187  1.00   63.29 ? 62   PRO A CB  1 
ATOM   511  C CG  . PRO A 1 62  ? -10.585 -3.275  14.822  1.00   64.22 ? 62   PRO A CG  1 
ATOM   512  C CD  . PRO A 1 62  ? -9.901  -2.418  13.795  1.00   68.09 ? 62   PRO A CD  1 
ATOM   513  N N   . ASP A 1 63  ? -11.217 -3.837  11.114  1.00   55.09 ? 63   ASP A N   1 
ATOM   514  C CA  . ASP A 1 63  ? -12.407 -3.956  10.268  1.00   54.19 ? 63   ASP A CA  1 
ATOM   515  C C   . ASP A 1 63  ? -12.414 -2.958  9.133   1.00   50.32 ? 63   ASP A C   1 
ATOM   516  O O   . ASP A 1 63  ? -13.289 -2.087  9.061   1.00   49.22 ? 63   ASP A O   1 
ATOM   517  C CB  . ASP A 1 63  ? -13.680 -3.777  11.103  1.00   59.31 ? 63   ASP A CB  1 
ATOM   518  C CG  . ASP A 1 63  ? -14.631 -4.931  10.960  1.00   67.98 ? 63   ASP A CG  1 
ATOM   519  O OD1 . ASP A 1 63  ? -15.105 -5.180  9.827   1.00   73.51 ? 63   ASP A OD1 1 
ATOM   520  O OD2 . ASP A 1 63  ? -14.960 -5.652  11.922  1.00   75.73 ? 63   ASP A OD2 1 
ATOM   521  N N   . MET A 1 64  ? -11.454 -3.086  8.228   1.00   45.40 ? 64   MET A N   1 
ATOM   522  C CA  . MET A 1 64  ? -11.204 -2.029  7.270   1.00   38.92 ? 64   MET A CA  1 
ATOM   523  C C   . MET A 1 64  ? -12.462 -1.647  6.534   1.00   42.45 ? 64   MET A C   1 
ATOM   524  O O   . MET A 1 64  ? -13.156 -2.508  5.984   1.00   42.78 ? 64   MET A O   1 
ATOM   525  C CB  . MET A 1 64  ? -10.149 -2.452  6.257   1.00   32.65 ? 64   MET A CB  1 
ATOM   526  C CG  . MET A 1 64  ? -9.738  -1.335  5.358   1.00   31.20 ? 64   MET A CG  1 
ATOM   527  S SD  . MET A 1 64  ? -8.799  -0.076  6.268   1.00   33.15 ? 64   MET A SD  1 
ATOM   528  C CE  . MET A 1 64  ? -8.517  1.136   5.003   1.00   29.61 ? 64   MET A CE  1 
ATOM   529  N N   . ASN A 1 65  ? -12.738 -0.352  6.482   1.00   45.67 ? 65   ASN A N   1 
ATOM   530  C CA  . ASN A 1 65  ? -13.725 0.164   5.557   1.00   48.27 ? 65   ASN A CA  1 
ATOM   531  C C   . ASN A 1 65  ? -13.238 1.402   4.849   1.00   45.29 ? 65   ASN A C   1 
ATOM   532  O O   . ASN A 1 65  ? -12.176 1.942   5.173   1.00   44.47 ? 65   ASN A O   1 
ATOM   533  C CB  . ASN A 1 65  ? -15.053 0.448   6.268   1.00   48.44 ? 65   ASN A CB  1 
ATOM   534  C CG  . ASN A 1 65  ? -14.995 1.683   7.136   1.00   59.68 ? 65   ASN A CG  1 
ATOM   535  O OD1 . ASN A 1 65  ? -14.672 2.778   6.663   1.00   51.16 ? 65   ASN A OD1 1 
ATOM   536  N ND2 . ASN A 1 65  ? -15.320 1.520   8.416   1.00   61.35 ? 65   ASN A ND2 1 
ATOM   537  N N   . SER A 1 66  ? -14.024 1.843   3.879   1.00   39.13 ? 66   SER A N   1 
ATOM   538  C CA  . SER A 1 66  ? -13.689 2.974   3.036   1.00   40.19 ? 66   SER A CA  1 
ATOM   539  C C   . SER A 1 66  ? -13.355 4.234   3.832   1.00   40.43 ? 66   SER A C   1 
ATOM   540  O O   . SER A 1 66  ? -12.600 5.095   3.363   1.00   44.10 ? 66   SER A O   1 
ATOM   541  C CB  . SER A 1 66  ? -14.856 3.255   2.078   1.00   44.76 ? 66   SER A CB  1 
ATOM   542  O OG  . SER A 1 66  ? -14.658 4.465   1.379   1.00   54.81 ? 66   SER A OG  1 
ATOM   543  N N   . ARG A 1 67  ? -13.941 4.367   5.019   1.00   36.33 ? 67   ARG A N   1 
ATOM   544  C CA  . ARG A 1 67  ? -13.792 5.596   5.789   1.00   34.61 ? 67   ARG A CA  1 
ATOM   545  C C   . ARG A 1 67  ? -12.469 5.633   6.551   1.00   32.96 ? 67   ARG A C   1 
ATOM   546  O O   . ARG A 1 67  ? -12.077 6.672   7.093   1.00   38.23 ? 67   ARG A O   1 
ATOM   547  C CB  . ARG A 1 67  ? -14.976 5.781   6.746   1.00   36.73 ? 67   ARG A CB  1 
ATOM   548  C CG  . ARG A 1 67  ? -16.311 5.897   6.032   1.00   44.35 ? 67   ARG A CG  1 
ATOM   549  C CD  . ARG A 1 67  ? -17.524 5.682   6.925   1.00   54.20 ? 67   ARG A CD  1 
ATOM   550  N NE  . ARG A 1 67  ? -18.747 5.575   6.136   1.00   64.70 ? 67   ARG A NE  1 
ATOM   551  C CZ  . ARG A 1 67  ? -19.246 4.430   5.682   1.00   72.49 ? 67   ARG A CZ  1 
ATOM   552  N NH1 . ARG A 1 67  ? -18.631 3.279   5.953   1.00   54.38 ? 67   ARG A NH1 1 
ATOM   553  N NH2 . ARG A 1 67  ? -20.366 4.430   4.964   1.00   70.46 ? 67   ARG A NH2 1 
ATOM   554  N N   . MET A 1 68  ? -11.775 4.502   6.577   1.00   30.83 ? 68   MET A N   1 
ATOM   555  C CA  . MET A 1 68  ? -10.458 4.430   7.198   1.00   32.99 ? 68   MET A CA  1 
ATOM   556  C C   . MET A 1 68  ? -9.332  4.480   6.150   1.00   35.39 ? 68   MET A C   1 
ATOM   557  O O   . MET A 1 68  ? -8.151  4.457   6.493   1.00   30.46 ? 68   MET A O   1 
ATOM   558  C CB  . MET A 1 68  ? -10.339 3.170   8.045   1.00   33.32 ? 68   MET A CB  1 
ATOM   559  C CG  . MET A 1 68  ? -11.213 3.175   9.299   1.00   45.83 ? 68   MET A CG  1 
ATOM   560  S SD  . MET A 1 68  ? -11.100 1.599   10.179  1.00   56.54 ? 68   MET A SD  1 
ATOM   561  C CE  . MET A 1 68  ? -12.004 0.593   9.099   1.00   47.30 ? 68   MET A CE  1 
ATOM   562  N N   . ALA A 1 69  ? -9.713  4.550   4.873   1.00   32.93 ? 69   ALA A N   1 
ATOM   563  C CA  . ALA A 1 69  ? -8.741  4.771   3.792   1.00   32.07 ? 69   ALA A CA  1 
ATOM   564  C C   . ALA A 1 69  ? -8.428  6.247   3.674   1.00   31.40 ? 69   ALA A C   1 
ATOM   565  O O   . ALA A 1 69  ? -9.329  7.076   3.615   1.00   32.90 ? 69   ALA A O   1 
ATOM   566  C CB  . ALA A 1 69  ? -9.285  4.221   2.447   1.00   25.75 ? 69   ALA A CB  1 
ATOM   567  N N   . GLY A 1 70  ? -7.141  6.577   3.661   1.00   27.19 ? 70   GLY A N   1 
ATOM   568  C CA  . GLY A 1 70  ? -6.714  7.959   3.712   1.00   23.47 ? 70   GLY A CA  1 
ATOM   569  C C   . GLY A 1 70  ? -5.324  8.060   4.310   1.00   29.37 ? 70   GLY A C   1 
ATOM   570  O O   . GLY A 1 70  ? -4.580  7.077   4.339   1.00   29.81 ? 70   GLY A O   1 
ATOM   571  N N   . GLN A 1 71  ? -4.991  9.241   4.821   1.00   25.45 ? 71   GLN A N   1 
ATOM   572  C CA  . GLN A 1 71  ? -3.612  9.572   5.190   1.00   25.48 ? 71   GLN A CA  1 
ATOM   573  C C   . GLN A 1 71  ? -3.449  9.589   6.716   1.00   28.11 ? 71   GLN A C   1 
ATOM   574  O O   . GLN A 1 71  ? -4.268  10.178  7.432   1.00   30.33 ? 71   GLN A O   1 
ATOM   575  C CB  . GLN A 1 71  ? -3.261  10.941  4.635   1.00   27.37 ? 71   GLN A CB  1 
ATOM   576  C CG  . GLN A 1 71  ? -1.800  11.258  4.643   1.00   33.24 ? 71   GLN A CG  1 
ATOM   577  C CD  . GLN A 1 71  ? -1.532  12.648  4.148   1.00   40.62 ? 71   GLN A CD  1 
ATOM   578  O OE1 . GLN A 1 71  ? -1.971  13.613  4.759   1.00   34.49 ? 71   GLN A OE1 1 
ATOM   579  N NE2 . GLN A 1 71  ? -0.822  12.759  3.031   1.00   30.87 ? 71   GLN A NE2 1 
ATOM   580  N N   . TYR A 1 72  ? -2.414  8.906   7.200   1.00   28.29 ? 72   TYR A N   1 
ATOM   581  C CA  . TYR A 1 72  ? -2.135  8.792   8.630   1.00   26.54 ? 72   TYR A CA  1 
ATOM   582  C C   . TYR A 1 72  ? -0.775  9.410   8.950   1.00   27.64 ? 72   TYR A C   1 
ATOM   583  O O   . TYR A 1 72  ? 0.100   9.495   8.095   1.00   28.17 ? 72   TYR A O   1 
ATOM   584  C CB  . TYR A 1 72  ? -2.099  7.314   9.060   1.00   25.12 ? 72   TYR A CB  1 
ATOM   585  C CG  . TYR A 1 72  ? -3.428  6.608   8.994   1.00   28.80 ? 72   TYR A CG  1 
ATOM   586  C CD1 . TYR A 1 72  ? -3.971  6.219   7.769   1.00   29.48 ? 72   TYR A CD1 1 
ATOM   587  C CD2 . TYR A 1 72  ? -4.141  6.311   10.163  1.00   25.16 ? 72   TYR A CD2 1 
ATOM   588  C CE1 . TYR A 1 72  ? -5.188  5.559   7.709   1.00   25.70 ? 72   TYR A CE1 1 
ATOM   589  C CE2 . TYR A 1 72  ? -5.340  5.657   10.114  1.00   30.12 ? 72   TYR A CE2 1 
ATOM   590  C CZ  . TYR A 1 72  ? -5.872  5.288   8.895   1.00   33.02 ? 72   TYR A CZ  1 
ATOM   591  O OH  . TYR A 1 72  ? -7.089  4.651   8.854   1.00   27.24 ? 72   TYR A OH  1 
ATOM   592  N N   . SER A 1 73  ? -0.597  9.814   10.194  1.00   29.33 ? 73   SER A N   1 
ATOM   593  C CA  . SER A 1 73  ? 0.716   10.212  10.661  1.00   25.73 ? 73   SER A CA  1 
ATOM   594  C C   . SER A 1 73  ? 0.790   9.938   12.143  1.00   29.64 ? 73   SER A C   1 
ATOM   595  O O   . SER A 1 73  ? -0.236  9.707   12.803  1.00   29.79 ? 73   SER A O   1 
ATOM   596  C CB  . SER A 1 73  ? 0.941   11.702  10.382  1.00   29.51 ? 73   SER A CB  1 
ATOM   597  O OG  . SER A 1 73  ? 0.181   12.497  11.273  1.00   28.93 ? 73   SER A OG  1 
ATOM   598  N N   . CYS A 1 74  ? 1.991   9.956   12.680  1.00   23.99 ? 74   CYS A N   1 
ATOM   599  C CA  . CYS A 1 74  ? 2.182   9.655   14.081  1.00   24.35 ? 74   CYS A CA  1 
ATOM   600  C C   . CYS A 1 74  ? 3.052   10.739  14.709  1.00   24.34 ? 74   CYS A C   1 
ATOM   601  O O   . CYS A 1 74  ? 3.959   11.274  14.055  1.00   30.81 ? 74   CYS A O   1 
ATOM   602  C CB  . CYS A 1 74  ? 2.848   8.282   14.207  1.00   26.18 ? 74   CYS A CB  1 
ATOM   603  S SG  . CYS A 1 74  ? 3.432   7.906   15.831  1.00   36.85 ? 74   CYS A SG  1 
ATOM   604  N N   . ILE A 1 75  ? 2.749   11.099  15.953  1.00   26.05 ? 75   ILE A N   1 
ATOM   605  C CA  . ILE A 1 75  ? 3.655   11.919  16.760  1.00   26.19 ? 75   ILE A CA  1 
ATOM   606  C C   . ILE A 1 75  ? 3.822   11.261  18.116  1.00   30.61 ? 75   ILE A C   1 
ATOM   607  O O   . ILE A 1 75  ? 2.966   10.463  18.542  1.00   27.62 ? 75   ILE A O   1 
ATOM   608  C CB  . ILE A 1 75  ? 3.087   13.367  16.956  1.00   26.63 ? 75   ILE A CB  1 
ATOM   609  C CG1 . ILE A 1 75  ? 1.652   13.316  17.531  1.00   29.21 ? 75   ILE A CG1 1 
ATOM   610  C CG2 . ILE A 1 75  ? 3.113   14.135  15.637  1.00   27.96 ? 75   ILE A CG2 1 
ATOM   611  C CD1 . ILE A 1 75  ? 1.129   14.708  18.012  1.00   27.81 ? 75   ILE A CD1 1 
ATOM   612  N N   . TYR A 1 76  ? 4.907   11.594  18.801  1.00   25.64 ? 76   TYR A N   1 
ATOM   613  C CA  . TYR A 1 76  ? 5.135   11.045  20.125  1.00   27.19 ? 76   TYR A CA  1 
ATOM   614  C C   . TYR A 1 76  ? 5.759   12.067  21.052  1.00   31.19 ? 76   TYR A C   1 
ATOM   615  O O   . TYR A 1 76  ? 6.278   13.098  20.612  1.00   29.66 ? 76   TYR A O   1 
ATOM   616  C CB  . TYR A 1 76  ? 6.030   9.821   20.043  1.00   28.50 ? 76   TYR A CB  1 
ATOM   617  C CG  . TYR A 1 76  ? 7.448   10.150  19.678  1.00   29.63 ? 76   TYR A CG  1 
ATOM   618  C CD1 . TYR A 1 76  ? 8.405   10.384  20.670  1.00   31.18 ? 76   TYR A CD1 1 
ATOM   619  C CD2 . TYR A 1 76  ? 7.843   10.234  18.352  1.00   26.61 ? 76   TYR A CD2 1 
ATOM   620  C CE1 . TYR A 1 76  ? 9.709   10.676  20.351  1.00   33.88 ? 76   TYR A CE1 1 
ATOM   621  C CE2 . TYR A 1 76  ? 9.163   10.539  18.021  1.00   34.99 ? 76   TYR A CE2 1 
ATOM   622  C CZ  . TYR A 1 76  ? 10.090  10.753  19.039  1.00   32.62 ? 76   TYR A CZ  1 
ATOM   623  O OH  . TYR A 1 76  ? 11.395  11.066  18.736  1.00   34.17 ? 76   TYR A OH  1 
ATOM   624  N N   . ARG A 1 77  ? 5.702   11.766  22.337  1.00   31.19 ? 77   ARG A N   1 
ATOM   625  C CA  . ARG A 1 77  ? 6.028   12.718  23.381  1.00   36.85 ? 77   ARG A CA  1 
ATOM   626  C C   . ARG A 1 77  ? 7.083   12.097  24.301  1.00   38.43 ? 77   ARG A C   1 
ATOM   627  O O   . ARG A 1 77  ? 6.943   10.948  24.732  1.00   34.00 ? 77   ARG A O   1 
ATOM   628  C CB  . ARG A 1 77  ? 4.766   13.026  24.190  1.00   35.39 ? 77   ARG A CB  1 
ATOM   629  C CG  . ARG A 1 77  ? 4.980   13.945  25.353  1.00   39.49 ? 77   ARG A CG  1 
ATOM   630  C CD  . ARG A 1 77  ? 3.726   14.597  25.842  1.00   30.72 ? 77   ARG A CD  1 
ATOM   631  N NE  . ARG A 1 77  ? 2.785   13.634  26.398  1.00   31.97 ? 77   ARG A NE  1 
ATOM   632  C CZ  . ARG A 1 77  ? 2.868   13.126  27.634  1.00   42.92 ? 77   ARG A CZ  1 
ATOM   633  N NH1 . ARG A 1 77  ? 3.866   13.482  28.437  1.00   34.07 ? 77   ARG A NH1 1 
ATOM   634  N NH2 . ARG A 1 77  ? 1.956   12.255  28.063  1.00   33.33 ? 77   ARG A NH2 1 
ATOM   635  N N   . VAL A 1 78  ? 8.057   12.925  24.683  1.00   39.64 ? 78   VAL A N   1 
ATOM   636  C CA  . VAL A 1 78  ? 8.994   12.563  25.751  1.00   44.25 ? 78   VAL A CA  1 
ATOM   637  C C   . VAL A 1 78  ? 8.993   13.760  26.691  1.00   48.29 ? 78   VAL A C   1 
ATOM   638  O O   . VAL A 1 78  ? 9.584   14.793  26.366  1.00   50.10 ? 78   VAL A O   1 
ATOM   639  C CB  . VAL A 1 78  ? 10.450  12.266  25.323  1.00   47.00 ? 78   VAL A CB  1 
ATOM   640  C CG1 . VAL A 1 78  ? 11.320  11.925  26.526  1.00   49.65 ? 78   VAL A CG1 1 
ATOM   641  C CG2 . VAL A 1 78  ? 10.490  11.121  24.310  1.00   47.98 ? 78   VAL A CG2 1 
ATOM   642  N N   . GLY A 1 79  ? 8.363   13.626  27.829  1.00   47.50 ? 79   GLY A N   1 
ATOM   643  C CA  . GLY A 1 79  ? 8.284   14.764  28.698  1.00   49.04 ? 79   GLY A CA  1 
ATOM   644  C C   . GLY A 1 79  ? 7.043   15.558  28.263  1.00   51.54 ? 79   GLY A C   1 
ATOM   645  O O   . GLY A 1 79  ? 5.961   14.986  28.111  1.00   49.79 ? 79   GLY A O   1 
ATOM   646  N N   . GLU A 1 80  ? 7.198   16.860  28.051  1.00   45.44 ? 80   GLU A N   1 
ATOM   647  C CA  . GLU A 1 80  ? 6.084   17.697  27.660  1.00   43.01 ? 80   GLU A CA  1 
ATOM   648  C C   . GLU A 1 80  ? 6.116   18.021  26.171  1.00   41.00 ? 80   GLU A C   1 
ATOM   649  O O   . GLU A 1 80  ? 5.163   18.576  25.638  1.00   44.27 ? 80   GLU A O   1 
ATOM   650  C CB  . GLU A 1 80  ? 6.067   18.991  28.490  1.00   49.13 ? 80   GLU A CB  1 
ATOM   651  C CG  . GLU A 1 80  ? 5.842   18.766  29.980  1.00   62.67 ? 80   GLU A CG  1 
ATOM   652  C CD  . GLU A 1 80  ? 4.397   18.430  30.310  1.00   74.63 ? 80   GLU A CD  1 
ATOM   653  O OE1 . GLU A 1 80  ? 3.503   19.226  29.950  1.00   84.48 ? 80   GLU A OE1 1 
ATOM   654  O OE2 . GLU A 1 80  ? 4.150   17.369  30.931  1.00   75.98 ? 80   GLU A OE2 1 
ATOM   655  N N   . LEU A 1 81  ? 7.219   17.681  25.505  1.00   37.69 ? 81   LEU A N   1 
ATOM   656  C CA  . LEU A 1 81  ? 7.434   18.099  24.120  1.00   41.17 ? 81   LEU A CA  1 
ATOM   657  C C   . LEU A 1 81  ? 6.962   17.037  23.128  1.00   39.20 ? 81   LEU A C   1 
ATOM   658  O O   . LEU A 1 81  ? 7.258   15.845  23.285  1.00   35.33 ? 81   LEU A O   1 
ATOM   659  C CB  . LEU A 1 81  ? 8.916   18.408  23.869  1.00   44.31 ? 81   LEU A CB  1 
ATOM   660  C CG  . LEU A 1 81  ? 9.546   19.619  24.587  1.00   56.83 ? 81   LEU A CG  1 
ATOM   661  C CD1 . LEU A 1 81  ? 8.735   20.010  25.821  1.00   69.61 ? 81   LEU A CD1 1 
ATOM   662  C CD2 . LEU A 1 81  ? 11.001  19.327  24.970  1.00   59.68 ? 81   LEU A CD2 1 
ATOM   663  N N   . TRP A 1 82  ? 6.248   17.469  22.094  1.00   36.13 ? 82   TRP A N   1 
ATOM   664  C CA  . TRP A 1 82  ? 5.851   16.557  21.015  1.00   33.61 ? 82   TRP A CA  1 
ATOM   665  C C   . TRP A 1 82  ? 6.843   16.602  19.870  1.00   33.43 ? 82   TRP A C   1 
ATOM   666  O O   . TRP A 1 82  ? 7.382   17.652  19.551  1.00   36.69 ? 82   TRP A O   1 
ATOM   667  C CB  . TRP A 1 82  ? 4.440   16.888  20.510  1.00   35.71 ? 82   TRP A CB  1 
ATOM   668  C CG  . TRP A 1 82  ? 3.384   16.498  21.491  1.00   25.89 ? 82   TRP A CG  1 
ATOM   669  C CD1 . TRP A 1 82  ? 2.809   17.298  22.443  1.00   31.81 ? 82   TRP A CD1 1 
ATOM   670  C CD2 . TRP A 1 82  ? 2.807   15.200  21.655  1.00   33.76 ? 82   TRP A CD2 1 
ATOM   671  N NE1 . TRP A 1 82  ? 1.906   16.577  23.182  1.00   28.75 ? 82   TRP A NE1 1 
ATOM   672  C CE2 . TRP A 1 82  ? 1.879   15.283  22.713  1.00   34.49 ? 82   TRP A CE2 1 
ATOM   673  C CE3 . TRP A 1 82  ? 2.972   13.968  21.004  1.00   31.37 ? 82   TRP A CE3 1 
ATOM   674  C CZ2 . TRP A 1 82  ? 1.127   14.187  23.139  1.00   30.47 ? 82   TRP A CZ2 1 
ATOM   675  C CZ3 . TRP A 1 82  ? 2.215   12.879  21.429  1.00   32.61 ? 82   TRP A CZ3 1 
ATOM   676  C CH2 . TRP A 1 82  ? 1.306   12.999  22.480  1.00   33.26 ? 82   TRP A CH2 1 
ATOM   677  N N   . SER A 1 83  ? 7.055   15.459  19.235  1.00   29.82 ? 83   SER A N   1 
ATOM   678  C CA  . SER A 1 83  ? 7.882   15.371  18.026  1.00   29.01 ? 83   SER A CA  1 
ATOM   679  C C   . SER A 1 83  ? 7.191   16.022  16.838  1.00   31.99 ? 83   SER A C   1 
ATOM   680  O O   . SER A 1 83  ? 5.975   16.273  16.863  1.00   30.46 ? 83   SER A O   1 
ATOM   681  C CB  . SER A 1 83  ? 8.128   13.909  17.672  1.00   28.21 ? 83   SER A CB  1 
ATOM   682  O OG  . SER A 1 83  ? 6.929   13.346  17.108  1.00   30.40 ? 83   SER A OG  1 
ATOM   683  N N   . GLU A 1 84  ? 7.957   16.251  15.777  1.00   30.13 ? 84   GLU A N   1 
ATOM   684  C CA  . GLU A 1 84  ? 7.373   16.489  14.472  1.00   33.53 ? 84   GLU A CA  1 
ATOM   685  C C   . GLU A 1 84  ? 6.562   15.253  14.052  1.00   33.98 ? 84   GLU A C   1 
ATOM   686  O O   . GLU A 1 84  ? 6.806   14.141  14.537  1.00   33.84 ? 84   GLU A O   1 
ATOM   687  C CB  . GLU A 1 84  ? 8.471   16.774  13.445  1.00   34.98 ? 84   GLU A CB  1 
ATOM   688  C CG  . GLU A 1 84  ? 9.320   17.997  13.760  1.00   55.53 ? 84   GLU A CG  1 
ATOM   689  C CD  . GLU A 1 84  ? 8.494   19.262  13.946  1.00   71.81 ? 84   GLU A CD  1 
ATOM   690  O OE1 . GLU A 1 84  ? 7.666   19.574  13.057  1.00   70.00 ? 84   GLU A OE1 1 
ATOM   691  O OE2 . GLU A 1 84  ? 8.679   19.950  14.981  1.00   76.41 ? 84   GLU A OE2 1 
ATOM   692  N N   . PRO A 1 85  ? 5.601   15.449  13.164  1.00   31.70 ? 85   PRO A N   1 
ATOM   693  C CA  . PRO A 1 85  ? 4.865   14.328  12.558  1.00   31.48 ? 85   PRO A CA  1 
ATOM   694  C C   . PRO A 1 85  ? 5.796   13.386  11.800  1.00   32.73 ? 85   PRO A C   1 
ATOM   695  O O   . PRO A 1 85  ? 6.824   13.816  11.262  1.00   28.60 ? 85   PRO A O   1 
ATOM   696  C CB  . PRO A 1 85  ? 3.923   15.025  11.562  1.00   31.82 ? 85   PRO A CB  1 
ATOM   697  C CG  . PRO A 1 85  ? 3.824   16.435  12.051  1.00   32.44 ? 85   PRO A CG  1 
ATOM   698  C CD  . PRO A 1 85  ? 5.151   16.760  12.660  1.00   32.91 ? 85   PRO A CD  1 
ATOM   699  N N   . SER A 1 86  ? 5.411   12.119  11.744  1.00   29.80 ? 86   SER A N   1 
ATOM   700  C CA  . SER A 1 86  ? 6.084   11.118  10.945  1.00   29.80 ? 86   SER A CA  1 
ATOM   701  C C   . SER A 1 86  ? 5.900   11.406  9.457   1.00   29.76 ? 86   SER A C   1 
ATOM   702  O O   . SER A 1 86  ? 5.216   12.361  9.077   1.00   30.55 ? 86   SER A O   1 
ATOM   703  C CB  . SER A 1 86  ? 5.496   9.754   11.261  1.00   25.61 ? 86   SER A CB  1 
ATOM   704  O OG  . SER A 1 86  ? 4.119   9.703   10.863  1.00   28.77 ? 86   SER A OG  1 
ATOM   705  N N   . ASN A 1 87  ? 6.488   10.566  8.620   1.00   28.07 ? 87   ASN A N   1 
ATOM   706  C CA  . ASN A 1 87  ? 6.076   10.485  7.226   1.00   33.27 ? 87   ASN A CA  1 
ATOM   707  C C   . ASN A 1 87  ? 4.581   10.258  7.173   1.00   32.47 ? 87   ASN A C   1 
ATOM   708  O O   . ASN A 1 87  ? 3.991   9.748   8.132   1.00   29.00 ? 87   ASN A O   1 
ATOM   709  C CB  . ASN A 1 87  ? 6.794   9.331   6.518   1.00   34.64 ? 87   ASN A CB  1 
ATOM   710  C CG  . ASN A 1 87  ? 6.585   8.002   7.214   1.00   38.36 ? 87   ASN A CG  1 
ATOM   711  O OD1 . ASN A 1 87  ? 6.115   7.029   6.605   1.00   38.21 ? 87   ASN A OD1 1 
ATOM   712  N ND2 . ASN A 1 87  ? 6.934   7.947   8.490   1.00   27.23 ? 87   ASN A ND2 1 
ATOM   713  N N   . LEU A 1 88  ? 3.970   10.631  6.053   1.00   29.09 ? 88   LEU A N   1 
ATOM   714  C CA  . LEU A 1 88  ? 2.525   10.522  5.889   1.00   33.70 ? 88   LEU A CA  1 
ATOM   715  C C   . LEU A 1 88  ? 2.196   9.235   5.155   1.00   33.16 ? 88   LEU A C   1 
ATOM   716  O O   . LEU A 1 88  ? 2.611   9.033   4.020   1.00   35.28 ? 88   LEU A O   1 
ATOM   717  C CB  . LEU A 1 88  ? 1.976   11.727  5.113   1.00   30.33 ? 88   LEU A CB  1 
ATOM   718  C CG  . LEU A 1 88  ? 2.349   13.091  5.704   1.00   35.47 ? 88   LEU A CG  1 
ATOM   719  C CD1 . LEU A 1 88  ? 1.759   14.247  4.873   1.00   36.17 ? 88   LEU A CD1 1 
ATOM   720  C CD2 . LEU A 1 88  ? 1.918   13.191  7.173   1.00   32.97 ? 88   LEU A CD2 1 
ATOM   721  N N   . LEU A 1 89  ? 1.471   8.354   5.821   1.00   27.70 ? 89   LEU A N   1 
ATOM   722  C CA  . LEU A 1 89  ? 1.221   7.033   5.289   1.00   26.72 ? 89   LEU A CA  1 
ATOM   723  C C   . LEU A 1 89  ? -0.168  6.973   4.705   1.00   25.24 ? 89   LEU A C   1 
ATOM   724  O O   . LEU A 1 89  ? -1.123  7.332   5.368   1.00   28.50 ? 89   LEU A O   1 
ATOM   725  C CB  . LEU A 1 89  ? 1.345   5.993   6.397   1.00   25.91 ? 89   LEU A CB  1 
ATOM   726  C CG  . LEU A 1 89  ? 1.021   4.557   5.941   1.00   35.17 ? 89   LEU A CG  1 
ATOM   727  C CD1 . LEU A 1 89  ? 2.139   4.029   5.056   1.00   31.54 ? 89   LEU A CD1 1 
ATOM   728  C CD2 . LEU A 1 89  ? 0.821   3.644   7.150   1.00   37.58 ? 89   LEU A CD2 1 
ATOM   729  N N   . ASP A 1 90  ? -0.284  6.501   3.463   1.00   25.43 ? 90   ASP A N   1 
ATOM   730  C CA  . ASP A 1 90  ? -1.596  6.253   2.862   1.00   29.45 ? 90   ASP A CA  1 
ATOM   731  C C   . ASP A 1 90  ? -2.013  4.796   3.020   1.00   29.58 ? 90   ASP A C   1 
ATOM   732  O O   . ASP A 1 90  ? -1.332  3.891   2.549   1.00   30.09 ? 90   ASP A O   1 
ATOM   733  C CB  . ASP A 1 90  ? -1.600  6.607   1.374   1.00   33.15 ? 90   ASP A CB  1 
ATOM   734  C CG  . ASP A 1 90  ? -1.510  8.093   1.129   1.00   38.38 ? 90   ASP A CG  1 
ATOM   735  O OD1 . ASP A 1 90  ? -2.482  8.815   1.464   1.00   31.89 ? 90   ASP A OD1 1 
ATOM   736  O OD2 . ASP A 1 90  ? -0.504  8.632   0.607   1.00   34.75 ? 90   ASP A OD2 1 
ATOM   737  N N   . LEU A 1 91  ? -3.156  4.580   3.656   1.00   25.57 ? 91   LEU A N   1 
ATOM   738  C CA  . LEU A 1 91  ? -3.814  3.279   3.605   1.00   30.81 ? 91   LEU A CA  1 
ATOM   739  C C   . LEU A 1 91  ? -4.857  3.324   2.485   1.00   27.23 ? 91   LEU A C   1 
ATOM   740  O O   . LEU A 1 91  ? -5.607  4.281   2.382   1.00   28.10 ? 91   LEU A O   1 
ATOM   741  C CB  . LEU A 1 91  ? -4.529  3.021   4.942   1.00   30.25 ? 91   LEU A CB  1 
ATOM   742  C CG  . LEU A 1 91  ? -4.124  1.854   5.843   1.00   38.83 ? 91   LEU A CG  1 
ATOM   743  C CD1 . LEU A 1 91  ? -2.597  1.620   5.876   1.00   31.80 ? 91   LEU A CD1 1 
ATOM   744  C CD2 . LEU A 1 91  ? -4.697  2.095   7.268   1.00   27.60 ? 91   LEU A CD2 1 
ATOM   745  N N   . VAL A 1 92  ? -4.936  2.269   1.684   1.00   26.21 ? 92   VAL A N   1 
ATOM   746  C CA  . VAL A 1 92  ? -6.061  2.129   0.770   1.00   28.65 ? 92   VAL A CA  1 
ATOM   747  C C   . VAL A 1 92  ? -6.913  0.919   1.111   1.00   28.80 ? 92   VAL A C   1 
ATOM   748  O O   . VAL A 1 92  ? -6.407  -0.099  1.601   1.00   30.95 ? 92   VAL A O   1 
ATOM   749  C CB  . VAL A 1 92  ? -5.606  2.076   -0.712  1.00   26.42 ? 92   VAL A CB  1 
ATOM   750  C CG1 . VAL A 1 92  ? -4.613  3.222   -1.005  1.00   35.70 ? 92   VAL A CG1 1 
ATOM   751  C CG2 . VAL A 1 92  ? -4.995  0.754   -1.034  1.00   28.34 ? 92   VAL A CG2 1 
ATOM   752  N N   . VAL A 1 93  ? -8.194  1.007   0.782   1.00   32.20 ? 93   VAL A N   1 
ATOM   753  C CA  . VAL A 1 93  ? -9.094  -0.123  0.927   1.00   30.83 ? 93   VAL A CA  1 
ATOM   754  C C   . VAL A 1 93  ? -9.225  -0.735  -0.468  1.00   31.62 ? 93   VAL A C   1 
ATOM   755  O O   . VAL A 1 93  ? -9.416  -0.022  -1.450  1.00   29.86 ? 93   VAL A O   1 
ATOM   756  C CB  . VAL A 1 93  ? -10.487 0.262   1.471   1.00   30.79 ? 93   VAL A CB  1 
ATOM   757  C CG1 . VAL A 1 93  ? -11.205 1.162   0.482   1.00   27.63 ? 93   VAL A CG1 1 
ATOM   758  C CG2 . VAL A 1 93  ? -11.312 -0.978  1.776   1.00   24.61 ? 93   VAL A CG2 1 
ATOM   759  N N   . THR A 1 94  ? -9.134  -2.051  -0.556  1.00   29.20 ? 94   THR A N   1 
ATOM   760  C CA  . THR A 1 94  ? -9.335  -2.765  -1.835  1.00   32.25 ? 94   THR A CA  1 
ATOM   761  C C   . THR A 1 94  ? -10.618 -3.633  -1.719  1.00   35.48 ? 94   THR A C   1 
ATOM   762  O O   . THR A 1 94  ? -11.437 -3.389  -0.837  1.00   33.15 ? 94   THR A O   1 
ATOM   763  C CB  . THR A 1 94  ? -8.110  -3.612  -2.196  1.00   31.03 ? 94   THR A CB  1 
ATOM   764  O OG1 . THR A 1 94  ? -8.074  -4.759  -1.343  1.00   30.88 ? 94   THR A OG1 1 
ATOM   765  C CG2 . THR A 1 94  ? -6.838  -2.795  -2.030  1.00   31.72 ? 94   THR A CG2 1 
ATOM   766  N N   . GLU A 1 95  ? -10.803 -4.619  -2.612  1.00   34.69 ? 95   GLU A N   1 
ATOM   767  C CA  . GLU A 1 95  ? -12.014 -5.503  -2.646  1.00   34.10 ? 95   GLU A CA  1 
ATOM   768  C C   . GLU A 1 95  ? -13.313 -4.653  -2.703  1.00   36.27 ? 95   GLU A C   1 
ATOM   769  O O   . GLU A 1 95  ? -14.297 -4.930  -2.024  1.00   36.86 ? 95   GLU A O   1 
ATOM   770  C CB  . GLU A 1 95  ? -11.914 -6.509  -1.488  1.00   28.36 ? 95   GLU A CB  1 
ATOM   771  C CG  . GLU A 1 95  ? -10.590 -7.252  -1.514  1.00   34.55 ? 95   GLU A CG  1 
ATOM   772  C CD  . GLU A 1 95  ? -10.691 -8.713  -1.150  1.00   42.08 ? 95   GLU A CD  1 
ATOM   773  O OE1 . GLU A 1 95  ? -11.704 -9.084  -0.530  1.00   40.25 ? 95   GLU A OE1 1 
ATOM   774  O OE2 . GLU A 1 95  ? -9.772  -9.487  -1.477  1.00   48.24 ? 95   GLU A OE2 1 
ATOM   775  N N   . MET A 1 96  ? -13.238 -3.613  -3.543  1.00   34.12 ? 96   MET A N   1 
ATOM   776  C CA  . MET A 1 96  ? -14.278 -2.600  -3.705  1.00   36.31 ? 96   MET A CA  1 
ATOM   777  C C   . MET A 1 96  ? -15.084 -2.693  -4.988  1.00   37.43 ? 96   MET A C   1 
ATOM   778  O O   . MET A 1 96  ? -14.657 -2.263  -6.075  1.00   38.57 ? 96   MET A O   1 
ATOM   779  C CB  . MET A 1 96  ? -13.646 -1.217  -3.617  1.00   32.82 ? 96   MET A CB  1 
ATOM   780  C CG  . MET A 1 96  ? -13.738 -0.552  -2.266  1.00   47.98 ? 96   MET A CG  1 
ATOM   781  S SD  . MET A 1 96  ? -15.259 -1.001  -1.393  1.00   47.27 ? 96   MET A SD  1 
ATOM   782  C CE  . MET A 1 96  ? -15.774 0.596   -0.754  1.00   55.62 ? 96   MET A CE  1 
ATOM   783  N N   . TYR A 1 97  ? -16.262 -3.271  -4.828  1.00   33.38 ? 97   TYR A N   1 
ATOM   784  C CA  . TYR A 1 97  ? -17.126 -3.297  -5.953  1.00   34.68 ? 97   TYR A CA  1 
ATOM   785  C C   . TYR A 1 97  ? -16.713 -4.310  -7.041  1.00   37.25 ? 97   TYR A C   1 
ATOM   786  O O   . TYR A 1 97  ? -16.553 -5.491  -6.734  1.00   34.22 ? 97   TYR A O   1 
ATOM   787  C CB  . TYR A 1 97  ? -17.186 -1.918  -6.615  1.00   32.76 ? 97   TYR A CB  1 
ATOM   788  C CG  . TYR A 1 97  ? -17.694 -0.823  -5.704  1.00   40.71 ? 97   TYR A CG  1 
ATOM   789  C CD1 . TYR A 1 97  ? -17.022 0.388   -5.604  1.00   44.00 ? 97   TYR A CD1 1 
ATOM   790  C CD2 . TYR A 1 97  ? -18.841 -0.996  -4.947  1.00   37.41 ? 97   TYR A CD2 1 
ATOM   791  C CE1 . TYR A 1 97  ? -17.479 1.394   -4.775  1.00   42.27 ? 97   TYR A CE1 1 
ATOM   792  C CE2 . TYR A 1 97  ? -19.307 0.004   -4.113  1.00   38.53 ? 97   TYR A CE2 1 
ATOM   793  C CZ  . TYR A 1 97  ? -18.623 1.197   -4.032  1.00   37.22 ? 97   TYR A CZ  1 
ATOM   794  O OH  . TYR A 1 97  ? -19.083 2.194   -3.203  1.00   36.68 ? 97   TYR A OH  1 
ATOM   795  N N   . ASP A 1 98  ? -16.508 -3.852  -8.253  1.00   39.19 ? 98   ASP A N   1 
ATOM   796  C CA  . ASP A 1 98  ? -16.183 -4.723  -9.358  1.00   43.15 ? 98   ASP A CA  1 
ATOM   797  C C   . ASP A 1 98  ? -14.727 -5.148  -9.455  1.00   43.32 ? 98   ASP A C   1 
ATOM   798  O O   . ASP A 1 98  ? -13.837 -4.629  -8.800  1.00   37.61 ? 98   ASP A O   1 
ATOM   799  C CB  . ASP A 1 98  ? -16.592 -4.056  -10.664 1.00   44.92 ? 98   ASP A CB  1 
ATOM   800  C CG  . ASP A 1 98  ? -18.065 -3.650  -10.628 1.00   50.92 ? 98   ASP A CG  1 
ATOM   801  O OD1 . ASP A 1 98  ? -18.906 -4.498  -10.280 1.00   59.75 ? 98   ASP A OD1 1 
ATOM   802  O OD2 . ASP A 1 98  ? -18.357 -2.492  -10.958 1.00   59.33 ? 98   ASP A OD2 1 
ATOM   803  N N   . THR A 1 99  ? -14.541 -6.145  -10.333 1.00   41.49 ? 99   THR A N   1 
ATOM   804  C CA  . THR A 1 99  ? -13.278 -6.763  -10.644 1.00   38.36 ? 99   THR A CA  1 
ATOM   805  C C   . THR A 1 99  ? -12.816 -6.314  -12.055 1.00   40.51 ? 99   THR A C   1 
ATOM   806  O O   . THR A 1 99  ? -13.628 -6.240  -12.985 1.00   37.76 ? 99   THR A O   1 
ATOM   807  C CB  . THR A 1 99  ? -13.414 -8.293  -10.538 1.00   39.14 ? 99   THR A CB  1 
ATOM   808  O OG1 . THR A 1 99  ? -14.077 -8.614  -9.313  1.00   39.51 ? 99   THR A OG1 1 
ATOM   809  C CG2 . THR A 1 99  ? -12.044 -8.942  -10.593 1.00   42.22 ? 99   THR A CG2 1 
ATOM   810  N N   . PRO A 1 100 ? -11.512 -6.015  -12.203 1.00   38.63 ? 100  PRO A N   1 
ATOM   811  C CA  . PRO A 1 100 ? -10.956 -5.604  -13.494 1.00   36.78 ? 100  PRO A CA  1 
ATOM   812  C C   . PRO A 1 100 ? -10.370 -6.807  -14.221 1.00   32.06 ? 100  PRO A C   1 
ATOM   813  O O   . PRO A 1 100 ? -10.149 -7.845  -13.607 1.00   36.81 ? 100  PRO A O   1 
ATOM   814  C CB  . PRO A 1 100 ? -9.844  -4.631  -13.093 1.00   35.83 ? 100  PRO A CB  1 
ATOM   815  C CG  . PRO A 1 100 ? -9.368  -5.142  -11.750 1.00   33.74 ? 100  PRO A CG  1 
ATOM   816  C CD  . PRO A 1 100 ? -10.576 -5.795  -11.083 1.00   34.27 ? 100  PRO A CD  1 
ATOM   817  N N   . THR A 1 101 ? -10.110 -6.672  -15.514 1.00   38.09 ? 101  THR A N   1 
ATOM   818  C CA  . THR A 1 101 ? -9.388  -7.718  -16.234 1.00   38.08 ? 101  THR A CA  1 
ATOM   819  C C   . THR A 1 101 ? -7.948  -7.329  -16.477 1.00   34.96 ? 101  THR A C   1 
ATOM   820  O O   . THR A 1 101 ? -7.639  -6.162  -16.680 1.00   33.86 ? 101  THR A O   1 
ATOM   821  C CB  . THR A 1 101 ? -10.096 -8.076  -17.558 1.00   37.06 ? 101  THR A CB  1 
ATOM   822  O OG1 . THR A 1 101 ? -10.392 -6.882  -18.285 1.00   48.14 ? 101  THR A OG1 1 
ATOM   823  C CG2 . THR A 1 101 ? -11.466 -8.655  -17.277 1.00   41.11 ? 101  THR A CG2 1 
ATOM   824  N N   . LEU A 1 102 ? -7.058  -8.308  -16.425 1.00   32.66 ? 102  LEU A N   1 
ATOM   825  C CA  . LEU A 1 102 ? -5.660  -8.062  -16.722 1.00   31.64 ? 102  LEU A CA  1 
ATOM   826  C C   . LEU A 1 102 ? -5.229  -8.932  -17.899 1.00   36.12 ? 102  LEU A C   1 
ATOM   827  O O   . LEU A 1 102 ? -5.538  -10.131 -17.944 1.00   35.27 ? 102  LEU A O   1 
ATOM   828  C CB  . LEU A 1 102 ? -4.791  -8.365  -15.497 1.00   33.27 ? 102  LEU A CB  1 
ATOM   829  C CG  . LEU A 1 102 ? -3.267  -8.239  -15.674 1.00   34.33 ? 102  LEU A CG  1 
ATOM   830  C CD1 . LEU A 1 102 ? -2.864  -6.788  -15.868 1.00   30.48 ? 102  LEU A CD1 1 
ATOM   831  C CD2 . LEU A 1 102 ? -2.539  -8.845  -14.479 1.00   30.76 ? 102  LEU A CD2 1 
ATOM   832  N N   . SER A 1 103 ? -4.525  -8.325  -18.852 1.00   34.72 ? 103  SER A N   1 
ATOM   833  C CA  . SER A 1 103 ? -3.982  -9.055  -19.998 1.00   33.37 ? 103  SER A CA  1 
ATOM   834  C C   . SER A 1 103 ? -2.519  -8.668  -20.193 1.00   28.06 ? 103  SER A C   1 
ATOM   835  O O   . SER A 1 103 ? -2.065  -7.646  -19.683 1.00   29.31 ? 103  SER A O   1 
ATOM   836  C CB  . SER A 1 103 ? -4.785  -8.728  -21.260 1.00   34.49 ? 103  SER A CB  1 
ATOM   837  O OG  . SER A 1 103 ? -4.440  -7.448  -21.740 1.00   39.64 ? 103  SER A OG  1 
ATOM   838  N N   . VAL A 1 104 ? -1.769  -9.489  -20.904 1.00   26.19 ? 104  VAL A N   1 
ATOM   839  C CA  . VAL A 1 104 ? -0.341  -9.213  -21.087 1.00   27.87 ? 104  VAL A CA  1 
ATOM   840  C C   . VAL A 1 104 ? 0.070   -9.395  -22.548 1.00   30.18 ? 104  VAL A C   1 
ATOM   841  O O   . VAL A 1 104 ? -0.363  -10.329 -23.203 1.00   28.73 ? 104  VAL A O   1 
ATOM   842  C CB  . VAL A 1 104 ? 0.526   -10.129 -20.215 1.00   24.99 ? 104  VAL A CB  1 
ATOM   843  C CG1 . VAL A 1 104 ? 0.355   -11.568 -20.620 1.00   28.83 ? 104  VAL A CG1 1 
ATOM   844  C CG2 . VAL A 1 104 ? 2.006   -9.709  -20.306 1.00   27.84 ? 104  VAL A CG2 1 
ATOM   845  N N   . HIS A 1 105 ? 0.893   -8.485  -23.041 1.00   30.34 ? 105  HIS A N   1 
ATOM   846  C CA  . HIS A 1 105 ? 1.454   -8.595  -24.389 1.00   31.07 ? 105  HIS A CA  1 
ATOM   847  C C   . HIS A 1 105 ? 2.957   -8.733  -24.235 1.00   28.23 ? 105  HIS A C   1 
ATOM   848  O O   . HIS A 1 105 ? 3.560   -8.063  -23.382 1.00   32.45 ? 105  HIS A O   1 
ATOM   849  C CB  . HIS A 1 105 ? 1.120   -7.321  -25.193 1.00   30.66 ? 105  HIS A CB  1 
ATOM   850  C CG  . HIS A 1 105 ? 1.771   -7.262  -26.536 1.00   34.13 ? 105  HIS A CG  1 
ATOM   851  N ND1 . HIS A 1 105 ? 3.047   -6.767  -26.723 1.00   31.84 ? 105  HIS A ND1 1 
ATOM   852  C CD2 . HIS A 1 105 ? 1.331   -7.647  -27.758 1.00   33.22 ? 105  HIS A CD2 1 
ATOM   853  C CE1 . HIS A 1 105 ? 3.361   -6.849  -28.005 1.00   30.71 ? 105  HIS A CE1 1 
ATOM   854  N NE2 . HIS A 1 105 ? 2.335   -7.371  -28.655 1.00   29.65 ? 105  HIS A NE2 1 
ATOM   855  N N   . PRO A 1 106 ? 3.578   -9.590  -25.043 1.00   27.66 ? 106  PRO A N   1 
ATOM   856  C CA  . PRO A 1 106 ? 2.887   -10.361 -26.095 1.00   28.76 ? 106  PRO A CA  1 
ATOM   857  C C   . PRO A 1 106 ? 2.236   -11.646 -25.569 1.00   33.39 ? 106  PRO A C   1 
ATOM   858  O O   . PRO A 1 106 ? 1.465   -12.296 -26.289 1.00   32.13 ? 106  PRO A O   1 
ATOM   859  C CB  . PRO A 1 106 ? 4.019   -10.723 -27.056 1.00   25.97 ? 106  PRO A CB  1 
ATOM   860  C CG  . PRO A 1 106 ? 5.277   -10.804 -26.155 1.00   34.11 ? 106  PRO A CG  1 
ATOM   861  C CD  . PRO A 1 106 ? 5.026   -9.852  -24.996 1.00   30.53 ? 106  PRO A CD  1 
ATOM   862  N N   . GLY A 1 107 ? 2.555   -12.011 -24.331 1.00   30.15 ? 107  GLY A N   1 
ATOM   863  C CA  . GLY A 1 107 ? 2.075   -13.251 -23.749 1.00   27.65 ? 107  GLY A CA  1 
ATOM   864  C C   . GLY A 1 107 ? 2.759   -13.461 -22.397 1.00   33.09 ? 107  GLY A C   1 
ATOM   865  O O   . GLY A 1 107 ? 3.670   -12.726 -22.051 1.00   31.44 ? 107  GLY A O   1 
ATOM   866  N N   . PRO A 1 108 ? 2.299   -14.431 -21.626 1.00   33.68 ? 108  PRO A N   1 
ATOM   867  C CA  . PRO A 1 108 ? 2.813   -14.625 -20.263 1.00   32.30 ? 108  PRO A CA  1 
ATOM   868  C C   . PRO A 1 108 ? 4.114   -15.446 -20.198 1.00   33.70 ? 108  PRO A C   1 
ATOM   869  O O   . PRO A 1 108 ? 4.695   -15.578 -19.109 1.00   34.62 ? 108  PRO A O   1 
ATOM   870  C CB  . PRO A 1 108 ? 1.658   -15.346 -19.559 1.00   31.08 ? 108  PRO A CB  1 
ATOM   871  C CG  . PRO A 1 108 ? 0.997   -16.159 -20.670 1.00   41.19 ? 108  PRO A CG  1 
ATOM   872  C CD  . PRO A 1 108 ? 1.196   -15.367 -21.958 1.00   31.90 ? 108  PRO A CD  1 
ATOM   873  N N   . GLU A 1 109 ? 4.593   -15.944 -21.339 1.00   31.44 ? 109  GLU A N   1 
ATOM   874  C CA  . GLU A 1 109 ? 5.926   -16.550 -21.386 1.00   34.25 ? 109  GLU A CA  1 
ATOM   875  C C   . GLU A 1 109 ? 6.836   -15.875 -22.398 1.00   33.48 ? 109  GLU A C   1 
ATOM   876  O O   . GLU A 1 109 ? 6.517   -15.791 -23.586 1.00   33.95 ? 109  GLU A O   1 
ATOM   877  C CB  . GLU A 1 109 ? 5.849   -18.075 -21.611 1.00   35.60 ? 109  GLU A CB  1 
ATOM   878  C CG  . GLU A 1 109 ? 4.740   -18.737 -20.807 1.00   38.91 ? 109  GLU A CG  1 
ATOM   879  C CD  . GLU A 1 109 ? 4.878   -20.256 -20.696 1.00   36.60 ? 109  GLU A CD  1 
ATOM   880  O OE1 . GLU A 1 109 ? 5.966   -20.792 -20.965 1.00   30.94 ? 109  GLU A OE1 1 
ATOM   881  O OE2 . GLU A 1 109 ? 3.884   -20.904 -20.329 1.00   37.44 ? 109  GLU A OE2 1 
ATOM   882  N N   . VAL A 1 110 ? 7.961   -15.358 -21.911 1.00   28.00 ? 110  VAL A N   1 
ATOM   883  C CA  . VAL A 1 110 ? 8.856   -14.577 -22.739 1.00   29.83 ? 110  VAL A CA  1 
ATOM   884  C C   . VAL A 1 110 ? 10.295  -14.959 -22.459 1.00   32.56 ? 110  VAL A C   1 
ATOM   885  O O   . VAL A 1 110 ? 10.588  -15.582 -21.432 1.00   35.50 ? 110  VAL A O   1 
ATOM   886  C CB  . VAL A 1 110 ? 8.642   -13.053 -22.539 1.00   31.21 ? 110  VAL A CB  1 
ATOM   887  C CG1 . VAL A 1 110 ? 7.232   -12.658 -22.986 1.00   35.98 ? 110  VAL A CG1 1 
ATOM   888  C CG2 . VAL A 1 110 ? 8.880   -12.659 -21.088 1.00   34.30 ? 110  VAL A CG2 1 
ATOM   889  N N   . ILE A 1 111 ? 11.194  -14.619 -23.376 1.00   30.99 ? 111  ILE A N   1 
ATOM   890  C CA  . ILE A 1 111 ? 12.612  -14.725 -23.077 1.00   35.63 ? 111  ILE A CA  1 
ATOM   891  C C   . ILE A 1 111 ? 13.134  -13.372 -22.660 1.00   36.89 ? 111  ILE A C   1 
ATOM   892  O O   . ILE A 1 111 ? 12.531  -12.349 -22.966 1.00   37.88 ? 111  ILE A O   1 
ATOM   893  C CB  . ILE A 1 111 ? 13.414  -15.309 -24.279 1.00   32.65 ? 111  ILE A CB  1 
ATOM   894  C CG1 . ILE A 1 111 ? 13.329  -14.401 -25.503 1.00   39.90 ? 111  ILE A CG1 1 
ATOM   895  C CG2 . ILE A 1 111 ? 12.920  -16.712 -24.626 1.00   35.96 ? 111  ILE A CG2 1 
ATOM   896  C CD1 . ILE A 1 111 ? 14.264  -14.844 -26.670 1.00   38.62 ? 111  ILE A CD1 1 
ATOM   897  N N   . SER A 1 112 ? 14.227  -13.355 -21.912 1.00   36.81 ? 112  SER A N   1 
ATOM   898  C CA  . SER A 1 112 ? 14.854  -12.088 -21.583 1.00   39.25 ? 112  SER A CA  1 
ATOM   899  C C   . SER A 1 112 ? 15.075  -11.274 -22.854 1.00   39.93 ? 112  SER A C   1 
ATOM   900  O O   . SER A 1 112 ? 15.483  -11.813 -23.877 1.00   42.94 ? 112  SER A O   1 
ATOM   901  C CB  . SER A 1 112 ? 16.179  -12.322 -20.855 1.00   39.96 ? 112  SER A CB  1 
ATOM   902  O OG  . SER A 1 112 ? 15.974  -13.166 -19.732 1.00   46.48 ? 112  SER A OG  1 
ATOM   903  N N   . GLY A 1 113 ? 14.787  -9.979  -22.784 1.00   37.65 ? 113  GLY A N   1 
ATOM   904  C CA  . GLY A 1 113 ? 14.923  -9.107  -23.940 1.00   38.07 ? 113  GLY A CA  1 
ATOM   905  C C   . GLY A 1 113 ? 13.602  -8.708  -24.584 1.00   35.93 ? 113  GLY A C   1 
ATOM   906  O O   . GLY A 1 113 ? 13.513  -7.680  -25.256 1.00   34.40 ? 113  GLY A O   1 
ATOM   907  N N   . GLU A 1 114 ? 12.575  -9.527  -24.409 1.00   35.18 ? 114  GLU A N   1 
ATOM   908  C CA  . GLU A 1 114 ? 11.282  -9.226  -25.025 1.00   34.24 ? 114  GLU A CA  1 
ATOM   909  C C   . GLU A 1 114 ? 10.578  -8.115  -24.267 1.00   33.50 ? 114  GLU A C   1 
ATOM   910  O O   . GLU A 1 114 ? 10.607  -8.079  -23.038 1.00   37.66 ? 114  GLU A O   1 
ATOM   911  C CB  . GLU A 1 114 ? 10.393  -10.478 -25.056 1.00   34.20 ? 114  GLU A CB  1 
ATOM   912  C CG  . GLU A 1 114 ? 10.819  -11.501 -26.087 1.00   32.84 ? 114  GLU A CG  1 
ATOM   913  C CD  . GLU A 1 114 ? 9.795   -12.604 -26.266 1.00   36.53 ? 114  GLU A CD  1 
ATOM   914  O OE1 . GLU A 1 114 ? 8.933   -12.458 -27.147 1.00   37.51 ? 114  GLU A OE1 1 
ATOM   915  O OE2 . GLU A 1 114 ? 9.849   -13.621 -25.516 1.00   34.74 ? 114  GLU A OE2 1 
ATOM   916  N N   . LYS A 1 115 ? 9.916   -7.228  -25.000 1.00   33.33 ? 115  LYS A N   1 
ATOM   917  C CA  . LYS A 1 115 ? 9.170   -6.146  -24.385 1.00   37.17 ? 115  LYS A CA  1 
ATOM   918  C C   . LYS A 1 115 ? 7.826   -6.646  -23.899 1.00   33.61 ? 115  LYS A C   1 
ATOM   919  O O   . LYS A 1 115 ? 7.085   -7.266  -24.650 1.00   32.58 ? 115  LYS A O   1 
ATOM   920  C CB  . LYS A 1 115 ? 8.975   -5.004  -25.377 1.00   37.09 ? 115  LYS A CB  1 
ATOM   921  C CG  . LYS A 1 115 ? 10.289  -4.421  -25.882 1.00   51.78 ? 115  LYS A CG  1 
ATOM   922  C CD  . LYS A 1 115 ? 10.107  -3.018  -26.397 1.00   53.23 ? 115  LYS A CD  1 
ATOM   923  C CE  . LYS A 1 115 ? 9.998   -2.993  -27.905 1.00   62.78 ? 115  LYS A CE  1 
ATOM   924  N NZ  . LYS A 1 115 ? 10.808  -1.874  -28.496 1.00   73.83 ? 115  LYS A NZ  1 
ATOM   925  N N   . VAL A 1 116 ? 7.521   -6.386  -22.637 1.00   30.71 ? 116  VAL A N   1 
ATOM   926  C CA  . VAL A 1 116 ? 6.291   -6.885  -22.049 1.00   29.13 ? 116  VAL A CA  1 
ATOM   927  C C   . VAL A 1 116 ? 5.452   -5.704  -21.623 1.00   29.89 ? 116  VAL A C   1 
ATOM   928  O O   . VAL A 1 116 ? 5.965   -4.748  -21.028 1.00   30.53 ? 116  VAL A O   1 
ATOM   929  C CB  . VAL A 1 116 ? 6.569   -7.797  -20.829 1.00   35.22 ? 116  VAL A CB  1 
ATOM   930  C CG1 . VAL A 1 116 ? 5.271   -8.109  -20.077 1.00   31.93 ? 116  VAL A CG1 1 
ATOM   931  C CG2 . VAL A 1 116 ? 7.291   -9.099  -21.256 1.00   30.10 ? 116  VAL A CG2 1 
ATOM   932  N N   . THR A 1 117 ? 4.159   -5.751  -21.940 1.00   30.97 ? 117  THR A N   1 
ATOM   933  C CA  . THR A 1 117 ? 3.241   -4.722  -21.494 1.00   29.15 ? 117  THR A CA  1 
ATOM   934  C C   . THR A 1 117 ? 2.011   -5.354  -20.862 1.00   30.68 ? 117  THR A C   1 
ATOM   935  O O   . THR A 1 117 ? 1.435   -6.257  -21.423 1.00   29.42 ? 117  THR A O   1 
ATOM   936  C CB  . THR A 1 117 ? 2.830   -3.834  -22.677 1.00   32.07 ? 117  THR A CB  1 
ATOM   937  O OG1 . THR A 1 117 ? 4.009   -3.284  -23.290 1.00   31.23 ? 117  THR A OG1 1 
ATOM   938  C CG2 . THR A 1 117 ? 2.080   -2.621  -22.196 1.00   29.22 ? 117  THR A CG2 1 
ATOM   939  N N   . PHE A 1 118 ? 1.610   -4.862  -19.691 1.00   29.83 ? 118  PHE A N   1 
ATOM   940  C CA  . PHE A 1 118 ? 0.329   -5.275  -19.093 1.00   30.29 ? 118  PHE A CA  1 
ATOM   941  C C   . PHE A 1 118 ? -0.764  -4.236  -19.374 1.00   31.69 ? 118  PHE A C   1 
ATOM   942  O O   . PHE A 1 118 ? -0.473  -3.038  -19.545 1.00   30.27 ? 118  PHE A O   1 
ATOM   943  C CB  . PHE A 1 118 ? 0.473   -5.495  -17.585 1.00   30.51 ? 118  PHE A CB  1 
ATOM   944  C CG  . PHE A 1 118 ? 1.147   -6.794  -17.219 1.00   28.53 ? 118  PHE A CG  1 
ATOM   945  C CD1 . PHE A 1 118 ? 0.423   -7.977  -17.161 1.00   26.73 ? 118  PHE A CD1 1 
ATOM   946  C CD2 . PHE A 1 118 ? 2.500   -6.826  -16.911 1.00   32.55 ? 118  PHE A CD2 1 
ATOM   947  C CE1 . PHE A 1 118 ? 1.041   -9.178  -16.808 1.00   28.03 ? 118  PHE A CE1 1 
ATOM   948  C CE2 . PHE A 1 118 ? 3.119   -8.013  -16.563 1.00   34.85 ? 118  PHE A CE2 1 
ATOM   949  C CZ  . PHE A 1 118 ? 2.387   -9.193  -16.514 1.00   36.94 ? 118  PHE A CZ  1 
ATOM   950  N N   . TYR A 1 119 ? -2.011  -4.707  -19.452 1.00   27.91 ? 119  TYR A N   1 
ATOM   951  C CA  . TYR A 1 119 ? -3.167  -3.844  -19.650 1.00   29.57 ? 119  TYR A CA  1 
ATOM   952  C C   . TYR A 1 119 ? -4.245  -4.196  -18.626 1.00   31.24 ? 119  TYR A C   1 
ATOM   953  O O   . TYR A 1 119 ? -4.613  -5.361  -18.459 1.00   33.23 ? 119  TYR A O   1 
ATOM   954  C CB  . TYR A 1 119 ? -3.740  -4.000  -21.067 1.00   31.19 ? 119  TYR A CB  1 
ATOM   955  C CG  . TYR A 1 119 ? -2.728  -3.814  -22.182 1.00   29.75 ? 119  TYR A CG  1 
ATOM   956  C CD1 . TYR A 1 119 ? -2.513  -2.563  -22.765 1.00   36.45 ? 119  TYR A CD1 1 
ATOM   957  C CD2 . TYR A 1 119 ? -1.989  -4.891  -22.653 1.00   42.66 ? 119  TYR A CD2 1 
ATOM   958  C CE1 . TYR A 1 119 ? -1.567  -2.398  -23.796 1.00   37.69 ? 119  TYR A CE1 1 
ATOM   959  C CE2 . TYR A 1 119 ? -1.053  -4.734  -23.661 1.00   33.41 ? 119  TYR A CE2 1 
ATOM   960  C CZ  . TYR A 1 119 ? -0.853  -3.494  -24.234 1.00   40.68 ? 119  TYR A CZ  1 
ATOM   961  O OH  . TYR A 1 119 ? 0.082   -3.370  -25.243 1.00   53.54 ? 119  TYR A OH  1 
ATOM   962  N N   . CYS A 1 120 ? -4.725  -3.185  -17.927 1.00   32.55 ? 120  CYS A N   1 
ATOM   963  C CA  . CYS A 1 120 ? -5.778  -3.362  -16.932 1.00   34.09 ? 120  CYS A CA  1 
ATOM   964  C C   . CYS A 1 120 ? -7.025  -2.663  -17.428 1.00   31.12 ? 120  CYS A C   1 
ATOM   965  O O   . CYS A 1 120 ? -6.960  -1.526  -17.863 1.00   34.94 ? 120  CYS A O   1 
ATOM   966  C CB  . CYS A 1 120 ? -5.349  -2.717  -15.605 1.00   34.12 ? 120  CYS A CB  1 
ATOM   967  S SG  . CYS A 1 120 ? -6.348  -3.247  -14.203 1.00   36.14 ? 120  CYS A SG  1 
ATOM   968  N N   . ARG A 1 121 ? -8.164  -3.333  -17.331 1.00   34.73 ? 121  ARG A N   1 
ATOM   969  C CA  . ARG A 1 121 ? -9.405  -2.800  -17.871 1.00   37.44 ? 121  ARG A CA  1 
ATOM   970  C C   . ARG A 1 121 ? -10.516 -2.862  -16.825 1.00   32.56 ? 121  ARG A C   1 
ATOM   971  O O   . ARG A 1 121 ? -10.728 -3.888  -16.200 1.00   35.63 ? 121  ARG A O   1 
ATOM   972  C CB  . ARG A 1 121 ? -9.820  -3.604  -19.119 1.00   39.17 ? 121  ARG A CB  1 
ATOM   973  C CG  . ARG A 1 121 ? -10.743 -2.864  -20.053 1.00   53.90 ? 121  ARG A CG  1 
ATOM   974  C CD  . ARG A 1 121 ? -11.412 -3.754  -21.100 1.00   58.53 ? 121  ARG A CD  1 
ATOM   975  N NE  . ARG A 1 121 ? -12.436 -3.029  -21.847 1.00   65.55 ? 121  ARG A NE  1 
ATOM   976  C CZ  . ARG A 1 121 ? -12.184 -2.016  -22.668 1.00   80.99 ? 121  ARG A CZ  1 
ATOM   977  N NH1 . ARG A 1 121 ? -10.932 -1.598  -22.847 1.00   73.06 ? 121  ARG A NH1 1 
ATOM   978  N NH2 . ARG A 1 121 ? -13.184 -1.418  -23.311 1.00   78.16 ? 121  ARG A NH2 1 
ATOM   979  N N   . LEU A 1 122 ? -11.232 -1.762  -16.650 1.00   33.29 ? 122  LEU A N   1 
ATOM   980  C CA  . LEU A 1 122 ? -12.390 -1.766  -15.760 1.00   39.98 ? 122  LEU A CA  1 
ATOM   981  C C   . LEU A 1 122 ? -13.366 -0.678  -16.153 1.00   42.01 ? 122  LEU A C   1 
ATOM   982  O O   . LEU A 1 122 ? -12.966 0.463   -16.417 1.00   43.98 ? 122  LEU A O   1 
ATOM   983  C CB  . LEU A 1 122 ? -11.950 -1.584  -14.305 1.00   40.21 ? 122  LEU A CB  1 
ATOM   984  C CG  . LEU A 1 122 ? -13.064 -1.632  -13.260 1.00   36.83 ? 122  LEU A CG  1 
ATOM   985  C CD1 . LEU A 1 122 ? -13.608 -3.069  -13.147 1.00   39.77 ? 122  LEU A CD1 1 
ATOM   986  C CD2 . LEU A 1 122 ? -12.543 -1.132  -11.911 1.00   37.85 ? 122  LEU A CD2 1 
ATOM   987  N N   . ASP A 1 123 ? -14.648 -1.025  -16.190 1.00   43.98 ? 123  ASP A N   1 
ATOM   988  C CA  . ASP A 1 123 ? -15.608 -0.269  -16.989 1.00   50.92 ? 123  ASP A CA  1 
ATOM   989  C C   . ASP A 1 123 ? -16.189 0.975   -16.324 1.00   54.18 ? 123  ASP A C   1 
ATOM   990  O O   . ASP A 1 123 ? -16.330 2.024   -16.966 1.00   61.74 ? 123  ASP A O   1 
ATOM   991  C CB  . ASP A 1 123 ? -16.733 -1.171  -17.484 1.00   54.44 ? 123  ASP A CB  1 
ATOM   992  C CG  . ASP A 1 123 ? -16.684 -1.374  -18.963 1.00   60.58 ? 123  ASP A CG  1 
ATOM   993  O OD1 . ASP A 1 123 ? -16.610 -2.541  -19.396 1.00   72.70 ? 123  ASP A OD1 1 
ATOM   994  O OD2 . ASP A 1 123 ? -16.697 -0.419  -19.776 1.00   70.18 ? 123  ASP A OD2 1 
ATOM   995  N N   . THR A 1 124 ? -16.562 0.866   -15.061 1.00   50.59 ? 124  THR A N   1 
ATOM   996  C CA  . THR A 1 124 ? -17.277 1.970   -14.421 1.00   51.36 ? 124  THR A CA  1 
ATOM   997  C C   . THR A 1 124 ? -16.485 2.552   -13.253 1.00   46.13 ? 124  THR A C   1 
ATOM   998  O O   . THR A 1 124 ? -16.959 2.576   -12.125 1.00   41.96 ? 124  THR A O   1 
ATOM   999  C CB  . THR A 1 124 ? -18.681 1.516   -13.961 1.00   54.25 ? 124  THR A CB  1 
ATOM   1000 O OG1 . THR A 1 124 ? -19.308 0.757   -15.009 1.00   58.11 ? 124  THR A OG1 1 
ATOM   1001 C CG2 . THR A 1 124 ? -19.606 2.727   -13.796 1.00   56.93 ? 124  THR A CG2 1 
ATOM   1002 N N   . ALA A 1 125 ? -15.274 3.015   -13.541 1.00   44.39 ? 125  ALA A N   1 
ATOM   1003 C CA  . ALA A 1 125 ? -14.348 3.454   -12.496 1.00   44.32 ? 125  ALA A CA  1 
ATOM   1004 C C   . ALA A 1 125 ? -13.638 4.710   -12.956 1.00   42.34 ? 125  ALA A C   1 
ATOM   1005 O O   . ALA A 1 125 ? -14.045 5.335   -13.942 1.00   44.23 ? 125  ALA A O   1 
ATOM   1006 C CB  . ALA A 1 125 ? -13.328 2.337   -12.176 1.00   41.00 ? 125  ALA A CB  1 
ATOM   1007 N N   . THR A 1 126 ? -12.579 5.096   -12.253 1.00   37.51 ? 126  THR A N   1 
ATOM   1008 C CA  . THR A 1 126 ? -11.796 6.262   -12.668 1.00   35.24 ? 126  THR A CA  1 
ATOM   1009 C C   . THR A 1 126 ? -10.765 5.874   -13.697 1.00   35.10 ? 126  THR A C   1 
ATOM   1010 O O   . THR A 1 126 ? -10.706 4.723   -14.138 1.00   36.08 ? 126  THR A O   1 
ATOM   1011 C CB  . THR A 1 126 ? -11.087 6.935   -11.464 1.00   37.64 ? 126  THR A CB  1 
ATOM   1012 O OG1 . THR A 1 126 ? -10.094 6.045   -10.929 1.00   36.75 ? 126  THR A OG1 1 
ATOM   1013 C CG2 . THR A 1 126 ? -12.059 7.136   -10.311 1.00   35.33 ? 126  THR A CG2 1 
ATOM   1014 N N   . SER A 1 127 ? -9.922  6.830   -14.051 1.00   36.40 ? 127  SER A N   1 
ATOM   1015 C CA  . SER A 1 127 ? -8.864  6.599   -15.031 1.00   40.62 ? 127  SER A CA  1 
ATOM   1016 C C   . SER A 1 127 ? -7.602  5.999   -14.401 1.00   38.00 ? 127  SER A C   1 
ATOM   1017 O O   . SER A 1 127 ? -6.622  5.728   -15.096 1.00   37.27 ? 127  SER A O   1 
ATOM   1018 C CB  . SER A 1 127 ? -8.507  7.912   -15.704 1.00   44.27 ? 127  SER A CB  1 
ATOM   1019 O OG  . SER A 1 127 ? -7.977  8.825   -14.749 1.00   53.72 ? 127  SER A OG  1 
ATOM   1020 N N   . MET A 1 128 ? -7.615  5.811   -13.085 1.00   37.70 ? 128  MET A N   1 
ATOM   1021 C CA  . MET A 1 128 ? -6.403  5.374   -12.384 1.00   36.89 ? 128  MET A CA  1 
ATOM   1022 C C   . MET A 1 128 ? -6.396  3.871   -12.126 1.00   31.60 ? 128  MET A C   1 
ATOM   1023 O O   . MET A 1 128 ? -7.311  3.332   -11.485 1.00   34.79 ? 128  MET A O   1 
ATOM   1024 C CB  . MET A 1 128 ? -6.242  6.129   -11.058 1.00   34.07 ? 128  MET A CB  1 
ATOM   1025 C CG  . MET A 1 128 ? -4.942  5.835   -10.351 1.00   36.91 ? 128  MET A CG  1 
ATOM   1026 S SD  . MET A 1 128 ? -4.785  6.702   -8.788  1.00   46.74 ? 128  MET A SD  1 
ATOM   1027 C CE  . MET A 1 128 ? -5.211  5.398   -7.625  1.00   39.00 ? 128  MET A CE  1 
ATOM   1028 N N   . PHE A 1 129 ? -5.340  3.203   -12.587 1.00   29.90 ? 129  PHE A N   1 
ATOM   1029 C CA  . PHE A 1 129 ? -5.202  1.778   -12.385 1.00   29.45 ? 129  PHE A CA  1 
ATOM   1030 C C   . PHE A 1 129 ? -3.910  1.486   -11.685 1.00   29.02 ? 129  PHE A C   1 
ATOM   1031 O O   . PHE A 1 129 ? -2.994  2.299   -11.710 1.00   29.45 ? 129  PHE A O   1 
ATOM   1032 C CB  . PHE A 1 129 ? -5.258  1.037   -13.718 1.00   30.83 ? 129  PHE A CB  1 
ATOM   1033 C CG  . PHE A 1 129 ? -6.586  1.127   -14.397 1.00   28.98 ? 129  PHE A CG  1 
ATOM   1034 C CD1 . PHE A 1 129 ? -6.955  2.280   -15.078 1.00   38.47 ? 129  PHE A CD1 1 
ATOM   1035 C CD2 . PHE A 1 129 ? -7.476  0.068   -14.348 1.00   35.90 ? 129  PHE A CD2 1 
ATOM   1036 C CE1 . PHE A 1 129 ? -8.196  2.374   -15.702 1.00   34.65 ? 129  PHE A CE1 1 
ATOM   1037 C CE2 . PHE A 1 129 ? -8.712  0.146   -14.983 1.00   36.73 ? 129  PHE A CE2 1 
ATOM   1038 C CZ  . PHE A 1 129 ? -9.071  1.314   -15.659 1.00   29.08 ? 129  PHE A CZ  1 
ATOM   1039 N N   . LEU A 1 130 ? -3.846  0.333   -11.035 1.00   28.47 ? 130  LEU A N   1 
ATOM   1040 C CA  . LEU A 1 130 ? -2.651  -0.078  -10.334 1.00   28.41 ? 130  LEU A CA  1 
ATOM   1041 C C   . LEU A 1 130 ? -2.197  -1.446  -10.765 1.00   29.21 ? 130  LEU A C   1 
ATOM   1042 O O   . LEU A 1 130 ? -3.008  -2.362  -10.927 1.00   30.80 ? 130  LEU A O   1 
ATOM   1043 C CB  . LEU A 1 130 ? -2.883  -0.005  -8.827  1.00   30.96 ? 130  LEU A CB  1 
ATOM   1044 C CG  . LEU A 1 130 ? -3.409  1.418   -8.617  1.00   42.87 ? 130  LEU A CG  1 
ATOM   1045 C CD1 . LEU A 1 130 ? -4.785  1.562   -7.998  1.00   30.94 ? 130  LEU A CD1 1 
ATOM   1046 C CD2 . LEU A 1 130 ? -2.401  2.426   -8.125  1.00   29.28 ? 130  LEU A CD2 1 
ATOM   1047 N N   . LEU A 1 131 ? -0.898  -1.583  -10.993 1.00   31.32 ? 131  LEU A N   1 
ATOM   1048 C CA  . LEU A 1 131 ? -0.338  -2.884  -11.278 1.00   30.63 ? 131  LEU A CA  1 
ATOM   1049 C C   . LEU A 1 131 ? 0.487   -3.340  -10.097 1.00   27.86 ? 131  LEU A C   1 
ATOM   1050 O O   . LEU A 1 131 ? 1.448   -2.678  -9.721  1.00   27.79 ? 131  LEU A O   1 
ATOM   1051 C CB  . LEU A 1 131 ? 0.539   -2.843  -12.524 1.00   28.23 ? 131  LEU A CB  1 
ATOM   1052 C CG  . LEU A 1 131 ? 1.039   -4.219  -12.977 1.00   33.17 ? 131  LEU A CG  1 
ATOM   1053 C CD1 . LEU A 1 131 ? -0.136  -5.095  -13.390 1.00   27.00 ? 131  LEU A CD1 1 
ATOM   1054 C CD2 . LEU A 1 131 ? 2.090   -4.115  -14.121 1.00   31.27 ? 131  LEU A CD2 1 
ATOM   1055 N N   . LEU A 1 132 ? 0.115   -4.485  -9.531  1.00   30.26 ? 132  LEU A N   1 
ATOM   1056 C CA  . LEU A 1 132 ? 0.803   -5.041  -8.364  1.00   31.26 ? 132  LEU A CA  1 
ATOM   1057 C C   . LEU A 1 132 ? 1.605   -6.265  -8.757  1.00   31.52 ? 132  LEU A C   1 
ATOM   1058 O O   . LEU A 1 132 ? 1.055   -7.229  -9.285  1.00   34.35 ? 132  LEU A O   1 
ATOM   1059 C CB  . LEU A 1 132 ? -0.222  -5.427  -7.285  1.00   31.39 ? 132  LEU A CB  1 
ATOM   1060 C CG  . LEU A 1 132 ? 0.285   -6.313  -6.133  1.00   37.42 ? 132  LEU A CG  1 
ATOM   1061 C CD1 . LEU A 1 132 ? 1.143   -5.482  -5.169  1.00   31.84 ? 132  LEU A CD1 1 
ATOM   1062 C CD2 . LEU A 1 132 ? -0.881  -6.970  -5.379  1.00   33.90 ? 132  LEU A CD2 1 
ATOM   1063 N N   . LYS A 1 133 ? 2.908   -6.241  -8.491  1.00   28.15 ? 133  LYS A N   1 
ATOM   1064 C CA  . LYS A 1 133 ? 3.713   -7.443  -8.624  1.00   32.20 ? 133  LYS A CA  1 
ATOM   1065 C C   . LYS A 1 133 ? 3.963   -8.062  -7.259  1.00   34.83 ? 133  LYS A C   1 
ATOM   1066 O O   . LYS A 1 133 ? 4.437   -7.394  -6.359  1.00   32.20 ? 133  LYS A O   1 
ATOM   1067 C CB  . LYS A 1 133 ? 5.047   -7.131  -9.284  1.00   36.42 ? 133  LYS A CB  1 
ATOM   1068 C CG  . LYS A 1 133 ? 5.991   -8.321  -9.308  1.00   48.55 ? 133  LYS A CG  1 
ATOM   1069 C CD  . LYS A 1 133 ? 7.405   -7.900  -9.662  1.00   48.04 ? 133  LYS A CD  1 
ATOM   1070 C CE  . LYS A 1 133 ? 8.148   -9.029  -10.341 1.00   59.23 ? 133  LYS A CE  1 
ATOM   1071 N NZ  . LYS A 1 133 ? 9.622   -8.864  -10.232 1.00   55.95 ? 133  LYS A NZ  1 
ATOM   1072 N N   . GLU A 1 134 ? 3.615   -9.345  -7.113  1.00   37.52 ? 134  GLU A N   1 
ATOM   1073 C CA  . GLU A 1 134 ? 3.724   -9.988  -5.807  1.00   48.54 ? 134  GLU A CA  1 
ATOM   1074 C C   . GLU A 1 134 ? 5.038   -10.761 -5.583  1.00   54.90 ? 134  GLU A C   1 
ATOM   1075 O O   . GLU A 1 134 ? 5.784   -11.027 -6.522  1.00   51.79 ? 134  GLU A O   1 
ATOM   1076 C CB  . GLU A 1 134 ? 2.491   -10.846 -5.551  1.00   49.11 ? 134  GLU A CB  1 
ATOM   1077 C CG  . GLU A 1 134 ? 1.538   -10.209 -4.569  1.00   59.62 ? 134  GLU A CG  1 
ATOM   1078 C CD  . GLU A 1 134 ? 0.109   -10.670 -4.772  1.00   67.53 ? 134  GLU A CD  1 
ATOM   1079 O OE1 . GLU A 1 134 ? -0.121  -11.563 -5.628  1.00   70.32 ? 134  GLU A OE1 1 
ATOM   1080 O OE2 . GLU A 1 134 ? -0.789  -10.137 -4.073  1.00   69.69 ? 134  GLU A OE2 1 
ATOM   1081 N N   . GLY A 1 135 ? 5.321   -11.096 -4.303  1.00   63.31 ? 135  GLY A N   1 
ATOM   1082 C CA  . GLY A 1 135 ? 6.526   -11.830 -3.941  1.00   67.77 ? 135  GLY A CA  1 
ATOM   1083 C C   . GLY A 1 135 ? 7.641   -10.938 -3.345  1.00   70.79 ? 135  GLY A C   1 
ATOM   1084 O O   . GLY A 1 135 ? 7.368   -9.950  -2.649  1.00   71.30 ? 135  GLY A O   1 
ATOM   1085 N N   . ARG A 1 136 ? 8.939   -11.271 -3.622  1.00   76.65 ? 136  ARG A N   1 
ATOM   1086 C CA  . ARG A 1 136 ? 10.123  -10.494 -3.143  1.00   76.48 ? 136  ARG A CA  1 
ATOM   1087 C C   . ARG A 1 136 ? 10.310  -9.173  -3.880  1.00   75.52 ? 136  ARG A C   1 
ATOM   1088 O O   . ARG A 1 136 ? 10.525  -8.160  -3.221  1.00   74.91 ? 136  ARG A O   1 
ATOM   1089 C CB  . ARG A 1 136 ? 11.390  -11.338 -3.249  0.0000 97.02 ? 136  ARG A CB  1 
ATOM   1090 C CG  . ARG A 1 136 ? 11.442  -12.546 -2.327  0.0000 95.77 ? 136  ARG A CG  1 
ATOM   1091 C CD  . ARG A 1 136 ? 12.734  -13.324 -2.509  0.0000 35.27 ? 136  ARG A CD  1 
ATOM   1092 N NE  . ARG A 1 136 ? 12.833  -13.917 -3.840  0.0000 30.77 ? 136  ARG A NE  1 
ATOM   1093 C CZ  . ARG A 1 136 ? 13.615  -13.452 -4.808  0.0000 28.61 ? 136  ARG A CZ  1 
ATOM   1094 N NH1 . ARG A 1 136 ? 14.371  -12.384 -4.595  0.0000 27.07 ? 136  ARG A NH1 1 
ATOM   1095 N NH2 . ARG A 1 136 ? 13.639  -14.057 -5.989  0.0000 27.07 ? 136  ARG A NH2 1 
ATOM   1096 N N   . SER A 1 137 ? 10.272  -9.152  -5.202  0.0000 48.09 ? 137  SER A N   1 
ATOM   1097 C CA  . SER A 1 137 ? 10.407  -7.856  -5.924  0.0000 47.59 ? 137  SER A CA  1 
ATOM   1098 C C   . SER A 1 137 ? 9.007   -7.299  -6.121  0.0000 47.19 ? 137  SER A C   1 
ATOM   1099 O O   . SER A 1 137 ? 8.486   -7.106  -7.231  0.0000 47.31 ? 137  SER A O   1 
ATOM   1100 C CB  . SER A 1 137 ? 11.192  -8.046  -7.223  0.0000 47.72 ? 137  SER A CB  1 
ATOM   1101 O OG  . SER A 1 137 ? 12.530  -8.434  -6.960  0.0000 47.89 ? 137  SER A OG  1 
ATOM   1102 N N   . SER A 1 138 ? 8.466   -7.061  -4.984  1.00   56.29 ? 138  SER A N   1 
ATOM   1103 C CA  . SER A 1 138 ? 7.034   -6.780  -4.839  1.00   54.59 ? 138  SER A CA  1 
ATOM   1104 C C   . SER A 1 138 ? 6.767   -5.286  -4.674  1.00   55.14 ? 138  SER A C   1 
ATOM   1105 O O   . SER A 1 138 ? 7.250   -4.662  -3.729  1.00   52.89 ? 138  SER A O   1 
ATOM   1106 C CB  . SER A 1 138 ? 6.452   -7.544  -3.652  1.00   52.66 ? 138  SER A CB  1 
ATOM   1107 O OG  . SER A 1 138 ? 5.104   -7.169  -3.427  1.00   57.56 ? 138  SER A OG  1 
ATOM   1108 N N   . HIS A 1 139 ? 5.986   -4.721  -5.594  1.00   50.87 ? 139  HIS A N   1 
ATOM   1109 C CA  . HIS A 1 139 ? 5.773   -3.270  -5.655  1.00   47.96 ? 139  HIS A CA  1 
ATOM   1110 C C   . HIS A 1 139 ? 4.509   -2.945  -6.452  1.00   40.84 ? 139  HIS A C   1 
ATOM   1111 O O   . HIS A 1 139 ? 3.988   -3.799  -7.166  1.00   32.79 ? 139  HIS A O   1 
ATOM   1112 C CB  . HIS A 1 139 ? 6.977   -2.574  -6.296  1.00   51.68 ? 139  HIS A CB  1 
ATOM   1113 C CG  . HIS A 1 139 ? 7.513   -3.282  -7.506  1.00   69.43 ? 139  HIS A CG  1 
ATOM   1114 N ND1 . HIS A 1 139 ? 6.929   -3.174  -8.751  1.00   69.97 ? 139  HIS A ND1 1 
ATOM   1115 C CD2 . HIS A 1 139 ? 8.576   -4.111  -7.657  1.00   70.18 ? 139  HIS A CD2 1 
ATOM   1116 C CE1 . HIS A 1 139 ? 7.609   -3.907  -9.617  1.00   74.75 ? 139  HIS A CE1 1 
ATOM   1117 N NE2 . HIS A 1 139 ? 8.611   -4.486  -8.978  1.00   70.92 ? 139  HIS A NE2 1 
ATOM   1118 N N   . VAL A 1 140 ? 4.025   -1.713  -6.315  1.00   36.64 ? 140  VAL A N   1 
ATOM   1119 C CA  . VAL A 1 140 ? 2.834   -1.252  -7.025  1.00   39.05 ? 140  VAL A CA  1 
ATOM   1120 C C   . VAL A 1 140 ? 3.169   -0.072  -7.927  1.00   39.53 ? 140  VAL A C   1 
ATOM   1121 O O   . VAL A 1 140 ? 3.806   0.897   -7.487  1.00   35.35 ? 140  VAL A O   1 
ATOM   1122 C CB  . VAL A 1 140 ? 1.728   -0.783  -6.046  1.00   44.37 ? 140  VAL A CB  1 
ATOM   1123 C CG1 . VAL A 1 140 ? 0.442   -0.501  -6.800  1.00   40.70 ? 140  VAL A CG1 1 
ATOM   1124 C CG2 . VAL A 1 140 ? 1.502   -1.809  -4.956  1.00   42.48 ? 140  VAL A CG2 1 
ATOM   1125 N N   . GLN A 1 141 ? 2.701   -0.146  -9.176  1.00   33.36 ? 141  GLN A N   1 
ATOM   1126 C CA  . GLN A 1 141 ? 2.844   0.944   -10.145 1.00   32.61 ? 141  GLN A CA  1 
ATOM   1127 C C   . GLN A 1 141 ? 1.473   1.545   -10.434 1.00   32.46 ? 141  GLN A C   1 
ATOM   1128 O O   . GLN A 1 141 ? 0.483   0.827   -10.572 1.00   29.90 ? 141  GLN A O   1 
ATOM   1129 C CB  . GLN A 1 141 ? 3.386   0.404   -11.477 1.00   32.76 ? 141  GLN A CB  1 
ATOM   1130 C CG  . GLN A 1 141 ? 4.690   -0.347  -11.403 1.00   50.27 ? 141  GLN A CG  1 
ATOM   1131 C CD  . GLN A 1 141 ? 5.062   -0.952  -12.753 1.00   63.87 ? 141  GLN A CD  1 
ATOM   1132 O OE1 . GLN A 1 141 ? 4.991   -0.268  -13.785 1.00   64.56 ? 141  GLN A OE1 1 
ATOM   1133 N NE2 . GLN A 1 141 ? 5.429   -2.238  -12.757 1.00   63.94 ? 141  GLN A NE2 1 
ATOM   1134 N N   . ARG A 1 142 ? 1.420   2.855   -10.599 1.00   27.60 ? 142  ARG A N   1 
ATOM   1135 C CA  . ARG A 1 142 ? 0.169   3.498   -10.931 1.00   29.64 ? 142  ARG A CA  1 
ATOM   1136 C C   . ARG A 1 142 ? 0.183   3.906   -12.413 1.00   32.62 ? 142  ARG A C   1 
ATOM   1137 O O   . ARG A 1 142 ? 1.199   4.328   -12.927 1.00   31.92 ? 142  ARG A O   1 
ATOM   1138 C CB  . ARG A 1 142 ? -0.037  4.688   -9.996  1.00   30.27 ? 142  ARG A CB  1 
ATOM   1139 C CG  . ARG A 1 142 ? -0.959  5.745   -10.466 1.00   36.30 ? 142  ARG A CG  1 
ATOM   1140 C CD  . ARG A 1 142 ? -1.190  6.819   -9.400  1.00   50.89 ? 142  ARG A CD  1 
ATOM   1141 N NE  . ARG A 1 142 ? -0.203  7.894   -9.478  1.00   47.50 ? 142  ARG A NE  1 
ATOM   1142 C CZ  . ARG A 1 142 ? -0.046  8.844   -8.555  1.00   59.84 ? 142  ARG A CZ  1 
ATOM   1143 N NH1 . ARG A 1 142 ? -0.803  8.855   -7.460  1.00   38.39 ? 142  ARG A NH1 1 
ATOM   1144 N NH2 . ARG A 1 142 ? 0.872   9.784   -8.728  1.00   48.35 ? 142  ARG A NH2 1 
ATOM   1145 N N   . GLY A 1 143 ? -0.936  3.711   -13.101 1.00   32.47 ? 143  GLY A N   1 
ATOM   1146 C CA  . GLY A 1 143 ? -1.062  4.148   -14.481 1.00   34.79 ? 143  GLY A CA  1 
ATOM   1147 C C   . GLY A 1 143 ? -2.424  4.760   -14.744 1.00   35.40 ? 143  GLY A C   1 
ATOM   1148 O O   . GLY A 1 143 ? -3.369  4.534   -13.988 1.00   36.41 ? 143  GLY A O   1 
ATOM   1149 N N   . TYR A 1 144 ? -2.529  5.525   -15.823 1.00   31.72 ? 144  TYR A N   1 
ATOM   1150 C CA  . TYR A 1 144 ? -3.772  6.199   -16.164 1.00   38.27 ? 144  TYR A CA  1 
ATOM   1151 C C   . TYR A 1 144 ? -4.203  5.856   -17.589 1.00   41.26 ? 144  TYR A C   1 
ATOM   1152 O O   . TYR A 1 144 ? -3.365  5.729   -18.498 1.00   39.52 ? 144  TYR A O   1 
ATOM   1153 C CB  . TYR A 1 144 ? -3.629  7.719   -16.009 1.00   39.53 ? 144  TYR A CB  1 
ATOM   1154 C CG  . TYR A 1 144 ? -3.298  8.158   -14.597 1.00   36.45 ? 144  TYR A CG  1 
ATOM   1155 C CD1 . TYR A 1 144 ? -4.304  8.383   -13.670 1.00   37.76 ? 144  TYR A CD1 1 
ATOM   1156 C CD2 . TYR A 1 144 ? -1.980  8.352   -14.198 1.00   43.41 ? 144  TYR A CD2 1 
ATOM   1157 C CE1 . TYR A 1 144 ? -4.013  8.788   -12.379 1.00   37.18 ? 144  TYR A CE1 1 
ATOM   1158 C CE2 . TYR A 1 144 ? -1.674  8.755   -12.905 1.00   39.82 ? 144  TYR A CE2 1 
ATOM   1159 C CZ  . TYR A 1 144 ? -2.695  8.969   -12.001 1.00   37.15 ? 144  TYR A CZ  1 
ATOM   1160 O OH  . TYR A 1 144 ? -2.406  9.370   -10.714 1.00   39.61 ? 144  TYR A OH  1 
ATOM   1161 N N   . GLY A 1 145 ? -5.510  5.799   -17.782 1.00   41.10 ? 145  GLY A N   1 
ATOM   1162 C CA  . GLY A 1 145 ? -6.093  5.549   -19.086 1.00   44.94 ? 145  GLY A CA  1 
ATOM   1163 C C   . GLY A 1 145 ? -7.616  5.568   -18.975 1.00   41.97 ? 145  GLY A C   1 
ATOM   1164 O O   . GLY A 1 145 ? -8.161  5.376   -17.883 1.00   40.15 ? 145  GLY A O   1 
ATOM   1165 N N   . LYS A 1 146 ? -8.326  5.776   -20.089 1.00   43.22 ? 146  LYS A N   1 
ATOM   1166 C CA  . LYS A 1 146 ? -9.781  5.707   -20.057 1.00   43.12 ? 146  LYS A CA  1 
ATOM   1167 C C   . LYS A 1 146 ? -10.201 4.252   -20.249 1.00   42.59 ? 146  LYS A C   1 
ATOM   1168 O O   . LYS A 1 146 ? -9.954  3.652   -21.309 1.00   43.71 ? 146  LYS A O   1 
ATOM   1169 C CB  . LYS A 1 146 ? -10.386 6.657   -21.093 1.00   51.90 ? 146  LYS A CB  1 
ATOM   1170 C CG  . LYS A 1 146 ? -11.905 6.703   -21.080 0.0000 20.00 ? 146  LYS A CG  1 
ATOM   1171 C CD  . LYS A 1 146 ? -12.436 7.664   -22.131 0.0000 20.00 ? 146  LYS A CD  1 
ATOM   1172 C CE  . LYS A 1 146 ? -12.170 7.150   -23.536 0.0000 20.00 ? 146  LYS A CE  1 
ATOM   1173 N NZ  . LYS A 1 146 ? -12.685 8.081   -24.576 0.0000 20.00 ? 146  LYS A NZ  1 
ATOM   1174 N N   . VAL A 1 147 ? -10.836 3.706   -19.247 1.00   38.36 ? 147  VAL A N   1 
ATOM   1175 C CA  . VAL A 1 147 ? -11.317 2.313   -19.246 1.00   43.66 ? 147  VAL A CA  1 
ATOM   1176 C C   . VAL A 1 147 ? -10.257 1.232   -19.460 1.00   42.43 ? 147  VAL A C   1 
ATOM   1177 O O   . VAL A 1 147 ? -10.585 0.042   -19.321 1.00   43.24 ? 147  VAL A O   1 
ATOM   1178 C CB  . VAL A 1 147 ? -12.509 2.158   -20.235 1.00   45.66 ? 147  VAL A CB  1 
ATOM   1179 C CG1 . VAL A 1 147 ? -13.169 0.802   -20.070 1.00   52.02 ? 147  VAL A CG1 1 
ATOM   1180 C CG2 . VAL A 1 147 ? -13.533 3.264   -20.028 1.00   53.20 ? 147  VAL A CG2 1 
ATOM   1181 N N   . GLN A 1 148 ? -9.010  1.583   -19.789 1.00   38.98 ? 148  GLN A N   1 
ATOM   1182 C CA  . GLN A 1 148 ? -7.916  0.624   -19.915 1.00   43.20 ? 148  GLN A CA  1 
ATOM   1183 C C   . GLN A 1 148 ? -6.649  1.407   -19.709 1.00   45.05 ? 148  GLN A C   1 
ATOM   1184 O O   . GLN A 1 148 ? -6.500  2.497   -20.247 1.00   42.50 ? 148  GLN A O   1 
ATOM   1185 C CB  . GLN A 1 148 ? -7.882  -0.064  -21.286 1.00   46.68 ? 148  GLN A CB  1 
ATOM   1186 C CG  . GLN A 1 148 ? -6.724  -1.036  -21.481 1.00   49.11 ? 148  GLN A CG  1 
ATOM   1187 C CD  . GLN A 1 148 ? -6.990  -2.026  -22.606 1.00   51.66 ? 148  GLN A CD  1 
ATOM   1188 O OE1 . GLN A 1 148 ? -7.898  -2.843  -22.503 1.00   58.63 ? 148  GLN A OE1 1 
ATOM   1189 N NE2 . GLN A 1 148 ? -6.315  -2.122  -23.744 1.00   41.69 ? 148  GLN A NE2 1 
ATOM   1190 N N   . ALA A 1 149 ? -5.733  0.850   -18.934 1.00   38.05 ? 149  ALA A N   1 
ATOM   1191 C CA  . ALA A 1 149 ? -4.427  1.507   -18.732 1.00   36.71 ? 149  ALA A CA  1 
ATOM   1192 C C   . ALA A 1 149 ? -3.322  0.563   -19.182 1.00   35.75 ? 149  ALA A C   1 
ATOM   1193 O O   . ALA A 1 149 ? -3.422  -0.661  -19.022 1.00   32.52 ? 149  ALA A O   1 
ATOM   1194 C CB  . ALA A 1 149 ? -4.219  1.874   -17.271 1.00   36.22 ? 149  ALA A CB  1 
ATOM   1195 N N   . GLU A 1 150 ? -2.261  1.124   -19.737 1.00   34.96 ? 150  GLU A N   1 
ATOM   1196 C CA  . GLU A 1 150 ? -1.122  0.310   -20.109 1.00   31.36 ? 150  GLU A CA  1 
ATOM   1197 C C   . GLU A 1 150 ? 0.043   0.463   -19.146 1.00   32.95 ? 150  GLU A C   1 
ATOM   1198 O O   . GLU A 1 150 ? 0.231   1.521   -18.544 1.00   33.04 ? 150  GLU A O   1 
ATOM   1199 C CB  . GLU A 1 150 ? -0.706  0.569   -21.562 1.00   36.12 ? 150  GLU A CB  1 
ATOM   1200 C CG  . GLU A 1 150 ? 0.316   1.662   -21.754 1.00   47.40 ? 150  GLU A CG  1 
ATOM   1201 C CD  . GLU A 1 150 ? 0.915   1.627   -23.148 1.00   63.14 ? 150  GLU A CD  1 
ATOM   1202 O OE1 . GLU A 1 150 ? 0.126   1.631   -24.122 1.00   39.73 ? 150  GLU A OE1 1 
ATOM   1203 O OE2 . GLU A 1 150 ? 2.169   1.559   -23.268 1.00   56.41 ? 150  GLU A OE2 1 
ATOM   1204 N N   . PHE A 1 151 ? 0.801   -0.625  -18.993 1.00   31.10 ? 151  PHE A N   1 
ATOM   1205 C CA  . PHE A 1 151 ? 1.920   -0.693  -18.082 1.00   31.03 ? 151  PHE A CA  1 
ATOM   1206 C C   . PHE A 1 151 ? 3.099   -1.344  -18.819 1.00   30.10 ? 151  PHE A C   1 
ATOM   1207 O O   . PHE A 1 151 ? 3.293   -2.562  -18.751 1.00   30.30 ? 151  PHE A O   1 
ATOM   1208 C CB  . PHE A 1 151 ? 1.539   -1.552  -16.861 1.00   25.53 ? 151  PHE A CB  1 
ATOM   1209 C CG  . PHE A 1 151 ? 0.516   -0.912  -15.957 1.00   30.35 ? 151  PHE A CG  1 
ATOM   1210 C CD1 . PHE A 1 151 ? -0.840  -1.216  -16.088 1.00   27.26 ? 151  PHE A CD1 1 
ATOM   1211 C CD2 . PHE A 1 151 ? 0.908   -0.012  -14.966 1.00   34.24 ? 151  PHE A CD2 1 
ATOM   1212 C CE1 . PHE A 1 151 ? -1.793  -0.638  -15.256 1.00   31.06 ? 151  PHE A CE1 1 
ATOM   1213 C CE2 . PHE A 1 151 ? -0.025  0.581   -14.139 1.00   31.61 ? 151  PHE A CE2 1 
ATOM   1214 C CZ  . PHE A 1 151 ? -1.394  0.269   -14.282 1.00   31.67 ? 151  PHE A CZ  1 
ATOM   1215 N N   . PRO A 1 152 ? 3.866   -0.550  -19.556 1.00   32.77 ? 152  PRO A N   1 
ATOM   1216 C CA  . PRO A 1 152 ? 5.015   -1.089  -20.280 1.00   31.69 ? 152  PRO A CA  1 
ATOM   1217 C C   . PRO A 1 152 ? 6.158   -1.425  -19.325 1.00   34.62 ? 152  PRO A C   1 
ATOM   1218 O O   . PRO A 1 152 ? 6.498   -0.609  -18.474 1.00   33.20 ? 152  PRO A O   1 
ATOM   1219 C CB  . PRO A 1 152 ? 5.399   0.048   -21.250 1.00   34.43 ? 152  PRO A CB  1 
ATOM   1220 C CG  . PRO A 1 152 ? 4.841   1.310   -20.622 1.00   39.64 ? 152  PRO A CG  1 
ATOM   1221 C CD  . PRO A 1 152 ? 3.666   0.900   -19.785 1.00   32.71 ? 152  PRO A CD  1 
ATOM   1222 N N   . LEU A 1 153 ? 6.713   -2.629  -19.452 1.00   31.05 ? 153  LEU A N   1 
ATOM   1223 C CA  . LEU A 1 153 ? 7.834   -3.054  -18.618 1.00   35.08 ? 153  LEU A CA  1 
ATOM   1224 C C   . LEU A 1 153 ? 9.137   -2.753  -19.333 1.00   39.36 ? 153  LEU A C   1 
ATOM   1225 O O   . LEU A 1 153 ? 10.195  -2.701  -18.707 1.00   40.08 ? 153  LEU A O   1 
ATOM   1226 C CB  . LEU A 1 153 ? 7.747   -4.555  -18.313 1.00   30.42 ? 153  LEU A CB  1 
ATOM   1227 C CG  . LEU A 1 153 ? 7.058   -4.951  -17.000 1.00   44.43 ? 153  LEU A CG  1 
ATOM   1228 C CD1 . LEU A 1 153 ? 5.946   -4.005  -16.641 1.00   41.66 ? 153  LEU A CD1 1 
ATOM   1229 C CD2 . LEU A 1 153 ? 6.564   -6.375  -17.015 1.00   37.83 ? 153  LEU A CD2 1 
ATOM   1230 N N   . GLY A 1 154 ? 9.054   -2.561  -20.650 1.00   37.18 ? 154  GLY A N   1 
ATOM   1231 C CA  . GLY A 1 154 ? 10.238  -2.571  -21.504 1.00   37.75 ? 154  GLY A CA  1 
ATOM   1232 C C   . GLY A 1 154 ? 10.801  -3.971  -21.700 1.00   34.79 ? 154  GLY A C   1 
ATOM   1233 O O   . GLY A 1 154 ? 10.158  -4.953  -21.355 1.00   31.70 ? 154  GLY A O   1 
ATOM   1234 N N   . PRO A 1 155 ? 12.013  -4.055  -22.247 1.00   36.11 ? 155  PRO A N   1 
ATOM   1235 C CA  . PRO A 1 155 ? 12.727  -5.336  -22.369 1.00   38.64 ? 155  PRO A CA  1 
ATOM   1236 C C   . PRO A 1 155 ? 12.928  -5.972  -20.994 1.00   39.55 ? 155  PRO A C   1 
ATOM   1237 O O   . PRO A 1 155 ? 13.556  -5.360  -20.133 1.00   37.19 ? 155  PRO A O   1 
ATOM   1238 C CB  . PRO A 1 155 ? 14.090  -4.927  -22.971 1.00   40.85 ? 155  PRO A CB  1 
ATOM   1239 C CG  . PRO A 1 155 ? 13.815  -3.590  -23.669 1.00   42.28 ? 155  PRO A CG  1 
ATOM   1240 C CD  . PRO A 1 155 ? 12.794  -2.914  -22.781 1.00   37.32 ? 155  PRO A CD  1 
ATOM   1241 N N   . VAL A 1 156 ? 12.377  -7.166  -20.782 1.00   35.86 ? 156  VAL A N   1 
ATOM   1242 C CA  . VAL A 1 156 ? 12.382  -7.768  -19.444 1.00   34.94 ? 156  VAL A CA  1 
ATOM   1243 C C   . VAL A 1 156 ? 13.661  -8.530  -19.153 1.00   32.95 ? 156  VAL A C   1 
ATOM   1244 O O   . VAL A 1 156 ? 14.345  -9.005  -20.065 1.00   37.04 ? 156  VAL A O   1 
ATOM   1245 C CB  . VAL A 1 156 ? 11.170  -8.701  -19.208 1.00   37.28 ? 156  VAL A CB  1 
ATOM   1246 C CG1 . VAL A 1 156 ? 9.868   -7.904  -19.194 1.00   35.60 ? 156  VAL A CG1 1 
ATOM   1247 C CG2 . VAL A 1 156 ? 11.136  -9.846  -20.239 1.00   36.14 ? 156  VAL A CG2 1 
ATOM   1248 N N   . THR A 1 157 ? 13.972  -8.655  -17.877 1.00   39.47 ? 157  THR A N   1 
ATOM   1249 C CA  . THR A 1 157 ? 14.977  -9.601  -17.426 1.00   41.66 ? 157  THR A CA  1 
ATOM   1250 C C   . THR A 1 157 ? 14.320  -10.588 -16.473 1.00   43.80 ? 157  THR A C   1 
ATOM   1251 O O   . THR A 1 157 ? 13.109  -10.548 -16.270 1.00   43.87 ? 157  THR A O   1 
ATOM   1252 C CB  . THR A 1 157 ? 16.120  -8.859  -16.701 1.00   37.77 ? 157  THR A CB  1 
ATOM   1253 O OG1 . THR A 1 157 ? 15.606  -8.252  -15.508 1.00   42.83 ? 157  THR A OG1 1 
ATOM   1254 C CG2 . THR A 1 157 ? 16.594  -7.669  -17.523 1.00   38.19 ? 157  THR A CG2 1 
ATOM   1255 N N   . THR A 1 158 ? 15.117  -11.465 -15.876 1.00   41.83 ? 158  THR A N   1 
ATOM   1256 C CA  . THR A 1 158 ? 14.590  -12.418 -14.907 1.00   41.54 ? 158  THR A CA  1 
ATOM   1257 C C   . THR A 1 158 ? 14.026  -11.688 -13.709 1.00   37.42 ? 158  THR A C   1 
ATOM   1258 O O   . THR A 1 158 ? 13.223  -12.239 -12.959 1.00   44.44 ? 158  THR A O   1 
ATOM   1259 C CB  . THR A 1 158 ? 15.691  -13.413 -14.453 1.00   47.32 ? 158  THR A CB  1 
ATOM   1260 O OG1 . THR A 1 158 ? 16.921  -12.705 -14.265 1.00   47.62 ? 158  THR A OG1 1 
ATOM   1261 C CG2 . THR A 1 158 ? 16.015  -14.397 -15.572 1.00   45.00 ? 158  THR A CG2 1 
ATOM   1262 N N   . ALA A 1 159 ? 14.433  -10.438 -13.542 1.00   38.80 ? 159  ALA A N   1 
ATOM   1263 C CA  . ALA A 1 159 ? 13.970  -9.631  -12.438 1.00   42.79 ? 159  ALA A CA  1 
ATOM   1264 C C   . ALA A 1 159 ? 12.467  -9.358  -12.549 1.00   45.47 ? 159  ALA A C   1 
ATOM   1265 O O   . ALA A 1 159 ? 11.819  -9.003  -11.560 1.00   40.82 ? 159  ALA A O   1 
ATOM   1266 C CB  . ALA A 1 159 ? 14.749  -8.326  -12.370 1.00   43.92 ? 159  ALA A CB  1 
ATOM   1267 N N   . HIS A 1 160 ? 11.915  -9.527  -13.756 1.00   41.49 ? 160  HIS A N   1 
ATOM   1268 C CA  . HIS A 1 160 ? 10.505  -9.216  -13.987 1.00   37.20 ? 160  HIS A CA  1 
ATOM   1269 C C   . HIS A 1 160 ? 9.585   -10.399 -13.712 1.00   38.76 ? 160  HIS A C   1 
ATOM   1270 O O   . HIS A 1 160 ? 8.369   -10.241 -13.682 1.00   39.82 ? 160  HIS A O   1 
ATOM   1271 C CB  . HIS A 1 160 ? 10.289  -8.682  -15.416 1.00   37.43 ? 160  HIS A CB  1 
ATOM   1272 C CG  . HIS A 1 160 ? 11.039  -7.425  -15.701 1.00   29.91 ? 160  HIS A CG  1 
ATOM   1273 N ND1 . HIS A 1 160 ? 10.529  -6.177  -15.417 1.00   40.64 ? 160  HIS A ND1 1 
ATOM   1274 C CD2 . HIS A 1 160 ? 12.280  -7.222  -16.196 1.00   31.56 ? 160  HIS A CD2 1 
ATOM   1275 C CE1 . HIS A 1 160 ? 11.415  -5.257  -15.751 1.00   37.49 ? 160  HIS A CE1 1 
ATOM   1276 N NE2 . HIS A 1 160 ? 12.489  -5.866  -16.219 1.00   48.82 ? 160  HIS A NE2 1 
ATOM   1277 N N   . ARG A 1 161 ? 10.160  -11.581 -13.514 1.00   41.18 ? 161  ARG A N   1 
ATOM   1278 C CA  . ARG A 1 161 ? 9.361   -12.756 -13.128 1.00   42.73 ? 161  ARG A CA  1 
ATOM   1279 C C   . ARG A 1 161 ? 8.492   -12.427 -11.937 1.00   43.45 ? 161  ARG A C   1 
ATOM   1280 O O   . ARG A 1 161 ? 8.901   -11.674 -11.047 1.00   42.24 ? 161  ARG A O   1 
ATOM   1281 C CB  . ARG A 1 161 ? 10.258  -13.937 -12.763 1.00   43.44 ? 161  ARG A CB  1 
ATOM   1282 C CG  . ARG A 1 161 ? 11.278  -14.290 -13.783 1.00   47.63 ? 161  ARG A CG  1 
ATOM   1283 C CD  . ARG A 1 161 ? 12.312  -15.275 -13.267 1.00   55.96 ? 161  ARG A CD  1 
ATOM   1284 N NE  . ARG A 1 161 ? 12.870  -16.100 -14.328 1.00   49.59 ? 161  ARG A NE  1 
ATOM   1285 C CZ  . ARG A 1 161 ? 13.993  -16.791 -14.216 1.00   57.76 ? 161  ARG A CZ  1 
ATOM   1286 N NH1 . ARG A 1 161 ? 14.687  -16.754 -13.085 1.00   54.84 ? 161  ARG A NH1 1 
ATOM   1287 N NH2 . ARG A 1 161 ? 14.431  -17.518 -15.236 1.00   54.32 ? 161  ARG A NH2 1 
ATOM   1288 N N   . GLY A 1 162 ? 7.292   -12.995 -11.908 1.00   41.90 ? 162  GLY A N   1 
ATOM   1289 C CA  . GLY A 1 162 ? 6.410   -12.797 -10.778 1.00   37.45 ? 162  GLY A CA  1 
ATOM   1290 C C   . GLY A 1 162 ? 4.960   -12.966 -11.138 1.00   38.70 ? 162  GLY A C   1 
ATOM   1291 O O   . GLY A 1 162 ? 4.621   -13.242 -12.289 1.00   34.51 ? 162  GLY A O   1 
ATOM   1292 N N   . THR A 1 163 ? 4.101   -12.803 -10.144 1.00   37.89 ? 163  THR A N   1 
ATOM   1293 C CA  . THR A 1 163 ? 2.674   -12.855 -10.346 1.00   39.86 ? 163  THR A CA  1 
ATOM   1294 C C   . THR A 1 163 ? 2.088   -11.455 -10.264 1.00   38.56 ? 163  THR A C   1 
ATOM   1295 O O   . THR A 1 163 ? 2.198   -10.785 -9.235  1.00   38.49 ? 163  THR A O   1 
ATOM   1296 C CB  . THR A 1 163 ? 2.034   -13.775 -9.294  1.00   41.85 ? 163  THR A CB  1 
ATOM   1297 O OG1 . THR A 1 163 ? 2.550   -15.100 -9.459  1.00   38.33 ? 163  THR A OG1 1 
ATOM   1298 C CG2 . THR A 1 163 ? 0.535   -13.938 -9.549  1.00   37.71 ? 163  THR A CG2 1 
ATOM   1299 N N   . TYR A 1 164 ? 1.468   -11.017 -11.360 1.00   32.59 ? 164  TYR A N   1 
ATOM   1300 C CA  . TYR A 1 164 ? 0.854   -9.691  -11.430 1.00   29.15 ? 164  TYR A CA  1 
ATOM   1301 C C   . TYR A 1 164 ? -0.659  -9.738  -11.267 1.00   30.12 ? 164  TYR A C   1 
ATOM   1302 O O   . TYR A 1 164 ? -1.332  -10.647 -11.778 1.00   28.52 ? 164  TYR A O   1 
ATOM   1303 C CB  . TYR A 1 164 ? 1.223   -9.003  -12.752 1.00   29.37 ? 164  TYR A CB  1 
ATOM   1304 C CG  . TYR A 1 164 ? 2.715   -8.828  -12.944 1.00   32.15 ? 164  TYR A CG  1 
ATOM   1305 C CD1 . TYR A 1 164 ? 3.527   -9.909  -13.251 1.00   31.80 ? 164  TYR A CD1 1 
ATOM   1306 C CD2 . TYR A 1 164 ? 3.312   -7.575  -12.797 1.00   31.66 ? 164  TYR A CD2 1 
ATOM   1307 C CE1 . TYR A 1 164 ? 4.895   -9.750  -13.423 1.00   31.61 ? 164  TYR A CE1 1 
ATOM   1308 C CE2 . TYR A 1 164 ? 4.669   -7.399  -12.973 1.00   33.64 ? 164  TYR A CE2 1 
ATOM   1309 C CZ  . TYR A 1 164 ? 5.455   -8.485  -13.282 1.00   32.90 ? 164  TYR A CZ  1 
ATOM   1310 O OH  . TYR A 1 164 ? 6.789   -8.313  -13.449 1.00   29.78 ? 164  TYR A OH  1 
ATOM   1311 N N   . ARG A 1 165 ? -1.180  -8.766  -10.527 1.00   26.83 ? 165  ARG A N   1 
ATOM   1312 C CA  . ARG A 1 165 ? -2.598  -8.468  -10.503 1.00   33.02 ? 165  ARG A CA  1 
ATOM   1313 C C   . ARG A 1 165 ? -2.754  -6.984  -10.703 1.00   33.00 ? 165  ARG A C   1 
ATOM   1314 O O   . ARG A 1 165 ? -1.868  -6.212  -10.374 1.00   34.80 ? 165  ARG A O   1 
ATOM   1315 C CB  . ARG A 1 165 ? -3.190  -8.831  -9.147  1.00   29.28 ? 165  ARG A CB  1 
ATOM   1316 C CG  . ARG A 1 165 ? -3.244  -10.316 -8.868  1.00   33.58 ? 165  ARG A CG  1 
ATOM   1317 C CD  . ARG A 1 165 ? -3.773  -10.639 -7.469  1.00   37.84 ? 165  ARG A CD  1 
ATOM   1318 N NE  . ARG A 1 165 ? -4.017  -12.065 -7.283  1.00   40.44 ? 165  ARG A NE  1 
ATOM   1319 C CZ  . ARG A 1 165 ? -3.085  -12.935 -6.934  1.00   55.06 ? 165  ARG A CZ  1 
ATOM   1320 N NH1 . ARG A 1 165 ? -1.833  -12.525 -6.744  1.00   48.64 ? 165  ARG A NH1 1 
ATOM   1321 N NH2 . ARG A 1 165 ? -3.398  -14.218 -6.771  1.00   48.28 ? 165  ARG A NH2 1 
ATOM   1322 N N   . CYS A 1 166 ? -3.900  -6.571  -11.195 1.00   30.95 ? 166  CYS A N   1 
ATOM   1323 C CA  . CYS A 1 166 ? -4.128  -5.168  -11.347 1.00   32.26 ? 166  CYS A CA  1 
ATOM   1324 C C   . CYS A 1 166 ? -5.397  -4.727  -10.634 1.00   32.84 ? 166  CYS A C   1 
ATOM   1325 O O   . CYS A 1 166 ? -6.266  -5.548  -10.331 1.00   33.58 ? 166  CYS A O   1 
ATOM   1326 C CB  . CYS A 1 166 ? -4.126  -4.782  -12.827 1.00   30.46 ? 166  CYS A CB  1 
ATOM   1327 S SG  . CYS A 1 166 ? -5.665  -5.096  -13.728 1.00   33.91 ? 166  CYS A SG  1 
ATOM   1328 N N   . PHE A 1 167 ? -5.485  -3.434  -10.347 1.00   31.25 ? 167  PHE A N   1 
ATOM   1329 C CA  . PHE A 1 167 ? -6.662  -2.859  -9.697  1.00   30.21 ? 167  PHE A CA  1 
ATOM   1330 C C   . PHE A 1 167 ? -7.140  -1.654  -10.488 1.00   30.60 ? 167  PHE A C   1 
ATOM   1331 O O   . PHE A 1 167 ? -6.329  -0.858  -10.978 1.00   30.01 ? 167  PHE A O   1 
ATOM   1332 C CB  . PHE A 1 167 ? -6.306  -2.364  -8.288  1.00   28.49 ? 167  PHE A CB  1 
ATOM   1333 C CG  . PHE A 1 167 ? -5.882  -3.431  -7.359  1.00   30.41 ? 167  PHE A CG  1 
ATOM   1334 C CD1 . PHE A 1 167 ? -4.587  -3.941  -7.410  1.00   33.46 ? 167  PHE A CD1 1 
ATOM   1335 C CD2 . PHE A 1 167 ? -6.757  -3.924  -6.411  1.00   29.89 ? 167  PHE A CD2 1 
ATOM   1336 C CE1 . PHE A 1 167 ? -4.182  -4.928  -6.532  1.00   40.26 ? 167  PHE A CE1 1 
ATOM   1337 C CE2 . PHE A 1 167 ? -6.355  -4.917  -5.521  1.00   29.61 ? 167  PHE A CE2 1 
ATOM   1338 C CZ  . PHE A 1 167 ? -5.071  -5.422  -5.581  1.00   37.49 ? 167  PHE A CZ  1 
ATOM   1339 N N   . GLY A 1 168 ? -8.453  -1.484  -10.562 1.00   29.86 ? 168  GLY A N   1 
ATOM   1340 C CA  . GLY A 1 168 ? -9.025  -0.185  -10.857 1.00   30.48 ? 168  GLY A CA  1 
ATOM   1341 C C   . GLY A 1 168 ? -9.261  0.569   -9.568  1.00   28.82 ? 168  GLY A C   1 
ATOM   1342 O O   . GLY A 1 168 ? -8.994  0.053   -8.478  1.00   31.88 ? 168  GLY A O   1 
ATOM   1343 N N   . SER A 1 169 ? -9.762  1.791   -9.678  1.00   30.70 ? 169  SER A N   1 
ATOM   1344 C CA  . SER A 1 169 ? -9.993  2.607   -8.498  1.00   31.71 ? 169  SER A CA  1 
ATOM   1345 C C   . SER A 1 169 ? -11.249 3.454   -8.628  1.00   32.23 ? 169  SER A C   1 
ATOM   1346 O O   . SER A 1 169 ? -11.618 3.870   -9.726  1.00   33.64 ? 169  SER A O   1 
ATOM   1347 C CB  . SER A 1 169 ? -8.770  3.487   -8.196  1.00   28.12 ? 169  SER A CB  1 
ATOM   1348 O OG  . SER A 1 169 ? -8.510  4.402   -9.251  1.00   32.66 ? 169  SER A OG  1 
ATOM   1349 N N   . TYR A 1 170 ? -11.900 3.747   -7.526  1.00   33.38 ? 170  TYR A N   1 
ATOM   1350 C CA  . TYR A 1 170 ? -13.063 4.610   -7.598  1.00   34.68 ? 170  TYR A CA  1 
ATOM   1351 C C   . TYR A 1 170 ? -12.692 6.051   -7.130  1.00   37.25 ? 170  TYR A C   1 
ATOM   1352 O O   . TYR A 1 170 ? -13.348 7.036   -7.447  1.00   34.22 ? 170  TYR A O   1 
ATOM   1353 C CB  . TYR A 1 170 ? -14.194 3.873   -6.880  1.00   32.76 ? 170  TYR A CB  1 
ATOM   1354 C CG  . TYR A 1 170 ? -14.433 2.499   -7.504  1.00   40.71 ? 170  TYR A CG  1 
ATOM   1355 C CD1 . TYR A 1 170 ? -15.215 2.410   -8.633  1.00   44.00 ? 170  TYR A CD1 1 
ATOM   1356 C CD2 . TYR A 1 170 ? -13.865 1.330   -7.013  1.00   37.41 ? 170  TYR A CD2 1 
ATOM   1357 C CE1 . TYR A 1 170 ? -15.449 1.185   -9.241  1.00   42.27 ? 170  TYR A CE1 1 
ATOM   1358 C CE2 . TYR A 1 170 ? -14.089 0.103   -7.616  1.00   38.53 ? 170  TYR A CE2 1 
ATOM   1359 C CZ  . TYR A 1 170 ? -14.889 0.041   -8.727  1.00   37.22 ? 170  TYR A CZ  1 
ATOM   1360 O OH  . TYR A 1 170 ? -15.142 -1.163  -9.335  1.00   36.68 ? 170  TYR A OH  1 
ATOM   1361 N N   . ASN A 1 171 ? -11.603 6.087   -6.356  1.00   35.22 ? 171  ASN A N   1 
ATOM   1362 C CA  . ASN A 1 171 ? -10.930 7.297   -5.855  1.00   33.97 ? 171  ASN A CA  1 
ATOM   1363 C C   . ASN A 1 171 ? -9.510  6.869   -5.501  1.00   31.86 ? 171  ASN A C   1 
ATOM   1364 O O   . ASN A 1 171 ? -9.186  5.670   -5.521  1.00   29.88 ? 171  ASN A O   1 
ATOM   1365 C CB  . ASN A 1 171 ? -11.704 8.004   -4.736  1.00   30.45 ? 171  ASN A CB  1 
ATOM   1366 C CG  . ASN A 1 171 ? -11.719 7.278   -3.405  1.00   42.49 ? 171  ASN A CG  1 
ATOM   1367 O OD1 . ASN A 1 171 ? -10.691 6.853   -2.892  1.00   36.80 ? 171  ASN A OD1 1 
ATOM   1368 N ND2 . ASN A 1 171 ? -12.920 7.135   -2.851  1.00   32.42 ? 171  ASN A ND2 1 
ATOM   1369 N N   . ASN A 1 172 ? -8.654  7.827   -5.176  1.00   30.39 ? 172  ASN A N   1 
ATOM   1370 C CA  . ASN A 1 172 ? -7.231  7.486   -5.023  1.00   29.70 ? 172  ASN A CA  1 
ATOM   1371 C C   . ASN A 1 172 ? -6.975  6.480   -3.889  1.00   32.46 ? 172  ASN A C   1 
ATOM   1372 O O   . ASN A 1 172 ? -5.955  5.782   -3.878  1.00   31.63 ? 172  ASN A O   1 
ATOM   1373 C CB  . ASN A 1 172 ? -6.365  8.739   -4.864  1.00   28.91 ? 172  ASN A CB  1 
ATOM   1374 C CG  . ASN A 1 172 ? -6.072  9.405   -6.186  1.00   31.10 ? 172  ASN A CG  1 
ATOM   1375 O OD1 . ASN A 1 172 ? -5.038  9.164   -6.808  1.00   28.82 ? 172  ASN A OD1 1 
ATOM   1376 N ND2 . ASN A 1 172 ? -6.995  10.238  -6.636  1.00   29.21 ? 172  ASN A ND2 1 
ATOM   1377 N N   . HIS A 1 173 ? -7.927  6.371   -2.970  1.00   28.60 ? 173  HIS A N   1 
ATOM   1378 C CA  . HIS A 1 173 ? -7.766  5.512   -1.795  1.00   27.85 ? 173  HIS A CA  1 
ATOM   1379 C C   . HIS A 1 173 ? -8.706  4.319   -1.750  1.00   30.80 ? 173  HIS A C   1 
ATOM   1380 O O   . HIS A 1 173 ? -8.701  3.554   -0.780  1.00   30.69 ? 173  HIS A O   1 
ATOM   1381 C CB  . HIS A 1 173 ? -7.964  6.336   -0.530  1.00   30.66 ? 173  HIS A CB  1 
ATOM   1382 C CG  . HIS A 1 173 ? -6.819  7.238   -0.214  1.00   33.41 ? 173  HIS A CG  1 
ATOM   1383 N ND1 . HIS A 1 173 ? -6.795  8.569   -0.576  1.00   30.22 ? 173  HIS A ND1 1 
ATOM   1384 C CD2 . HIS A 1 173 ? -5.659  7.004   0.449   1.00   27.37 ? 173  HIS A CD2 1 
ATOM   1385 C CE1 . HIS A 1 173 ? -5.669  9.116   -0.153  1.00   33.29 ? 173  HIS A CE1 1 
ATOM   1386 N NE2 . HIS A 1 173 ? -4.963  8.191   0.476   1.00   31.38 ? 173  HIS A NE2 1 
ATOM   1387 N N   . ALA A 1 174 ? -9.540  4.164   -2.776  1.00   29.31 ? 174  ALA A N   1 
ATOM   1388 C CA  . ALA A 1 174 ? -10.505 3.067   -2.779  1.00   28.93 ? 174  ALA A CA  1 
ATOM   1389 C C   . ALA A 1 174 ? -10.393 2.313   -4.086  1.00   29.44 ? 174  ALA A C   1 
ATOM   1390 O O   . ALA A 1 174 ? -10.780 2.814   -5.136  1.00   31.13 ? 174  ALA A O   1 
ATOM   1391 C CB  . ALA A 1 174 ? -11.951 3.609   -2.599  1.00   29.92 ? 174  ALA A CB  1 
ATOM   1392 N N   . TRP A 1 175 ? -9.900  1.095   -4.004  1.00   29.46 ? 175  TRP A N   1 
ATOM   1393 C CA  . TRP A 1 175 ? -9.574  0.323   -5.183  1.00   29.62 ? 175  TRP A CA  1 
ATOM   1394 C C   . TRP A 1 175 ? -10.539 -0.858  -5.363  1.00   32.21 ? 175  TRP A C   1 
ATOM   1395 O O   . TRP A 1 175 ? -11.252 -1.257  -4.427  1.00   30.81 ? 175  TRP A O   1 
ATOM   1396 C CB  . TRP A 1 175 ? -8.135  -0.196  -5.088  1.00   27.74 ? 175  TRP A CB  1 
ATOM   1397 C CG  . TRP A 1 175 ? -7.090  0.895   -4.958  1.00   27.97 ? 175  TRP A CG  1 
ATOM   1398 C CD1 . TRP A 1 175 ? -7.299  2.257   -4.936  1.00   27.25 ? 175  TRP A CD1 1 
ATOM   1399 C CD2 . TRP A 1 175 ? -5.679  0.707   -4.842  1.00   32.46 ? 175  TRP A CD2 1 
ATOM   1400 N NE1 . TRP A 1 175 ? -6.092  2.918   -4.808  1.00   31.22 ? 175  TRP A NE1 1 
ATOM   1401 C CE2 . TRP A 1 175 ? -5.085  1.987   -4.742  1.00   30.22 ? 175  TRP A CE2 1 
ATOM   1402 C CE3 . TRP A 1 175 ? -4.847  -0.420  -4.806  1.00   25.51 ? 175  TRP A CE3 1 
ATOM   1403 C CZ2 . TRP A 1 175 ? -3.717  2.159   -4.608  1.00   27.82 ? 175  TRP A CZ2 1 
ATOM   1404 C CZ3 . TRP A 1 175 ? -3.492  -0.240  -4.676  1.00   31.15 ? 175  TRP A CZ3 1 
ATOM   1405 C CH2 . TRP A 1 175 ? -2.939  1.032   -4.580  1.00   27.15 ? 175  TRP A CH2 1 
ATOM   1406 N N   . SER A 1 176 ? -10.539 -1.421  -6.568  1.00   32.94 ? 176  SER A N   1 
ATOM   1407 C CA  . SER A 1 176 ? -11.395 -2.557  -6.900  1.00   30.01 ? 176  SER A CA  1 
ATOM   1408 C C   . SER A 1 176 ? -10.876 -3.813  -6.212  1.00   32.98 ? 176  SER A C   1 
ATOM   1409 O O   . SER A 1 176 ? -9.867  -3.769  -5.498  1.00   35.26 ? 176  SER A O   1 
ATOM   1410 C CB  . SER A 1 176 ? -11.384 -2.775  -8.423  1.00   32.57 ? 176  SER A CB  1 
ATOM   1411 O OG  . SER A 1 176 ? -10.068 -3.110  -8.865  1.00   33.24 ? 176  SER A OG  1 
ATOM   1412 N N   . PHE A 1 177 ? -11.561 -4.938  -6.436  1.00   30.48 ? 177  PHE A N   1 
ATOM   1413 C CA  . PHE A 1 177 ? -10.926 -6.247  -6.326  1.00   32.41 ? 177  PHE A CA  1 
ATOM   1414 C C   . PHE A 1 177 ? -9.725  -6.313  -7.249  1.00   31.55 ? 177  PHE A C   1 
ATOM   1415 O O   . PHE A 1 177 ? -9.681  -5.624  -8.270  1.00   32.09 ? 177  PHE A O   1 
ATOM   1416 C CB  . PHE A 1 177 ? -11.906 -7.362  -6.712  1.00   35.07 ? 177  PHE A CB  1 
ATOM   1417 C CG  . PHE A 1 177 ? -13.005 -7.563  -5.731  1.00   31.94 ? 177  PHE A CG  1 
ATOM   1418 C CD1 . PHE A 1 177 ? -12.970 -8.624  -4.839  1.00   40.44 ? 177  PHE A CD1 1 
ATOM   1419 C CD2 . PHE A 1 177 ? -14.084 -6.681  -5.688  1.00   36.55 ? 177  PHE A CD2 1 
ATOM   1420 C CE1 . PHE A 1 177 ? -14.000 -8.810  -3.917  1.00   37.38 ? 177  PHE A CE1 1 
ATOM   1421 C CE2 . PHE A 1 177 ? -15.112 -6.860  -4.768  1.00   43.42 ? 177  PHE A CE2 1 
ATOM   1422 C CZ  . PHE A 1 177 ? -15.073 -7.927  -3.893  1.00   34.04 ? 177  PHE A CZ  1 
ATOM   1423 N N   . PRO A 1 178 ? -8.752  -7.143  -6.882  1.00   33.36 ? 178  PRO A N   1 
ATOM   1424 C CA  . PRO A 1 178 ? -7.633  -7.470  -7.765  1.00   34.30 ? 178  PRO A CA  1 
ATOM   1425 C C   . PRO A 1 178 ? -8.126  -8.289  -8.958  1.00   38.15 ? 178  PRO A C   1 
ATOM   1426 O O   . PRO A 1 178 ? -9.075  -9.060  -8.822  1.00   35.48 ? 178  PRO A O   1 
ATOM   1427 C CB  . PRO A 1 178 ? -6.715  -8.311  -6.869  1.00   37.90 ? 178  PRO A CB  1 
ATOM   1428 C CG  . PRO A 1 178 ? -7.630  -8.881  -5.804  1.00   37.08 ? 178  PRO A CG  1 
ATOM   1429 C CD  . PRO A 1 178 ? -8.668  -7.832  -5.581  1.00   36.32 ? 178  PRO A CD  1 
ATOM   1430 N N   . SER A 1 179 ? -7.510  -8.098  -10.119 1.00   37.24 ? 179  SER A N   1 
ATOM   1431 C CA  . SER A 1 179 ? -7.750  -8.970  -11.264 1.00   35.75 ? 179  SER A CA  1 
ATOM   1432 C C   . SER A 1 179 ? -7.335  -10.393 -10.921 1.00   38.01 ? 179  SER A C   1 
ATOM   1433 O O   . SER A 1 179 ? -6.573  -10.621 -9.974  1.00   35.28 ? 179  SER A O   1 
ATOM   1434 C CB  . SER A 1 179 ? -6.915  -8.500  -12.450 1.00   32.19 ? 179  SER A CB  1 
ATOM   1435 O OG  . SER A 1 179 ? -5.546  -8.722  -12.170 1.00   28.49 ? 179  SER A OG  1 
ATOM   1436 N N   . GLU A 1 180 ? -7.791  -11.352 -11.725 1.00   39.25 ? 180  GLU A N   1 
ATOM   1437 C CA  . GLU A 1 180 ? -7.150  -12.664 -11.754 1.00   38.94 ? 180  GLU A CA  1 
ATOM   1438 C C   . GLU A 1 180 ? -5.688  -12.454 -12.053 1.00   36.09 ? 180  GLU A C   1 
ATOM   1439 O O   . GLU A 1 180 ? -5.333  -11.534 -12.791 1.00   36.63 ? 180  GLU A O   1 
ATOM   1440 C CB  . GLU A 1 180 ? -7.777  -13.560 -12.836 1.00   38.99 ? 180  GLU A CB  1 
ATOM   1441 C CG  . GLU A 1 180 ? -9.105  -14.178 -12.432 1.00   51.92 ? 180  GLU A CG  1 
ATOM   1442 C CD  . GLU A 1 180 ? -9.030  -14.901 -11.102 1.00   58.49 ? 180  GLU A CD  1 
ATOM   1443 O OE1 . GLU A 1 180 ? -8.275  -15.892 -11.007 1.00   66.07 ? 180  GLU A OE1 1 
ATOM   1444 O OE2 . GLU A 1 180 ? -9.726  -14.476 -10.148 1.00   67.57 ? 180  GLU A OE2 1 
ATOM   1445 N N   . PRO A 1 181 ? -4.834  -13.300 -11.483 1.00   36.10 ? 181  PRO A N   1 
ATOM   1446 C CA  . PRO A 1 181 ? -3.387  -13.117 -11.587 1.00   35.48 ? 181  PRO A CA  1 
ATOM   1447 C C   . PRO A 1 181 ? -2.854  -13.527 -12.945 1.00   34.53 ? 181  PRO A C   1 
ATOM   1448 O O   . PRO A 1 181 ? -3.452  -14.354 -13.638 1.00   32.22 ? 181  PRO A O   1 
ATOM   1449 C CB  . PRO A 1 181 ? -2.840  -14.055 -10.506 1.00   38.82 ? 181  PRO A CB  1 
ATOM   1450 C CG  . PRO A 1 181 ? -3.862  -15.148 -10.410 1.00   42.06 ? 181  PRO A CG  1 
ATOM   1451 C CD  . PRO A 1 181 ? -5.192  -14.493 -10.693 1.00   41.06 ? 181  PRO A CD  1 
ATOM   1452 N N   . VAL A 1 182 ? -1.733  -12.934 -13.330 1.00   33.25 ? 182  VAL A N   1 
ATOM   1453 C CA  . VAL A 1 182 ? -0.974  -13.412 -14.458 1.00   32.51 ? 182  VAL A CA  1 
ATOM   1454 C C   . VAL A 1 182 ? 0.439   -13.679 -14.001 1.00   33.12 ? 182  VAL A C   1 
ATOM   1455 O O   . VAL A 1 182 ? 1.097   -12.806 -13.428 1.00   33.76 ? 182  VAL A O   1 
ATOM   1456 C CB  . VAL A 1 182 ? -0.965  -12.377 -15.625 1.00   31.37 ? 182  VAL A CB  1 
ATOM   1457 C CG1 . VAL A 1 182 ? 0.016   -12.805 -16.706 1.00   29.98 ? 182  VAL A CG1 1 
ATOM   1458 C CG2 . VAL A 1 182 ? -2.373  -12.220 -16.202 1.00   38.91 ? 182  VAL A CG2 1 
ATOM   1459 N N   . LYS A 1 183 ? 0.903   -14.898 -14.221 1.00   29.48 ? 183  LYS A N   1 
ATOM   1460 C CA  . LYS A 1 183 ? 2.246   -15.259 -13.822 1.00   32.68 ? 183  LYS A CA  1 
ATOM   1461 C C   . LYS A 1 183 ? 3.183   -15.140 -15.011 1.00   31.78 ? 183  LYS A C   1 
ATOM   1462 O O   . LYS A 1 183 ? 3.086   -15.905 -15.958 1.00   33.05 ? 183  LYS A O   1 
ATOM   1463 C CB  . LYS A 1 183 ? 2.276   -16.687 -13.258 1.00   31.62 ? 183  LYS A CB  1 
ATOM   1464 C CG  . LYS A 1 183 ? 3.679   -17.143 -12.788 1.00   40.49 ? 183  LYS A CG  1 
ATOM   1465 C CD  . LYS A 1 183 ? 3.586   -18.433 -11.939 1.00   41.42 ? 183  LYS A CD  1 
ATOM   1466 C CE  . LYS A 1 183 ? 4.920   -18.763 -11.258 1.00   56.44 ? 183  LYS A CE  1 
ATOM   1467 N NZ  . LYS A 1 183 ? 5.030   -20.228 -10.947 1.00   58.03 ? 183  LYS A NZ  1 
ATOM   1468 N N   . LEU A 1 184 ? 4.079   -14.160 -14.961 1.00   30.57 ? 184  LEU A N   1 
ATOM   1469 C CA  . LEU A 1 184 ? 5.007   -13.918 -16.065 1.00   30.50 ? 184  LEU A CA  1 
ATOM   1470 C C   . LEU A 1 184 ? 6.249   -14.801 -15.941 1.00   31.79 ? 184  LEU A C   1 
ATOM   1471 O O   . LEU A 1 184 ? 7.017   -14.670 -14.992 1.00   31.29 ? 184  LEU A O   1 
ATOM   1472 C CB  . LEU A 1 184 ? 5.434   -12.446 -16.082 1.00   30.80 ? 184  LEU A CB  1 
ATOM   1473 C CG  . LEU A 1 184 ? 6.407   -12.067 -17.198 1.00   33.73 ? 184  LEU A CG  1 
ATOM   1474 C CD1 . LEU A 1 184 ? 5.712   -12.185 -18.567 1.00   29.01 ? 184  LEU A CD1 1 
ATOM   1475 C CD2 . LEU A 1 184 ? 6.954   -10.651 -16.973 1.00   32.80 ? 184  LEU A CD2 1 
ATOM   1476 N N   . LEU A 1 185 ? 6.439   -15.692 -16.901 1.00   32.34 ? 185  LEU A N   1 
ATOM   1477 C CA  . LEU A 1 185 ? 7.619   -16.542 -16.922 1.00   36.25 ? 185  LEU A CA  1 
ATOM   1478 C C   . LEU A 1 185 ? 8.629   -15.968 -17.883 1.00   38.58 ? 185  LEU A C   1 
ATOM   1479 O O   . LEU A 1 185 ? 8.300   -15.649 -19.034 1.00   39.04 ? 185  LEU A O   1 
ATOM   1480 C CB  . LEU A 1 185 ? 7.259   -17.959 -17.321 1.00   33.69 ? 185  LEU A CB  1 
ATOM   1481 C CG  . LEU A 1 185 ? 6.021   -18.526 -16.624 1.00   36.05 ? 185  LEU A CG  1 
ATOM   1482 C CD1 . LEU A 1 185 ? 5.692   -19.896 -17.178 1.00   35.40 ? 185  LEU A CD1 1 
ATOM   1483 C CD2 . LEU A 1 185 ? 6.234   -18.584 -15.094 1.00   44.04 ? 185  LEU A CD2 1 
ATOM   1484 N N   . VAL A 1 186 ? 9.847   -15.784 -17.393 1.00   35.18 ? 186  VAL A N   1 
ATOM   1485 C CA  . VAL A 1 186 ? 10.918  -15.217 -18.188 1.00   35.34 ? 186  VAL A CA  1 
ATOM   1486 C C   . VAL A 1 186 ? 12.090  -16.180 -18.192 1.00   43.94 ? 186  VAL A C   1 
ATOM   1487 O O   . VAL A 1 186 ? 12.612  -16.545 -17.121 1.00   39.90 ? 186  VAL A O   1 
ATOM   1488 C CB  . VAL A 1 186 ? 11.407  -13.904 -17.609 1.00   32.21 ? 186  VAL A CB  1 
ATOM   1489 C CG1 . VAL A 1 186 ? 12.534  -13.314 -18.490 1.00   37.36 ? 186  VAL A CG1 1 
ATOM   1490 C CG2 . VAL A 1 186 ? 10.243  -12.908 -17.438 1.00   36.10 ? 186  VAL A CG2 1 
ATOM   1491 N N   . THR A 1 187 ? 12.508  -16.578 -19.389 1.00   44.24 ? 187  THR A N   1 
ATOM   1492 C CA  . THR A 1 187 ? 13.651  -17.472 -19.565 1.00   51.57 ? 187  THR A CA  1 
ATOM   1493 C C   . THR A 1 187 ? 14.950  -16.704 -19.764 1.00   56.57 ? 187  THR A C   1 
ATOM   1494 O O   . THR A 1 187 ? 14.946  -15.570 -20.242 1.00   53.62 ? 187  THR A O   1 
ATOM   1495 C CB  . THR A 1 187 ? 13.418  -18.389 -20.767 1.00   50.93 ? 187  THR A CB  1 
ATOM   1496 O OG1 . THR A 1 187 ? 12.239  -19.184 -20.547 1.00   49.80 ? 187  THR A OG1 1 
ATOM   1497 C CG2 . THR A 1 187 ? 14.538  -19.416 -20.876 1.00   53.10 ? 187  THR A CG2 1 
ATOM   1498 N N   . GLY A 1 188 ? 16.064  -17.333 -19.395 1.00   65.17 ? 188  GLY A N   1 
ATOM   1499 C CA  . GLY A 1 188 ? 17.345  -17.054 -20.026 1.00   69.25 ? 188  GLY A CA  1 
ATOM   1500 C C   . GLY A 1 188 ? 18.303  -16.299 -19.127 1.00   72.81 ? 188  GLY A C   1 
ATOM   1501 O O   . GLY A 1 188 ? 18.960  -15.353 -19.576 1.00   73.24 ? 188  GLY A O   1 
ATOM   1502 O OXT . GLY A 1 188 ? 18.446  -16.622 -17.940 1.00   73.81 ? 188  GLY A OXT 1 
HETATM 1503 C C1  . EDO B 2 .   ? -2.837  12.865  9.714   1.00   34.13 ? 1189 EDO A C1  1 
HETATM 1504 O O1  . EDO B 2 .   ? -3.635  13.980  10.147  1.00   33.48 ? 1189 EDO A O1  1 
HETATM 1505 C C2  . EDO B 2 .   ? -2.175  13.210  8.376   1.00   31.18 ? 1189 EDO A C2  1 
HETATM 1506 O O2  . EDO B 2 .   ? -3.181  13.524  7.406   1.00   37.82 ? 1189 EDO A O2  1 
HETATM 1507 O O   . HOH C 3 .   ? 10.896  15.703  15.940  1.00   39.18 ? 2001 HOH A O   1 
HETATM 1508 O O   . HOH C 3 .   ? 8.112   12.590  5.437   1.00   55.37 ? 2002 HOH A O   1 
HETATM 1509 O O   . HOH C 3 .   ? 7.790   15.705  7.853   0.50   52.96 ? 2003 HOH A O   1 
HETATM 1510 O O   . HOH C 3 .   ? 13.954  9.675   12.156  1.00   45.32 ? 2004 HOH A O   1 
HETATM 1511 O O   . HOH C 3 .   ? 7.790   15.705  7.853   1.00   62.96 ? 2005 HOH A O   1 
HETATM 1512 O O   . HOH C 3 .   ? 3.391   2.408   2.238   1.00   35.06 ? 2006 HOH A O   1 
HETATM 1513 O O   . HOH C 3 .   ? -3.939  -8.542  1.055   1.00   41.45 ? 2007 HOH A O   1 
HETATM 1514 O O   . HOH C 3 .   ? 10.254  9.458   9.043   1.00   47.46 ? 2008 HOH A O   1 
HETATM 1515 O O   . HOH C 3 .   ? 6.349   3.448   5.290   1.00   40.93 ? 2009 HOH A O   1 
HETATM 1516 O O   . HOH C 3 .   ? 5.165   -2.357  4.982   1.00   56.18 ? 2010 HOH A O   1 
HETATM 1517 O O   . HOH C 3 .   ? 3.935   0.893   4.715   1.00   43.12 ? 2011 HOH A O   1 
HETATM 1518 O O   . HOH C 3 .   ? -4.617  -8.750  3.683   1.00   43.14 ? 2012 HOH A O   1 
HETATM 1519 O O   . HOH C 3 .   ? 7.248   -5.850  12.803  1.00   49.45 ? 2013 HOH A O   1 
HETATM 1520 O O   . HOH C 3 .   ? 7.071   -5.225  8.130   1.00   55.73 ? 2014 HOH A O   1 
HETATM 1521 O O   . HOH C 3 .   ? -2.579  -7.224  11.135  0.50   55.94 ? 2015 HOH A O   1 
HETATM 1522 O O   . HOH C 3 .   ? -2.877  -4.858  4.345   1.00   34.30 ? 2016 HOH A O   1 
HETATM 1523 O O   . HOH C 3 .   ? 3.184   -1.158  2.454   1.00   40.60 ? 2017 HOH A O   1 
HETATM 1524 O O   . HOH C 3 .   ? -4.373  -6.545  5.600   1.00   45.32 ? 2018 HOH A O   1 
HETATM 1525 O O   . HOH C 3 .   ? 11.554  -1.453  31.502  1.00   50.95 ? 2019 HOH A O   1 
HETATM 1526 O O   . HOH C 3 .   ? -0.283  -6.960  11.192  0.50   52.39 ? 2020 HOH A O   1 
HETATM 1527 O O   . HOH C 3 .   ? 3.985   -2.280  14.820  0.50   40.42 ? 2021 HOH A O   1 
HETATM 1528 O O   . HOH C 3 .   ? 12.335  7.566   15.144  1.00   40.77 ? 2022 HOH A O   1 
HETATM 1529 O O   . HOH C 3 .   ? 1.045   16.453  9.106   1.00   41.58 ? 2023 HOH A O   1 
HETATM 1530 O O   . HOH C 3 .   ? 18.184  0.240   19.285  1.00   51.90 ? 2024 HOH A O   1 
HETATM 1531 O O   . HOH C 3 .   ? 10.663  8.281   29.811  1.00   43.09 ? 2025 HOH A O   1 
HETATM 1532 O O   . HOH C 3 .   ? 3.734   6.029   29.158  1.00   31.20 ? 2026 HOH A O   1 
HETATM 1533 O O   . HOH C 3 .   ? -1.110  14.154  26.136  1.00   38.54 ? 2027 HOH A O   1 
HETATM 1534 O O   . HOH C 3 .   ? 3.432   16.616  7.785   1.00   40.19 ? 2028 HOH A O   1 
HETATM 1535 O O   . HOH C 3 .   ? 4.724   13.914  2.371   1.00   49.13 ? 2029 HOH A O   1 
HETATM 1536 O O   . HOH C 3 .   ? 0.770   4.578   -1.377  1.00   45.73 ? 2030 HOH A O   1 
HETATM 1537 O O   . HOH C 3 .   ? 2.577   12.428  0.794   1.00   47.00 ? 2031 HOH A O   1 
HETATM 1538 O O   . HOH C 3 .   ? -12.170 -11.695 -13.646 1.00   46.33 ? 2032 HOH A O   1 
HETATM 1539 O O   . HOH C 3 .   ? -10.442 12.219  9.637   1.00   36.95 ? 2033 HOH A O   1 
HETATM 1540 O O   . HOH C 3 .   ? -6.009  12.239  2.122   1.00   35.76 ? 2034 HOH A O   1 
HETATM 1541 O O   . HOH C 3 .   ? -9.453  9.816   1.995   1.00   49.79 ? 2035 HOH A O   1 
HETATM 1542 O O   . HOH C 3 .   ? -11.478 9.714   4.079   1.00   55.91 ? 2036 HOH A O   1 
HETATM 1543 O O   . HOH C 3 .   ? -9.792  9.515   19.277  1.00   58.68 ? 2037 HOH A O   1 
HETATM 1544 O O   . HOH C 3 .   ? -8.472  3.935   19.070  1.00   57.51 ? 2038 HOH A O   1 
HETATM 1545 O O   . HOH C 3 .   ? 6.830   -0.723  -24.719 1.00   38.95 ? 2039 HOH A O   1 
HETATM 1546 O O   . HOH C 3 .   ? 5.853   -3.608  -27.353 1.00   46.15 ? 2040 HOH A O   1 
HETATM 1547 O O   . HOH C 3 .   ? -3.442  1.887   20.840  1.00   45.91 ? 2041 HOH A O   1 
HETATM 1548 O O   . HOH C 3 .   ? -6.540  4.340   21.545  1.00   41.80 ? 2042 HOH A O   1 
HETATM 1549 O O   . HOH C 3 .   ? 0.572   -0.573  24.497  1.00   55.24 ? 2043 HOH A O   1 
HETATM 1550 O O   . HOH C 3 .   ? 3.663   -0.027  24.333  1.00   40.62 ? 2044 HOH A O   1 
HETATM 1551 O O   . HOH C 3 .   ? -1.590  2.285   26.001  1.00   39.53 ? 2045 HOH A O   1 
HETATM 1552 O O   . HOH C 3 .   ? -12.165 6.876   -17.576 1.00   53.82 ? 2046 HOH A O   1 
HETATM 1553 O O   . HOH C 3 .   ? 4.073   -0.683  27.032  1.00   37.87 ? 2047 HOH A O   1 
HETATM 1554 O O   . HOH C 3 .   ? 6.484   -1.604  27.807  1.00   38.70 ? 2048 HOH A O   1 
HETATM 1555 O O   . HOH C 3 .   ? 10.465  -0.831  28.728  1.00   38.60 ? 2049 HOH A O   1 
HETATM 1556 O O   . HOH C 3 .   ? 15.162  5.107   27.496  1.00   44.50 ? 2050 HOH A O   1 
HETATM 1557 O O   . HOH C 3 .   ? 11.877  0.590   33.671  1.00   47.34 ? 2051 HOH A O   1 
HETATM 1558 O O   . HOH C 3 .   ? 12.492  -3.855  24.618  1.00   35.08 ? 2052 HOH A O   1 
HETATM 1559 O O   . HOH C 3 .   ? 13.380  -3.001  32.612  1.00   40.33 ? 2053 HOH A O   1 
HETATM 1560 O O   . HOH C 3 .   ? 8.464   4.541   23.555  1.00   31.24 ? 2054 HOH A O   1 
HETATM 1561 O O   . HOH C 3 .   ? 4.849   -1.108  22.033  1.00   25.18 ? 2055 HOH A O   1 
HETATM 1562 O O   . HOH C 3 .   ? 14.472  -2.132  17.395  1.00   41.99 ? 2056 HOH A O   1 
HETATM 1563 O O   . HOH C 3 .   ? 13.396  -0.539  -19.471 1.00   50.68 ? 2057 HOH A O   1 
HETATM 1564 O O   . HOH C 3 .   ? 4.836   -1.562  16.156  0.50   30.51 ? 2058 HOH A O   1 
HETATM 1565 O O   . HOH C 3 .   ? 0.935   -7.777  19.591  1.00   50.71 ? 2059 HOH A O   1 
HETATM 1566 O O   . HOH C 3 .   ? 2.431   -1.379  20.877  1.00   31.25 ? 2060 HOH A O   1 
HETATM 1567 O O   . HOH C 3 .   ? 5.083   -6.159  18.129  1.00   52.64 ? 2061 HOH A O   1 
HETATM 1568 O O   . HOH C 3 .   ? 16.378  -4.276  -16.881 1.00   52.10 ? 2062 HOH A O   1 
HETATM 1569 O O   . HOH C 3 .   ? -4.928  1.051   18.096  1.00   49.79 ? 2063 HOH A O   1 
HETATM 1570 O O   . HOH C 3 .   ? -15.800 -3.176  6.440   1.00   54.99 ? 2064 HOH A O   1 
HETATM 1571 O O   . HOH C 3 .   ? -12.931 9.310   6.125   1.00   40.16 ? 2065 HOH A O   1 
HETATM 1572 O O   . HOH C 3 .   ? -2.126  -16.234 -18.246 1.00   44.30 ? 2066 HOH A O   1 
HETATM 1573 O O   . HOH C 3 .   ? 2.162   -20.343 -14.971 1.00   47.91 ? 2067 HOH A O   1 
HETATM 1574 O O   . HOH C 3 .   ? 14.038  -20.363 -24.700 1.00   40.90 ? 2068 HOH A O   1 
HETATM 1575 O O   . HOH C 3 .   ? 0.131   15.279  11.474  1.00   41.30 ? 2069 HOH A O   1 
HETATM 1576 O O   . HOH C 3 .   ? 4.417   12.958  31.451  1.00   53.73 ? 2070 HOH A O   1 
HETATM 1577 O O   . HOH C 3 .   ? 9.564   18.237  29.143  1.00   54.16 ? 2071 HOH A O   1 
HETATM 1578 O O   . HOH C 3 .   ? 0.321   17.144  25.602  1.00   46.19 ? 2072 HOH A O   1 
HETATM 1579 O O   . HOH C 3 .   ? 5.332   20.246  21.845  1.00   41.68 ? 2073 HOH A O   1 
HETATM 1580 O O   . HOH C 3 .   ? 7.027   18.697  9.859   1.00   52.58 ? 2074 HOH A O   1 
HETATM 1581 O O   . HOH C 3 .   ? 7.703   16.103  9.980   0.50   45.88 ? 2075 HOH A O   1 
HETATM 1582 O O   . HOH C 3 .   ? 5.303   14.626  7.476   1.00   38.81 ? 2076 HOH A O   1 
HETATM 1583 O O   . HOH C 3 .   ? 5.166   7.364   3.833   1.00   38.82 ? 2077 HOH A O   1 
HETATM 1584 O O   . HOH C 3 .   ? 5.636   11.753  3.937   1.00   39.92 ? 2078 HOH A O   1 
HETATM 1585 O O   . HOH C 3 .   ? 0.753   10.518  1.972   1.00   35.77 ? 2079 HOH A O   1 
HETATM 1586 O O   . HOH C 3 .   ? 1.214   3.827   1.311   1.00   33.42 ? 2080 HOH A O   1 
HETATM 1587 O O   . HOH C 3 .   ? 2.279   6.163   1.838   1.00   33.29 ? 2081 HOH A O   1 
HETATM 1588 O O   . HOH C 3 .   ? -6.460  -6.695  -2.279  0.50   29.51 ? 2082 HOH A O   1 
HETATM 1589 O O   . HOH C 3 .   ? -7.300  -8.806  -2.376  0.50   36.47 ? 2083 HOH A O   1 
HETATM 1590 O O   . HOH C 3 .   ? -17.988 -3.521  -2.453  1.00   47.21 ? 2084 HOH A O   1 
HETATM 1591 O O   . HOH C 3 .   ? -18.824 -6.278  -5.139  1.00   50.47 ? 2085 HOH A O   1 
HETATM 1592 O O   . HOH C 3 .   ? -13.913 -9.633  -14.103 1.00   43.19 ? 2086 HOH A O   1 
HETATM 1593 O O   . HOH C 3 .   ? -16.353 -7.942  -8.101  1.00   57.41 ? 2087 HOH A O   1 
HETATM 1594 O O   . HOH C 3 .   ? -16.763 -6.759  -11.887 1.00   47.60 ? 2088 HOH A O   1 
HETATM 1595 O O   . HOH C 3 .   ? -13.137 -10.832 -7.809  1.00   47.66 ? 2089 HOH A O   1 
HETATM 1596 O O   . HOH C 3 .   ? -9.635  -10.523 -13.664 1.00   36.79 ? 2090 HOH A O   1 
HETATM 1597 O O   . HOH C 3 .   ? -5.879  -12.082 -15.762 1.00   52.21 ? 2091 HOH A O   1 
HETATM 1598 O O   . HOH C 3 .   ? -8.300  -10.862 -16.164 1.00   44.16 ? 2092 HOH A O   1 
HETATM 1599 O O   . HOH C 3 .   ? -3.294  -11.889 -21.706 1.00   40.58 ? 2093 HOH A O   1 
HETATM 1600 O O   . HOH C 3 .   ? -1.457  -12.707 -24.115 1.00   44.67 ? 2094 HOH A O   1 
HETATM 1601 O O   . HOH C 3 .   ? -0.305  -11.117 -28.206 1.00   49.74 ? 2095 HOH A O   1 
HETATM 1602 O O   . HOH C 3 .   ? 8.315   -20.425 -20.478 1.00   39.48 ? 2096 HOH A O   1 
HETATM 1603 O O   . HOH C 3 .   ? 1.618   -19.521 -19.382 1.00   44.15 ? 2097 HOH A O   1 
HETATM 1604 O O   . HOH C 3 .   ? 9.485   -18.078 -23.657 1.00   41.05 ? 2098 HOH A O   1 
HETATM 1605 O O   . HOH C 3 .   ? 9.747   -18.032 -20.594 1.00   44.31 ? 2099 HOH A O   1 
HETATM 1606 O O   . HOH C 3 .   ? 17.683  -11.880 -17.832 1.00   50.03 ? 2100 HOH A O   1 
HETATM 1607 O O   . HOH C 3 .   ? 17.153  -13.895 -24.196 1.00   42.47 ? 2101 HOH A O   1 
HETATM 1608 O O   . HOH C 3 .   ? 9.422   -16.350 -25.990 1.00   41.23 ? 2102 HOH A O   1 
HETATM 1609 O O   . HOH C 3 .   ? 6.988   -7.816  -27.276 1.00   33.95 ? 2103 HOH A O   1 
HETATM 1610 O O   . HOH C 3 .   ? 4.834   -5.107  -25.139 1.00   38.30 ? 2104 HOH A O   1 
HETATM 1611 O O   . HOH C 3 .   ? 3.881   -0.929  -24.627 1.00   36.45 ? 2105 HOH A O   1 
HETATM 1612 O O   . HOH C 3 .   ? -7.044  -6.254  -19.772 1.00   38.85 ? 2106 HOH A O   1 
HETATM 1613 O O   . HOH C 3 .   ? -13.801 3.118   -16.306 1.00   41.63 ? 2107 HOH A O   1 
HETATM 1614 O O   . HOH C 3 .   ? -9.915  2.523   -12.468 1.00   33.72 ? 2108 HOH A O   1 
HETATM 1615 O O   . HOH C 3 .   ? -11.522 4.290   -16.633 1.00   44.17 ? 2109 HOH A O   1 
HETATM 1616 O O   . HOH C 3 .   ? 6.733   -8.712  -0.100  1.00   57.78 ? 2110 HOH A O   1 
HETATM 1617 O O   . HOH C 3 .   ? 3.199   -10.864 -2.191  1.00   53.68 ? 2111 HOH A O   1 
HETATM 1618 O O   . HOH C 3 .   ? 4.473   0.246   -16.350 1.00   44.77 ? 2112 HOH A O   1 
HETATM 1619 O O   . HOH C 3 .   ? 4.500   -3.469  -10.315 1.00   39.04 ? 2113 HOH A O   1 
HETATM 1620 O O   . HOH C 3 .   ? -2.576  7.551   -6.247  1.00   41.16 ? 2114 HOH A O   1 
HETATM 1621 O O   . HOH C 3 .   ? 1.701   10.749  -11.660 1.00   51.01 ? 2115 HOH A O   1 
HETATM 1622 O O   . HOH C 3 .   ? 3.813   4.413   -9.742  1.00   49.60 ? 2116 HOH A O   1 
HETATM 1623 O O   . HOH C 3 .   ? 0.052   6.115   -17.221 1.00   47.82 ? 2117 HOH A O   1 
HETATM 1624 O O   . HOH C 3 .   ? -4.269  10.295  -9.111  1.00   31.94 ? 2118 HOH A O   1 
HETATM 1625 O O   . HOH C 3 .   ? -2.257  3.938   -20.169 1.00   45.10 ? 2119 HOH A O   1 
HETATM 1626 O O   . HOH C 3 .   ? -6.561  6.095   -22.349 1.00   54.24 ? 2120 HOH A O   1 
HETATM 1627 O O   . HOH C 3 .   ? -4.133  3.864   -22.303 1.00   53.07 ? 2121 HOH A O   1 
HETATM 1628 O O   . HOH C 3 .   ? 1.358   3.475   -17.482 1.00   50.62 ? 2122 HOH A O   1 
HETATM 1629 O O   . HOH C 3 .   ? 12.848  -2.989  -18.914 1.00   38.26 ? 2123 HOH A O   1 
HETATM 1630 O O   . HOH C 3 .   ? 10.407  -2.378  -15.997 1.00   48.76 ? 2124 HOH A O   1 
HETATM 1631 O O   . HOH C 3 .   ? 7.123   -2.652  -22.757 1.00   32.87 ? 2125 HOH A O   1 
HETATM 1632 O O   . HOH C 3 .   ? 17.122  -8.109  -21.133 1.00   51.65 ? 2126 HOH A O   1 
HETATM 1633 O O   . HOH C 3 .   ? 14.156  -3.065  -16.712 1.00   48.54 ? 2127 HOH A O   1 
HETATM 1634 O O   . HOH C 3 .   ? 4.892   -16.034 -8.790  1.00   52.96 ? 2128 HOH A O   1 
HETATM 1635 O O   . HOH C 3 .   ? 7.958   -5.644  -13.049 1.00   41.64 ? 2129 HOH A O   1 
HETATM 1636 O O   . HOH C 3 .   ? -8.327  7.507   -8.478  1.00   36.81 ? 2130 HOH A O   1 
HETATM 1637 O O   . HOH C 3 .   ? -8.516  10.224  -1.712  1.00   41.17 ? 2131 HOH A O   1 
HETATM 1638 O O   . HOH C 3 .   ? 1.864   -18.075 -16.570 1.00   33.16 ? 2132 HOH A O   1 
HETATM 1639 O O   . HOH C 3 .   ? -0.432  -16.853 -15.768 1.00   44.19 ? 2133 HOH A O   1 
HETATM 1640 O O   . HOH C 3 .   ? 7.425   -16.240 -12.672 1.00   48.40 ? 2134 HOH A O   1 
HETATM 1641 O O   . HOH C 3 .   ? 10.268  -17.648 -15.035 1.00   39.31 ? 2135 HOH A O   1 
HETATM 1642 O O   . HOH C 3 .   ? 11.762  -19.690 -23.360 1.00   46.08 ? 2136 HOH A O   1 
# 
